data_5US2
# 
_entry.id   5US2 
# 
_audit_conform.dict_name       mmcif_pdbx.dic 
_audit_conform.dict_version    5.379 
_audit_conform.dict_location   http://mmcif.pdb.org/dictionaries/ascii/mmcif_pdbx.dic 
# 
loop_
_database_2.database_id 
_database_2.database_code 
_database_2.pdbx_database_accession 
_database_2.pdbx_DOI 
PDB   5US2         pdb_00005us2 10.2210/pdb5us2/pdb 
WWPDB D_1000225426 ?            ?                   
# 
loop_
_pdbx_database_related.db_name 
_pdbx_database_related.details 
_pdbx_database_related.db_id 
_pdbx_database_related.content_type 
PDB . 5USA unspecified 
PDB . 5USE unspecified 
PDB . 5USG unspecified 
# 
_pdbx_database_status.status_code                     REL 
_pdbx_database_status.status_code_sf                  REL 
_pdbx_database_status.status_code_mr                  ? 
_pdbx_database_status.entry_id                        5US2 
_pdbx_database_status.recvd_initial_deposition_date   2017-02-13 
_pdbx_database_status.SG_entry                        N 
_pdbx_database_status.deposit_site                    RCSB 
_pdbx_database_status.process_site                    RCSB 
_pdbx_database_status.status_code_cs                  ? 
_pdbx_database_status.methods_development_category    ? 
_pdbx_database_status.pdb_format_compatible           Y 
_pdbx_database_status.status_code_nmr_data            ? 
# 
loop_
_audit_author.name 
_audit_author.pdbx_ordinal 
_audit_author.identifier_ORCID 
'Fang, Z.'  1 ? 
'Yang, F.'  2 ? 
'Huang, Z.' 3 ? 
# 
_citation.abstract                  ? 
_citation.abstract_id_CAS           ? 
_citation.book_id_ISBN              ? 
_citation.book_publisher            ? 
_citation.book_publisher_city       ? 
_citation.book_title                ? 
_citation.coordinate_linkage        ? 
_citation.country                   ? 
_citation.database_id_Medline       ? 
_citation.details                   ? 
_citation.id                        primary 
_citation.journal_abbrev            'To Be Published' 
_citation.journal_id_ASTM           ? 
_citation.journal_id_CSD            0353 
_citation.journal_id_ISSN           ? 
_citation.journal_full              ? 
_citation.journal_issue             ? 
_citation.journal_volume            ? 
_citation.language                  ? 
_citation.page_first                ? 
_citation.page_last                 ? 
_citation.title                     
'2-Se-T-modified-DNA and native RNA hybrid in complex with RNase H catalytic domain D132N mutant' 
_citation.year                      ? 
_citation.database_id_CSD           ? 
_citation.pdbx_database_id_DOI      ? 
_citation.pdbx_database_id_PubMed   ? 
_citation.unpublished_flag          ? 
# 
loop_
_citation_author.citation_id 
_citation_author.name 
_citation_author.ordinal 
_citation_author.identifier_ORCID 
primary 'Fang, Z.'  1 ? 
primary 'Yang, F.'  2 ? 
primary 'Huang, Z.' 3 ? 
# 
_cell.entry_id           5US2 
_cell.length_a           81.319 
_cell.length_b           37.252 
_cell.length_c           61.998 
_cell.angle_alpha        90.00 
_cell.angle_beta         97.37 
_cell.angle_gamma        90.00 
_cell.Z_PDB              4 
_cell.pdbx_unique_axis   ? 
# 
_symmetry.entry_id                         5US2 
_symmetry.space_group_name_H-M             'C 1 2 1' 
_symmetry.pdbx_full_space_group_name_H-M   ? 
_symmetry.cell_setting                     ? 
_symmetry.Int_Tables_number                5 
# 
loop_
_entity.id 
_entity.type 
_entity.src_method 
_entity.pdbx_description 
_entity.formula_weight 
_entity.pdbx_number_of_molecules 
_entity.pdbx_ec 
_entity.pdbx_mutation 
_entity.pdbx_fragment 
_entity.details 
1 polymer     syn 
;RNA (5'-R(*UP*CP*GP*AP*CP*A)-3')
;
1875.189  1  ?        ?     ?                 ? 
2 polymer     syn 
;DNA (5'-D(*AP*(US3)P*GP*TP*CP*G)-3')
;
1887.189  1  ?        ?     ?                 ? 
3 polymer     man 'Ribonuclease H'                       16329.478 1  3.1.26.4 D132N 'residues 59-196' ? 
4 non-polymer syn 'MAGNESIUM ION'                        24.305    2  ?        ?     ?                 ? 
5 water       nat water                                  18.015    21 ?        ?     ?                 ? 
# 
_entity_name_com.entity_id   3 
_entity_name_com.name        'RNase H' 
# 
loop_
_entity_poly.entity_id 
_entity_poly.type 
_entity_poly.nstd_linkage 
_entity_poly.nstd_monomer 
_entity_poly.pdbx_seq_one_letter_code 
_entity_poly.pdbx_seq_one_letter_code_can 
_entity_poly.pdbx_strand_id 
_entity_poly.pdbx_target_identifier 
1 polyribonucleotide      no no  UCGACA UCGACA B ? 
2 polydeoxyribonucleotide no yes '(DA)(US3)(DG)(DT)(DC)(DG)' ATGTCG C ? 
3 'polypeptide(L)'        no no  
;GSHMAKEEIIWESLSVDVGSQGNPGIVEYKGVDTKTGEVLFEREPIPIGTNNMGEFLAIVHGLRYLKERNSRKPIYSNSQ
TAIKWVKDKKAKSTLVRNEETALIWKLVDEAEEWLNTHTYETPILKWQTDKWGEIKADYGRK
;
;GSHMAKEEIIWESLSVDVGSQGNPGIVEYKGVDTKTGEVLFEREPIPIGTNNMGEFLAIVHGLRYLKERNSRKPIYSNSQ
TAIKWVKDKKAKSTLVRNEETALIWKLVDEAEEWLNTHTYETPILKWQTDKWGEIKADYGRK
;
A ? 
# 
loop_
_entity_poly_seq.entity_id 
_entity_poly_seq.num 
_entity_poly_seq.mon_id 
_entity_poly_seq.hetero 
1 1   U   n 
1 2   C   n 
1 3   G   n 
1 4   A   n 
1 5   C   n 
1 6   A   n 
2 1   DA  n 
2 2   US3 n 
2 3   DG  n 
2 4   DT  n 
2 5   DC  n 
2 6   DG  n 
3 1   GLY n 
3 2   SER n 
3 3   HIS n 
3 4   MET n 
3 5   ALA n 
3 6   LYS n 
3 7   GLU n 
3 8   GLU n 
3 9   ILE n 
3 10  ILE n 
3 11  TRP n 
3 12  GLU n 
3 13  SER n 
3 14  LEU n 
3 15  SER n 
3 16  VAL n 
3 17  ASP n 
3 18  VAL n 
3 19  GLY n 
3 20  SER n 
3 21  GLN n 
3 22  GLY n 
3 23  ASN n 
3 24  PRO n 
3 25  GLY n 
3 26  ILE n 
3 27  VAL n 
3 28  GLU n 
3 29  TYR n 
3 30  LYS n 
3 31  GLY n 
3 32  VAL n 
3 33  ASP n 
3 34  THR n 
3 35  LYS n 
3 36  THR n 
3 37  GLY n 
3 38  GLU n 
3 39  VAL n 
3 40  LEU n 
3 41  PHE n 
3 42  GLU n 
3 43  ARG n 
3 44  GLU n 
3 45  PRO n 
3 46  ILE n 
3 47  PRO n 
3 48  ILE n 
3 49  GLY n 
3 50  THR n 
3 51  ASN n 
3 52  ASN n 
3 53  MET n 
3 54  GLY n 
3 55  GLU n 
3 56  PHE n 
3 57  LEU n 
3 58  ALA n 
3 59  ILE n 
3 60  VAL n 
3 61  HIS n 
3 62  GLY n 
3 63  LEU n 
3 64  ARG n 
3 65  TYR n 
3 66  LEU n 
3 67  LYS n 
3 68  GLU n 
3 69  ARG n 
3 70  ASN n 
3 71  SER n 
3 72  ARG n 
3 73  LYS n 
3 74  PRO n 
3 75  ILE n 
3 76  TYR n 
3 77  SER n 
3 78  ASN n 
3 79  SER n 
3 80  GLN n 
3 81  THR n 
3 82  ALA n 
3 83  ILE n 
3 84  LYS n 
3 85  TRP n 
3 86  VAL n 
3 87  LYS n 
3 88  ASP n 
3 89  LYS n 
3 90  LYS n 
3 91  ALA n 
3 92  LYS n 
3 93  SER n 
3 94  THR n 
3 95  LEU n 
3 96  VAL n 
3 97  ARG n 
3 98  ASN n 
3 99  GLU n 
3 100 GLU n 
3 101 THR n 
3 102 ALA n 
3 103 LEU n 
3 104 ILE n 
3 105 TRP n 
3 106 LYS n 
3 107 LEU n 
3 108 VAL n 
3 109 ASP n 
3 110 GLU n 
3 111 ALA n 
3 112 GLU n 
3 113 GLU n 
3 114 TRP n 
3 115 LEU n 
3 116 ASN n 
3 117 THR n 
3 118 HIS n 
3 119 THR n 
3 120 TYR n 
3 121 GLU n 
3 122 THR n 
3 123 PRO n 
3 124 ILE n 
3 125 LEU n 
3 126 LYS n 
3 127 TRP n 
3 128 GLN n 
3 129 THR n 
3 130 ASP n 
3 131 LYS n 
3 132 TRP n 
3 133 GLY n 
3 134 GLU n 
3 135 ILE n 
3 136 LYS n 
3 137 ALA n 
3 138 ASP n 
3 139 TYR n 
3 140 GLY n 
3 141 ARG n 
3 142 LYS n 
# 
_entity_src_gen.entity_id                          3 
_entity_src_gen.pdbx_src_id                        1 
_entity_src_gen.pdbx_alt_source_flag               sample 
_entity_src_gen.pdbx_seq_type                      'Biological sequence' 
_entity_src_gen.pdbx_beg_seq_num                   1 
_entity_src_gen.pdbx_end_seq_num                   142 
_entity_src_gen.gene_src_common_name               ? 
_entity_src_gen.gene_src_genus                     ? 
_entity_src_gen.pdbx_gene_src_gene                 'rnhA, BH0863' 
_entity_src_gen.gene_src_species                   ? 
_entity_src_gen.gene_src_strain                    'ATCC BAA-125 / DSM 18197 / FERM 7344 / JCM 9153 / C-125' 
_entity_src_gen.gene_src_tissue                    ? 
_entity_src_gen.gene_src_tissue_fraction           ? 
_entity_src_gen.gene_src_details                   ? 
_entity_src_gen.pdbx_gene_src_fragment             ? 
_entity_src_gen.pdbx_gene_src_scientific_name      'Bacillus halodurans' 
_entity_src_gen.pdbx_gene_src_ncbi_taxonomy_id     272558 
_entity_src_gen.pdbx_gene_src_variant              ? 
_entity_src_gen.pdbx_gene_src_cell_line            ? 
_entity_src_gen.pdbx_gene_src_atcc                 ? 
_entity_src_gen.pdbx_gene_src_organ                ? 
_entity_src_gen.pdbx_gene_src_organelle            ? 
_entity_src_gen.pdbx_gene_src_cell                 ? 
_entity_src_gen.pdbx_gene_src_cellular_location    ? 
_entity_src_gen.host_org_common_name               ? 
_entity_src_gen.pdbx_host_org_scientific_name      'Escherichia coli K-12' 
_entity_src_gen.pdbx_host_org_ncbi_taxonomy_id     83333 
_entity_src_gen.host_org_genus                     ? 
_entity_src_gen.pdbx_host_org_gene                 ? 
_entity_src_gen.pdbx_host_org_organ                ? 
_entity_src_gen.host_org_species                   ? 
_entity_src_gen.pdbx_host_org_tissue               ? 
_entity_src_gen.pdbx_host_org_tissue_fraction      ? 
_entity_src_gen.pdbx_host_org_strain               ? 
_entity_src_gen.pdbx_host_org_variant              ? 
_entity_src_gen.pdbx_host_org_cell_line            ? 
_entity_src_gen.pdbx_host_org_atcc                 ? 
_entity_src_gen.pdbx_host_org_culture_collection   ? 
_entity_src_gen.pdbx_host_org_cell                 ? 
_entity_src_gen.pdbx_host_org_organelle            ? 
_entity_src_gen.pdbx_host_org_cellular_location    ? 
_entity_src_gen.pdbx_host_org_vector_type          ? 
_entity_src_gen.pdbx_host_org_vector               ? 
_entity_src_gen.host_org_details                   ? 
_entity_src_gen.expression_system_id               ? 
_entity_src_gen.plasmid_name                       ? 
_entity_src_gen.plasmid_details                    ? 
_entity_src_gen.pdbx_description                   ? 
# 
loop_
_pdbx_entity_src_syn.entity_id 
_pdbx_entity_src_syn.pdbx_src_id 
_pdbx_entity_src_syn.pdbx_alt_source_flag 
_pdbx_entity_src_syn.pdbx_beg_seq_num 
_pdbx_entity_src_syn.pdbx_end_seq_num 
_pdbx_entity_src_syn.organism_scientific 
_pdbx_entity_src_syn.organism_common_name 
_pdbx_entity_src_syn.ncbi_taxonomy_id 
_pdbx_entity_src_syn.details 
1 1 sample 1 6 'synthetic construct' ? 32630 ? 
2 1 sample 1 6 'synthetic construct' ? 32630 ? 
# 
loop_
_struct_ref.id 
_struct_ref.db_name 
_struct_ref.db_code 
_struct_ref.pdbx_db_accession 
_struct_ref.pdbx_db_isoform 
_struct_ref.entity_id 
_struct_ref.pdbx_seq_one_letter_code 
_struct_ref.pdbx_align_begin 
1 PDB 5US2       5US2   ? 1 ? 1  
2 PDB 5US2       5US2   ? 2 ? 1  
3 UNP RNH1_BACHD Q9KEI9 ? 3 
;AKEEIIWESLSVDVGSQGNPGIVEYKGVDTKTGEVLFEREPIPIGTNNMGEFLAIVHGLRYLKERNSRKPIYSDSQTAIK
WVKDKKAKSTLVRNEETALIWKLVDEAEEWLNTHTYETPILKWQTDKWGEIKADYGRK
;
59 
# 
loop_
_struct_ref_seq.align_id 
_struct_ref_seq.ref_id 
_struct_ref_seq.pdbx_PDB_id_code 
_struct_ref_seq.pdbx_strand_id 
_struct_ref_seq.seq_align_beg 
_struct_ref_seq.pdbx_seq_align_beg_ins_code 
_struct_ref_seq.seq_align_end 
_struct_ref_seq.pdbx_seq_align_end_ins_code 
_struct_ref_seq.pdbx_db_accession 
_struct_ref_seq.db_align_beg 
_struct_ref_seq.pdbx_db_align_beg_ins_code 
_struct_ref_seq.db_align_end 
_struct_ref_seq.pdbx_db_align_end_ins_code 
_struct_ref_seq.pdbx_auth_seq_align_beg 
_struct_ref_seq.pdbx_auth_seq_align_end 
1 1 5US2 B 1 ? 6   ? 5US2   1  ? 6   ? 1  6   
2 2 5US2 C 1 ? 6   ? 5US2   1  ? 6   ? 1  6   
3 3 5US2 A 5 ? 142 ? Q9KEI9 59 ? 196 ? 59 196 
# 
loop_
_struct_ref_seq_dif.align_id 
_struct_ref_seq_dif.pdbx_pdb_id_code 
_struct_ref_seq_dif.mon_id 
_struct_ref_seq_dif.pdbx_pdb_strand_id 
_struct_ref_seq_dif.seq_num 
_struct_ref_seq_dif.pdbx_pdb_ins_code 
_struct_ref_seq_dif.pdbx_seq_db_name 
_struct_ref_seq_dif.pdbx_seq_db_accession_code 
_struct_ref_seq_dif.db_mon_id 
_struct_ref_seq_dif.pdbx_seq_db_seq_num 
_struct_ref_seq_dif.details 
_struct_ref_seq_dif.pdbx_auth_seq_num 
_struct_ref_seq_dif.pdbx_ordinal 
3 5US2 GLY A 1  ? UNP Q9KEI9 ?   ?   'expression tag'      55  1 
3 5US2 SER A 2  ? UNP Q9KEI9 ?   ?   'expression tag'      56  2 
3 5US2 HIS A 3  ? UNP Q9KEI9 ?   ?   'expression tag'      57  3 
3 5US2 MET A 4  ? UNP Q9KEI9 ?   ?   'expression tag'      58  4 
3 5US2 ASN A 78 ? UNP Q9KEI9 ASP 132 'engineered mutation' 132 5 
# 
loop_
_chem_comp.id 
_chem_comp.type 
_chem_comp.mon_nstd_flag 
_chem_comp.name 
_chem_comp.pdbx_synonyms 
_chem_comp.formula 
_chem_comp.formula_weight 
A   'RNA linking'       y "ADENOSINE-5'-MONOPHOSPHATE"                                                                    ? 
'C10 H14 N5 O7 P'    347.221 
ALA 'L-peptide linking' y ALANINE                                                                                         ? 
'C3 H7 N O2'         89.093  
ARG 'L-peptide linking' y ARGININE                                                                                        ? 
'C6 H15 N4 O2 1'     175.209 
ASN 'L-peptide linking' y ASPARAGINE                                                                                      ? 
'C4 H8 N2 O3'        132.118 
ASP 'L-peptide linking' y 'ASPARTIC ACID'                                                                                 ? 
'C4 H7 N O4'         133.103 
C   'RNA linking'       y "CYTIDINE-5'-MONOPHOSPHATE"                                                                     ? 
'C9 H14 N3 O8 P'     323.197 
DA  'DNA linking'       y "2'-DEOXYADENOSINE-5'-MONOPHOSPHATE"                                                            ? 
'C10 H14 N5 O6 P'    331.222 
DC  'DNA linking'       y "2'-DEOXYCYTIDINE-5'-MONOPHOSPHATE"                                                             ? 
'C9 H14 N3 O7 P'     307.197 
DG  'DNA linking'       y "2'-DEOXYGUANOSINE-5'-MONOPHOSPHATE"                                                            ? 
'C10 H14 N5 O7 P'    347.221 
DT  'DNA linking'       y "THYMIDINE-5'-MONOPHOSPHATE"                                                                    ? 
'C10 H15 N2 O8 P'    322.208 
G   'RNA linking'       y "GUANOSINE-5'-MONOPHOSPHATE"                                                                    ? 
'C10 H14 N5 O8 P'    363.221 
GLN 'L-peptide linking' y GLUTAMINE                                                                                       ? 
'C5 H10 N2 O3'       146.144 
GLU 'L-peptide linking' y 'GLUTAMIC ACID'                                                                                 ? 
'C5 H9 N O4'         147.129 
GLY 'peptide linking'   y GLYCINE                                                                                         ? 
'C2 H5 N O2'         75.067  
HIS 'L-peptide linking' y HISTIDINE                                                                                       ? 
'C6 H10 N3 O2 1'     156.162 
HOH non-polymer         . WATER                                                                                           ? 'H2 O' 
18.015  
ILE 'L-peptide linking' y ISOLEUCINE                                                                                      ? 
'C6 H13 N O2'        131.173 
LEU 'L-peptide linking' y LEUCINE                                                                                         ? 
'C6 H13 N O2'        131.173 
LYS 'L-peptide linking' y LYSINE                                                                                          ? 
'C6 H15 N2 O2 1'     147.195 
MET 'L-peptide linking' y METHIONINE                                                                                      ? 
'C5 H11 N O2 S'      149.211 
MG  non-polymer         . 'MAGNESIUM ION'                                                                                 ? 'Mg 2' 
24.305  
PHE 'L-peptide linking' y PHENYLALANINE                                                                                   ? 
'C9 H11 N O2'        165.189 
PRO 'L-peptide linking' y PROLINE                                                                                         ? 
'C5 H9 N O2'         115.130 
SER 'L-peptide linking' y SERINE                                                                                          ? 
'C3 H7 N O3'         105.093 
THR 'L-peptide linking' y THREONINE                                                                                       ? 
'C4 H9 N O3'         119.119 
TRP 'L-peptide linking' y TRYPTOPHAN                                                                                      ? 
'C11 H12 N2 O2'      204.225 
TYR 'L-peptide linking' y TYROSINE                                                                                        ? 
'C9 H11 N O3'        181.189 
U   'RNA linking'       y "URIDINE-5'-MONOPHOSPHATE"                                                                      ? 
'C9 H13 N2 O9 P'     324.181 
US3 'DNA linking'       n '1-(2-deoxy-5-O-phosphono-beta-D-erythro-pentofuranosyl)-5-methyl-2-selanylpyrimidin-4(1H)-one' 
"2-Se-Thymidine-5'-phosphate" 'C10 H15 N2 O7 P Se' 385.169 
VAL 'L-peptide linking' y VALINE                                                                                          ? 
'C5 H11 N O2'        117.146 
# 
_exptl.absorpt_coefficient_mu     ? 
_exptl.absorpt_correction_T_max   ? 
_exptl.absorpt_correction_T_min   ? 
_exptl.absorpt_correction_type    ? 
_exptl.absorpt_process_details    ? 
_exptl.entry_id                   5US2 
_exptl.crystals_number            1 
_exptl.details                    ? 
_exptl.method                     'X-RAY DIFFRACTION' 
_exptl.method_details             ? 
# 
_exptl_crystal.colour                      ? 
_exptl_crystal.density_diffrn              ? 
_exptl_crystal.density_Matthews            2.33 
_exptl_crystal.density_method              ? 
_exptl_crystal.density_percent_sol         47.2 
_exptl_crystal.description                 ? 
_exptl_crystal.F_000                       ? 
_exptl_crystal.id                          1 
_exptl_crystal.preparation                 ? 
_exptl_crystal.size_max                    ? 
_exptl_crystal.size_mid                    ? 
_exptl_crystal.size_min                    ? 
_exptl_crystal.size_rad                    ? 
_exptl_crystal.colour_lustre               ? 
_exptl_crystal.colour_modifier             ? 
_exptl_crystal.colour_primary              ? 
_exptl_crystal.density_meas                ? 
_exptl_crystal.density_meas_esd            ? 
_exptl_crystal.density_meas_gt             ? 
_exptl_crystal.density_meas_lt             ? 
_exptl_crystal.density_meas_temp           ? 
_exptl_crystal.density_meas_temp_esd       ? 
_exptl_crystal.density_meas_temp_gt        ? 
_exptl_crystal.density_meas_temp_lt        ? 
_exptl_crystal.pdbx_crystal_image_url      ? 
_exptl_crystal.pdbx_crystal_image_format   ? 
_exptl_crystal.pdbx_mosaicity              ? 
_exptl_crystal.pdbx_mosaicity_esd          ? 
# 
_exptl_crystal_grow.apparatus       ? 
_exptl_crystal_grow.atmosphere      ? 
_exptl_crystal_grow.crystal_id      1 
_exptl_crystal_grow.details         ? 
_exptl_crystal_grow.method          'VAPOR DIFFUSION, HANGING DROP' 
_exptl_crystal_grow.method_ref      ? 
_exptl_crystal_grow.pH              6.5 
_exptl_crystal_grow.pressure        ? 
_exptl_crystal_grow.pressure_esd    ? 
_exptl_crystal_grow.seeding         ? 
_exptl_crystal_grow.seeding_ref     ? 
_exptl_crystal_grow.temp            293 
_exptl_crystal_grow.temp_details    ? 
_exptl_crystal_grow.temp_esd        ? 
_exptl_crystal_grow.time            ? 
_exptl_crystal_grow.pdbx_details    '0.1M MES pH 6.5, 12%(w/v) PEG 20000' 
_exptl_crystal_grow.pdbx_pH_range   ? 
# 
_diffrn.ambient_environment    ? 
_diffrn.ambient_temp           100 
_diffrn.ambient_temp_details   ? 
_diffrn.ambient_temp_esd       ? 
_diffrn.crystal_id             1 
_diffrn.crystal_support        ? 
_diffrn.crystal_treatment      ? 
_diffrn.details                ? 
_diffrn.id                     1 
_diffrn.ambient_pressure       ? 
_diffrn.ambient_pressure_esd   ? 
_diffrn.ambient_pressure_gt    ? 
_diffrn.ambient_pressure_lt    ? 
_diffrn.ambient_temp_gt        ? 
_diffrn.ambient_temp_lt        ? 
# 
_diffrn_detector.details                      ? 
_diffrn_detector.detector                     CCD 
_diffrn_detector.diffrn_id                    1 
_diffrn_detector.type                         'ADSC QUANTUM 315r' 
_diffrn_detector.area_resol_mean              ? 
_diffrn_detector.dtime                        ? 
_diffrn_detector.pdbx_frames_total            ? 
_diffrn_detector.pdbx_collection_time_total   ? 
_diffrn_detector.pdbx_collection_date         2016-11-18 
# 
_diffrn_radiation.collimation                      ? 
_diffrn_radiation.diffrn_id                        1 
_diffrn_radiation.filter_edge                      ? 
_diffrn_radiation.inhomogeneity                    ? 
_diffrn_radiation.monochromator                    ? 
_diffrn_radiation.polarisn_norm                    ? 
_diffrn_radiation.polarisn_ratio                   ? 
_diffrn_radiation.probe                            ? 
_diffrn_radiation.type                             ? 
_diffrn_radiation.xray_symbol                      ? 
_diffrn_radiation.wavelength_id                    1 
_diffrn_radiation.pdbx_monochromatic_or_laue_m_l   M 
_diffrn_radiation.pdbx_wavelength_list             ? 
_diffrn_radiation.pdbx_wavelength                  ? 
_diffrn_radiation.pdbx_diffrn_protocol             'SINGLE WAVELENGTH' 
_diffrn_radiation.pdbx_analyzer                    ? 
_diffrn_radiation.pdbx_scattering_type             x-ray 
# 
_diffrn_radiation_wavelength.id           1 
_diffrn_radiation_wavelength.wavelength   1 
_diffrn_radiation_wavelength.wt           1.0 
# 
_diffrn_source.current                     ? 
_diffrn_source.details                     ? 
_diffrn_source.diffrn_id                   1 
_diffrn_source.power                       ? 
_diffrn_source.size                        ? 
_diffrn_source.source                      SYNCHROTRON 
_diffrn_source.target                      ? 
_diffrn_source.type                        'ALS BEAMLINE 8.2.2' 
_diffrn_source.voltage                     ? 
_diffrn_source.take-off_angle              ? 
_diffrn_source.pdbx_wavelength_list        1 
_diffrn_source.pdbx_wavelength             ? 
_diffrn_source.pdbx_synchrotron_beamline   8.2.2 
_diffrn_source.pdbx_synchrotron_site       ALS 
# 
_reflns.B_iso_Wilson_estimate            ? 
_reflns.entry_id                         5US2 
_reflns.data_reduction_details           ? 
_reflns.data_reduction_method            ? 
_reflns.d_resolution_high                1.90 
_reflns.d_resolution_low                 61.49 
_reflns.details                          ? 
_reflns.limit_h_max                      ? 
_reflns.limit_h_min                      ? 
_reflns.limit_k_max                      ? 
_reflns.limit_k_min                      ? 
_reflns.limit_l_max                      ? 
_reflns.limit_l_min                      ? 
_reflns.number_all                       ? 
_reflns.number_obs                       14522 
_reflns.observed_criterion               ? 
_reflns.observed_criterion_F_max         ? 
_reflns.observed_criterion_F_min         ? 
_reflns.observed_criterion_I_max         ? 
_reflns.observed_criterion_I_min         ? 
_reflns.observed_criterion_sigma_F       ? 
_reflns.observed_criterion_sigma_I       ? 
_reflns.percent_possible_obs             98.8 
_reflns.R_free_details                   ? 
_reflns.Rmerge_F_all                     ? 
_reflns.Rmerge_F_obs                     ? 
_reflns.Friedel_coverage                 ? 
_reflns.number_gt                        ? 
_reflns.threshold_expression             ? 
_reflns.pdbx_redundancy                  3.8 
_reflns.pdbx_Rmerge_I_obs                0.071 
_reflns.pdbx_Rmerge_I_all                ? 
_reflns.pdbx_Rsym_value                  0.067 
_reflns.pdbx_netI_over_av_sigmaI         ? 
_reflns.pdbx_netI_over_sigmaI            26.08 
_reflns.pdbx_res_netI_over_av_sigmaI_2   ? 
_reflns.pdbx_res_netI_over_sigmaI_2      ? 
_reflns.pdbx_chi_squared                 ? 
_reflns.pdbx_scaling_rejects             ? 
_reflns.pdbx_d_res_high_opt              ? 
_reflns.pdbx_d_res_low_opt               ? 
_reflns.pdbx_d_res_opt_method            ? 
_reflns.phase_calculation_details        ? 
_reflns.pdbx_Rrim_I_all                  ? 
_reflns.pdbx_Rpim_I_all                  ? 
_reflns.pdbx_d_opt                       ? 
_reflns.pdbx_number_measured_all         ? 
_reflns.pdbx_diffrn_id                   1 
_reflns.pdbx_ordinal                     1 
_reflns.pdbx_CC_half                     ? 
_reflns.pdbx_R_split                     ? 
# 
_reflns_shell.d_res_high                  . 
_reflns_shell.d_res_low                   ? 
_reflns_shell.meanI_over_sigI_all         ? 
_reflns_shell.meanI_over_sigI_obs         ? 
_reflns_shell.number_measured_all         ? 
_reflns_shell.number_measured_obs         ? 
_reflns_shell.number_possible             ? 
_reflns_shell.number_unique_all           ? 
_reflns_shell.number_unique_obs           ? 
_reflns_shell.percent_possible_all        ? 
_reflns_shell.percent_possible_obs        ? 
_reflns_shell.Rmerge_F_all                ? 
_reflns_shell.Rmerge_F_obs                ? 
_reflns_shell.Rmerge_I_all                ? 
_reflns_shell.Rmerge_I_obs                ? 
_reflns_shell.meanI_over_sigI_gt          ? 
_reflns_shell.meanI_over_uI_all           ? 
_reflns_shell.meanI_over_uI_gt            ? 
_reflns_shell.number_measured_gt          ? 
_reflns_shell.number_unique_gt            ? 
_reflns_shell.percent_possible_gt         ? 
_reflns_shell.Rmerge_F_gt                 ? 
_reflns_shell.Rmerge_I_gt                 ? 
_reflns_shell.pdbx_redundancy             ? 
_reflns_shell.pdbx_Rsym_value             ? 
_reflns_shell.pdbx_chi_squared            ? 
_reflns_shell.pdbx_netI_over_sigmaI_all   ? 
_reflns_shell.pdbx_netI_over_sigmaI_obs   ? 
_reflns_shell.pdbx_Rrim_I_all             ? 
_reflns_shell.pdbx_Rpim_I_all             ? 
_reflns_shell.pdbx_rejects                ? 
_reflns_shell.pdbx_ordinal                1 
_reflns_shell.pdbx_diffrn_id              1 
_reflns_shell.pdbx_CC_half                ? 
_reflns_shell.pdbx_R_split                ? 
# 
_refine.pdbx_refine_id                           'X-RAY DIFFRACTION' 
_refine.entry_id                                 5US2 
_refine.pdbx_diffrn_id                           1 
_refine.pdbx_TLS_residual_ADP_flag               ? 
_refine.ls_number_reflns_obs                     13809 
_refine.ls_number_reflns_all                     ? 
_refine.pdbx_ls_sigma_I                          ? 
_refine.pdbx_ls_sigma_F                          ? 
_refine.pdbx_data_cutoff_high_absF               ? 
_refine.pdbx_data_cutoff_low_absF                ? 
_refine.pdbx_data_cutoff_high_rms_absF           ? 
_refine.ls_d_res_low                             61.49 
_refine.ls_d_res_high                            1.90 
_refine.ls_percent_reflns_obs                    98.61 
_refine.ls_R_factor_obs                          0.19281 
_refine.ls_R_factor_all                          ? 
_refine.ls_R_factor_R_work                       0.19104 
_refine.ls_R_factor_R_free                       0.22727 
_refine.ls_R_factor_R_free_error                 ? 
_refine.ls_R_factor_R_free_error_details         ? 
_refine.ls_percent_reflns_R_free                 4.9 
_refine.ls_number_reflns_R_free                  713 
_refine.ls_number_parameters                     ? 
_refine.ls_number_restraints                     ? 
_refine.occupancy_min                            ? 
_refine.occupancy_max                            ? 
_refine.correlation_coeff_Fo_to_Fc               0.947 
_refine.correlation_coeff_Fo_to_Fc_free          0.930 
_refine.B_iso_mean                               23.512 
_refine.aniso_B[1][1]                            -0.01 
_refine.aniso_B[2][2]                            -0.00 
_refine.aniso_B[3][3]                            0.01 
_refine.aniso_B[1][2]                            -0.00 
_refine.aniso_B[1][3]                            -0.00 
_refine.aniso_B[2][3]                            0.00 
_refine.solvent_model_details                    MASK 
_refine.solvent_model_param_ksol                 ? 
_refine.solvent_model_param_bsol                 ? 
_refine.pdbx_solvent_vdw_probe_radii             1.20 
_refine.pdbx_solvent_ion_probe_radii             0.80 
_refine.pdbx_solvent_shrinkage_radii             0.80 
_refine.pdbx_ls_cross_valid_method               THROUGHOUT 
_refine.details                                  'HYDROGENS HAVE BEEN ADDED IN THE RIDING POSITIONS' 
_refine.pdbx_starting_model                      2g8u 
_refine.pdbx_method_to_determine_struct          'MOLECULAR REPLACEMENT' 
_refine.pdbx_isotropic_thermal_model             ? 
_refine.pdbx_stereochemistry_target_values       'MAXIMUM LIKELIHOOD' 
_refine.pdbx_stereochem_target_val_spec_case     ? 
_refine.pdbx_R_Free_selection_details            RANDOM 
_refine.pdbx_overall_ESU_R                       0.148 
_refine.pdbx_overall_ESU_R_Free                  0.138 
_refine.overall_SU_ML                            0.093 
_refine.pdbx_overall_phase_error                 ? 
_refine.overall_SU_B                             3.158 
_refine.overall_SU_R_Cruickshank_DPI             ? 
_refine.pdbx_overall_SU_R_free_Cruickshank_DPI   ? 
_refine.pdbx_overall_SU_R_Blow_DPI               ? 
_refine.pdbx_overall_SU_R_free_Blow_DPI          ? 
# 
_refine_hist.pdbx_refine_id                   'X-RAY DIFFRACTION' 
_refine_hist.cycle_id                         1 
_refine_hist.pdbx_number_atoms_protein        1076 
_refine_hist.pdbx_number_atoms_nucleic_acid   245 
_refine_hist.pdbx_number_atoms_ligand         2 
_refine_hist.number_atoms_solvent             21 
_refine_hist.number_atoms_total               1344 
_refine_hist.d_res_high                       1.90 
_refine_hist.d_res_low                        61.49 
# 
loop_
_refine_ls_restr.type 
_refine_ls_restr.dev_ideal 
_refine_ls_restr.dev_ideal_target 
_refine_ls_restr.weight 
_refine_ls_restr.number 
_refine_ls_restr.pdbx_refine_id 
_refine_ls_restr.pdbx_restraint_function 
r_bond_refined_d             0.019  0.018  ? 1372 'X-RAY DIFFRACTION' ? 
r_bond_other_d               0.014  0.020  ? 1181 'X-RAY DIFFRACTION' ? 
r_angle_refined_deg          1.964  1.813  ? 1904 'X-RAY DIFFRACTION' ? 
r_angle_other_deg            1.323  3.005  ? 2740 'X-RAY DIFFRACTION' ? 
r_dihedral_angle_1_deg       6.304  5.000  ? 131  'X-RAY DIFFRACTION' ? 
r_dihedral_angle_2_deg       33.111 25.098 ? 51   'X-RAY DIFFRACTION' ? 
r_dihedral_angle_3_deg       14.832 15.000 ? 202  'X-RAY DIFFRACTION' ? 
r_dihedral_angle_4_deg       15.370 15.000 ? 5    'X-RAY DIFFRACTION' ? 
r_chiral_restr               0.162  0.200  ? 205  'X-RAY DIFFRACTION' ? 
r_gen_planes_refined         0.013  0.020  ? 1354 'X-RAY DIFFRACTION' ? 
r_gen_planes_other           0.002  0.020  ? 299  'X-RAY DIFFRACTION' ? 
r_nbd_refined                ?      ?      ? ?    'X-RAY DIFFRACTION' ? 
r_nbd_other                  ?      ?      ? ?    'X-RAY DIFFRACTION' ? 
r_nbtor_refined              ?      ?      ? ?    'X-RAY DIFFRACTION' ? 
r_nbtor_other                ?      ?      ? ?    'X-RAY DIFFRACTION' ? 
r_xyhbond_nbd_refined        ?      ?      ? ?    'X-RAY DIFFRACTION' ? 
r_xyhbond_nbd_other          ?      ?      ? ?    'X-RAY DIFFRACTION' ? 
r_metal_ion_refined          ?      ?      ? ?    'X-RAY DIFFRACTION' ? 
r_metal_ion_other            ?      ?      ? ?    'X-RAY DIFFRACTION' ? 
r_symmetry_vdw_refined       ?      ?      ? ?    'X-RAY DIFFRACTION' ? 
r_symmetry_vdw_other         ?      ?      ? ?    'X-RAY DIFFRACTION' ? 
r_symmetry_hbond_refined     ?      ?      ? ?    'X-RAY DIFFRACTION' ? 
r_symmetry_hbond_other       ?      ?      ? ?    'X-RAY DIFFRACTION' ? 
r_symmetry_metal_ion_refined ?      ?      ? ?    'X-RAY DIFFRACTION' ? 
r_symmetry_metal_ion_other   ?      ?      ? ?    'X-RAY DIFFRACTION' ? 
r_mcbond_it                  2.212  2.106  ? 527  'X-RAY DIFFRACTION' ? 
r_mcbond_other               2.139  2.104  ? 526  'X-RAY DIFFRACTION' ? 
r_mcangle_it                 2.972  3.143  ? 657  'X-RAY DIFFRACTION' ? 
r_mcangle_other              2.972  3.144  ? 658  'X-RAY DIFFRACTION' ? 
r_scbond_it                  3.048  2.436  ? 845  'X-RAY DIFFRACTION' ? 
r_scbond_other               3.046  2.436  ? 846  'X-RAY DIFFRACTION' ? 
r_scangle_it                 ?      ?      ? ?    'X-RAY DIFFRACTION' ? 
r_scangle_other              4.546  3.523  ? 1248 'X-RAY DIFFRACTION' ? 
r_long_range_B_refined       5.654  18.724 ? 1695 'X-RAY DIFFRACTION' ? 
r_long_range_B_other         5.645  18.719 ? 1692 'X-RAY DIFFRACTION' ? 
r_rigid_bond_restr           ?      ?      ? ?    'X-RAY DIFFRACTION' ? 
r_sphericity_free            ?      ?      ? ?    'X-RAY DIFFRACTION' ? 
r_sphericity_bonded          ?      ?      ? ?    'X-RAY DIFFRACTION' ? 
# 
_refine_ls_shell.pdbx_refine_id                   'X-RAY DIFFRACTION' 
_refine_ls_shell.pdbx_total_number_of_bins_used   20 
_refine_ls_shell.d_res_high                       1.902 
_refine_ls_shell.d_res_low                        1.951 
_refine_ls_shell.number_reflns_R_work             982 
_refine_ls_shell.R_factor_R_work                  0.224 
_refine_ls_shell.percent_reflns_obs               95.16 
_refine_ls_shell.R_factor_R_free                  0.311 
_refine_ls_shell.R_factor_R_free_error            ? 
_refine_ls_shell.percent_reflns_R_free            ? 
_refine_ls_shell.number_reflns_R_free             59 
_refine_ls_shell.number_reflns_all                ? 
_refine_ls_shell.R_factor_all                     ? 
# 
_struct.entry_id                     5US2 
_struct.title                        '2-Se-T2-DNA and native RNA hybrid in complex with RNase H catalytic domain D132N mutant' 
_struct.pdbx_model_details           ? 
_struct.pdbx_formula_weight          ? 
_struct.pdbx_formula_weight_method   ? 
_struct.pdbx_model_type_details      ? 
_struct.pdbx_CASP_flag               N 
# 
_struct_keywords.entry_id        5US2 
_struct_keywords.text            'HYDROLASE - RNA - DNA complex' 
_struct_keywords.pdbx_keywords   'HYDROLASE / RNA / DNA' 
# 
loop_
_struct_asym.id 
_struct_asym.pdbx_blank_PDB_chainid_flag 
_struct_asym.pdbx_modified 
_struct_asym.entity_id 
_struct_asym.details 
A N N 1 ? 
B N N 2 ? 
C N N 3 ? 
D N N 4 ? 
E N N 4 ? 
F N N 5 ? 
G N N 5 ? 
# 
loop_
_struct_conf.conf_type_id 
_struct_conf.id 
_struct_conf.pdbx_PDB_helix_id 
_struct_conf.beg_label_comp_id 
_struct_conf.beg_label_asym_id 
_struct_conf.beg_label_seq_id 
_struct_conf.pdbx_beg_PDB_ins_code 
_struct_conf.end_label_comp_id 
_struct_conf.end_label_asym_id 
_struct_conf.end_label_seq_id 
_struct_conf.pdbx_end_PDB_ins_code 
_struct_conf.beg_auth_comp_id 
_struct_conf.beg_auth_asym_id 
_struct_conf.beg_auth_seq_id 
_struct_conf.end_auth_comp_id 
_struct_conf.end_auth_asym_id 
_struct_conf.end_auth_seq_id 
_struct_conf.pdbx_PDB_helix_class 
_struct_conf.details 
_struct_conf.pdbx_PDB_helix_length 
HELX_P HELX_P1 AA1 THR C 50  ? ARG C 69  ? THR A 104 ARG A 123 1 ? 20 
HELX_P HELX_P2 AA2 SER C 79  ? ASP C 88  ? SER A 133 ASP A 142 1 ? 10 
HELX_P HELX_P3 AA3 THR C 101 ? ASN C 116 ? THR A 155 ASN A 170 1 ? 16 
HELX_P HELX_P4 AA4 GLN C 128 ? GLY C 133 ? GLN A 182 GLY A 187 1 ? 6  
# 
_struct_conf_type.id          HELX_P 
_struct_conf_type.criteria    ? 
_struct_conf_type.reference   ? 
# 
loop_
_struct_conn.id 
_struct_conn.conn_type_id 
_struct_conn.pdbx_leaving_atom_flag 
_struct_conn.pdbx_PDB_id 
_struct_conn.ptnr1_label_asym_id 
_struct_conn.ptnr1_label_comp_id 
_struct_conn.ptnr1_label_seq_id 
_struct_conn.ptnr1_label_atom_id 
_struct_conn.pdbx_ptnr1_label_alt_id 
_struct_conn.pdbx_ptnr1_PDB_ins_code 
_struct_conn.pdbx_ptnr1_standard_comp_id 
_struct_conn.ptnr1_symmetry 
_struct_conn.ptnr2_label_asym_id 
_struct_conn.ptnr2_label_comp_id 
_struct_conn.ptnr2_label_seq_id 
_struct_conn.ptnr2_label_atom_id 
_struct_conn.pdbx_ptnr2_label_alt_id 
_struct_conn.pdbx_ptnr2_PDB_ins_code 
_struct_conn.ptnr1_auth_asym_id 
_struct_conn.ptnr1_auth_comp_id 
_struct_conn.ptnr1_auth_seq_id 
_struct_conn.ptnr2_auth_asym_id 
_struct_conn.ptnr2_auth_comp_id 
_struct_conn.ptnr2_auth_seq_id 
_struct_conn.ptnr2_symmetry 
_struct_conn.pdbx_ptnr3_label_atom_id 
_struct_conn.pdbx_ptnr3_label_seq_id 
_struct_conn.pdbx_ptnr3_label_comp_id 
_struct_conn.pdbx_ptnr3_label_asym_id 
_struct_conn.pdbx_ptnr3_label_alt_id 
_struct_conn.pdbx_ptnr3_PDB_ins_code 
_struct_conn.details 
_struct_conn.pdbx_dist_value 
_struct_conn.pdbx_value_order 
_struct_conn.pdbx_role 
covale1  covale both ? B DA  1 "O3'" ? ? ? 1_555 B US3 2   P   ? ? C DA  1   C US3 2   1_555 ? ? ? ? ? ? ?            1.622 ? ? 
covale2  covale one  ? B US3 2 "O3'" ? ? ? 1_555 B DG  3   P   ? ? C US3 2   C DG  3   1_555 ? ? ? ? ? ? ?            1.626 ? ? 
metalc1  metalc ?    ? A C   5 "O3'" ? ? ? 1_555 E MG  .   MG  ? ? B C   5   B MG  202 1_555 ? ? ? ? ? ? ?            2.570 ? ? 
metalc2  metalc ?    ? A A   6 OP1   ? ? ? 1_555 D MG  .   MG  ? ? B A   6   B MG  201 1_555 ? ? ? ? ? ? ?            2.034 ? ? 
metalc3  metalc ?    ? A A   6 OP1   ? ? ? 1_555 E MG  .   MG  ? ? B A   6   B MG  202 1_555 ? ? ? ? ? ? ?            2.542 ? ? 
metalc4  metalc ?    ? D MG  . MG    ? ? ? 1_555 C ASP 17  OD2 ? ? B MG  201 A ASP 71  1_555 ? ? ? ? ? ? ?            2.114 ? ? 
metalc5  metalc ?    ? D MG  . MG    ? ? ? 1_555 C ASP 138 OD1 ? ? B MG  201 A ASP 192 1_555 ? ? ? ? ? ? ?            2.067 ? ? 
metalc6  metalc ?    ? D MG  . MG    ? ? ? 1_555 G HOH .   O   ? ? B MG  201 A HOH 305 1_555 ? ? ? ? ? ? ?            2.081 ? ? 
metalc7  metalc ?    ? D MG  . MG    ? ? ? 1_555 G HOH .   O   ? ? B MG  201 A HOH 308 1_555 ? ? ? ? ? ? ?            2.031 ? ? 
metalc8  metalc ?    ? D MG  . MG    ? ? ? 1_555 G HOH .   O   ? ? B MG  201 A HOH 311 1_555 ? ? ? ? ? ? ?            2.158 ? ? 
metalc9  metalc ?    ? E MG  . MG    ? ? ? 1_555 C ASP 17  OD1 ? ? B MG  202 A ASP 71  1_555 ? ? ? ? ? ? ?            2.185 ? ? 
metalc10 metalc ?    ? E MG  . MG    ? ? ? 1_555 C GLU 55  OE2 ? ? B MG  202 A GLU 109 1_555 ? ? ? ? ? ? ?            2.244 ? ? 
metalc11 metalc ?    ? E MG  . MG    ? ? ? 1_555 C ASN 78  OD1 ? ? B MG  202 A ASN 132 1_555 ? ? ? ? ? ? ?            2.232 ? ? 
hydrog1  hydrog ?    ? A C   2 N3    ? ? ? 1_555 B DG  6   N1  ? ? B C   2   C DG  6   1_555 ? ? ? ? ? ? WATSON-CRICK ?     ? ? 
hydrog2  hydrog ?    ? A C   2 N4    ? ? ? 1_555 B DG  6   O6  ? ? B C   2   C DG  6   1_555 ? ? ? ? ? ? WATSON-CRICK ?     ? ? 
hydrog3  hydrog ?    ? A C   2 O2    ? ? ? 1_555 B DG  6   N2  ? ? B C   2   C DG  6   1_555 ? ? ? ? ? ? WATSON-CRICK ?     ? ? 
hydrog4  hydrog ?    ? A G   3 N1    ? ? ? 1_555 B DC  5   N3  ? ? B G   3   C DC  5   1_555 ? ? ? ? ? ? WATSON-CRICK ?     ? ? 
hydrog5  hydrog ?    ? A G   3 N2    ? ? ? 1_555 B DC  5   O2  ? ? B G   3   C DC  5   1_555 ? ? ? ? ? ? WATSON-CRICK ?     ? ? 
hydrog6  hydrog ?    ? A G   3 O6    ? ? ? 1_555 B DC  5   N4  ? ? B G   3   C DC  5   1_555 ? ? ? ? ? ? WATSON-CRICK ?     ? ? 
hydrog7  hydrog ?    ? A A   4 N1    ? ? ? 1_555 B DT  4   N3  ? ? B A   4   C DT  4   1_555 ? ? ? ? ? ? WATSON-CRICK ?     ? ? 
hydrog8  hydrog ?    ? A A   4 N6    ? ? ? 1_555 B DT  4   O4  ? ? B A   4   C DT  4   1_555 ? ? ? ? ? ? WATSON-CRICK ?     ? ? 
hydrog9  hydrog ?    ? A C   5 N3    ? ? ? 1_555 B DG  3   N1  ? ? B C   5   C DG  3   1_555 ? ? ? ? ? ? WATSON-CRICK ?     ? ? 
hydrog10 hydrog ?    ? A C   5 N4    ? ? ? 1_555 B DG  3   O6  ? ? B C   5   C DG  3   1_555 ? ? ? ? ? ? WATSON-CRICK ?     ? ? 
hydrog11 hydrog ?    ? A C   5 O2    ? ? ? 1_555 B DG  3   N2  ? ? B C   5   C DG  3   1_555 ? ? ? ? ? ? WATSON-CRICK ?     ? ? 
hydrog12 hydrog ?    ? A A   6 N1    ? ? ? 1_555 B US3 2   N3  ? ? B A   6   C US3 2   1_555 ? ? ? ? ? ? WATSON-CRICK ?     ? ? 
hydrog13 hydrog ?    ? A A   6 N6    ? ? ? 1_555 B US3 2   O4  ? ? B A   6   C US3 2   1_555 ? ? ? ? ? ? WATSON-CRICK ?     ? ? 
# 
loop_
_struct_conn_type.id 
_struct_conn_type.criteria 
_struct_conn_type.reference 
covale ? ? 
metalc ? ? 
hydrog ? ? 
# 
_struct_mon_prot_cis.pdbx_id                1 
_struct_mon_prot_cis.label_comp_id          ASN 
_struct_mon_prot_cis.label_seq_id           23 
_struct_mon_prot_cis.label_asym_id          C 
_struct_mon_prot_cis.label_alt_id           . 
_struct_mon_prot_cis.pdbx_PDB_ins_code      ? 
_struct_mon_prot_cis.auth_comp_id           ASN 
_struct_mon_prot_cis.auth_seq_id            77 
_struct_mon_prot_cis.auth_asym_id           A 
_struct_mon_prot_cis.pdbx_label_comp_id_2   PRO 
_struct_mon_prot_cis.pdbx_label_seq_id_2    24 
_struct_mon_prot_cis.pdbx_label_asym_id_2   C 
_struct_mon_prot_cis.pdbx_PDB_ins_code_2    ? 
_struct_mon_prot_cis.pdbx_auth_comp_id_2    PRO 
_struct_mon_prot_cis.pdbx_auth_seq_id_2     78 
_struct_mon_prot_cis.pdbx_auth_asym_id_2    A 
_struct_mon_prot_cis.pdbx_PDB_model_num     1 
_struct_mon_prot_cis.pdbx_omega_angle       -4.52 
# 
_struct_sheet.id               AA1 
_struct_sheet.type             ? 
_struct_sheet.number_strands   5 
_struct_sheet.details          ? 
# 
loop_
_struct_sheet_order.sheet_id 
_struct_sheet_order.range_id_1 
_struct_sheet_order.range_id_2 
_struct_sheet_order.offset 
_struct_sheet_order.sense 
AA1 1 2 ? anti-parallel 
AA1 2 3 ? anti-parallel 
AA1 3 4 ? parallel      
AA1 4 5 ? parallel      
# 
loop_
_struct_sheet_range.sheet_id 
_struct_sheet_range.id 
_struct_sheet_range.beg_label_comp_id 
_struct_sheet_range.beg_label_asym_id 
_struct_sheet_range.beg_label_seq_id 
_struct_sheet_range.pdbx_beg_PDB_ins_code 
_struct_sheet_range.end_label_comp_id 
_struct_sheet_range.end_label_asym_id 
_struct_sheet_range.end_label_seq_id 
_struct_sheet_range.pdbx_end_PDB_ins_code 
_struct_sheet_range.beg_auth_comp_id 
_struct_sheet_range.beg_auth_asym_id 
_struct_sheet_range.beg_auth_seq_id 
_struct_sheet_range.end_auth_comp_id 
_struct_sheet_range.end_auth_asym_id 
_struct_sheet_range.end_auth_seq_id 
AA1 1 VAL C 39  ? GLY C 49  ? VAL A 93  GLY A 103 
AA1 2 GLY C 25  ? ASP C 33  ? GLY A 79  ASP A 87  
AA1 3 LEU C 14  ? GLN C 21  ? LEU A 68  GLN A 75  
AA1 4 ILE C 75  ? SER C 77  ? ILE A 129 SER A 131 
AA1 5 ILE C 124 ? LYS C 126 ? ILE A 178 LYS A 180 
# 
loop_
_pdbx_struct_sheet_hbond.sheet_id 
_pdbx_struct_sheet_hbond.range_id_1 
_pdbx_struct_sheet_hbond.range_id_2 
_pdbx_struct_sheet_hbond.range_1_label_atom_id 
_pdbx_struct_sheet_hbond.range_1_label_comp_id 
_pdbx_struct_sheet_hbond.range_1_label_asym_id 
_pdbx_struct_sheet_hbond.range_1_label_seq_id 
_pdbx_struct_sheet_hbond.range_1_PDB_ins_code 
_pdbx_struct_sheet_hbond.range_1_auth_atom_id 
_pdbx_struct_sheet_hbond.range_1_auth_comp_id 
_pdbx_struct_sheet_hbond.range_1_auth_asym_id 
_pdbx_struct_sheet_hbond.range_1_auth_seq_id 
_pdbx_struct_sheet_hbond.range_2_label_atom_id 
_pdbx_struct_sheet_hbond.range_2_label_comp_id 
_pdbx_struct_sheet_hbond.range_2_label_asym_id 
_pdbx_struct_sheet_hbond.range_2_label_seq_id 
_pdbx_struct_sheet_hbond.range_2_PDB_ins_code 
_pdbx_struct_sheet_hbond.range_2_auth_atom_id 
_pdbx_struct_sheet_hbond.range_2_auth_comp_id 
_pdbx_struct_sheet_hbond.range_2_auth_asym_id 
_pdbx_struct_sheet_hbond.range_2_auth_seq_id 
AA1 1 2 O ILE C 46 ? O ILE A 100 N VAL C 27  ? N VAL A 81  
AA1 2 3 O VAL C 32 ? O VAL A 86  N SER C 15  ? N SER A 69  
AA1 3 4 N LEU C 14 ? N LEU A 68  O TYR C 76  ? O TYR A 130 
AA1 4 5 N ILE C 75 ? N ILE A 129 O LEU C 125 ? O LEU A 179 
# 
loop_
_struct_site.id 
_struct_site.pdbx_evidence_code 
_struct_site.pdbx_auth_asym_id 
_struct_site.pdbx_auth_comp_id 
_struct_site.pdbx_auth_seq_id 
_struct_site.pdbx_auth_ins_code 
_struct_site.pdbx_num_residues 
_struct_site.details 
AC1 Software B MG 201 ? 6 'binding site for residue MG B 201' 
AC2 Software B MG 202 ? 5 'binding site for residue MG B 202' 
# 
loop_
_struct_site_gen.id 
_struct_site_gen.site_id 
_struct_site_gen.pdbx_num_res 
_struct_site_gen.label_comp_id 
_struct_site_gen.label_asym_id 
_struct_site_gen.label_seq_id 
_struct_site_gen.pdbx_auth_ins_code 
_struct_site_gen.auth_comp_id 
_struct_site_gen.auth_asym_id 
_struct_site_gen.auth_seq_id 
_struct_site_gen.label_atom_id 
_struct_site_gen.label_alt_id 
_struct_site_gen.symmetry 
_struct_site_gen.details 
1  AC1 6 ASP C 17  ? ASP A 71  . ? 1_555 ? 
2  AC1 6 ASP C 138 ? ASP A 192 . ? 1_555 ? 
3  AC1 6 HOH G .   ? HOH A 305 . ? 1_555 ? 
4  AC1 6 HOH G .   ? HOH A 308 . ? 1_555 ? 
5  AC1 6 HOH G .   ? HOH A 311 . ? 1_555 ? 
6  AC1 6 A   A 6   ? A   B 6   . ? 1_555 ? 
7  AC2 5 ASP C 17  ? ASP A 71  . ? 1_555 ? 
8  AC2 5 GLU C 55  ? GLU A 109 . ? 1_555 ? 
9  AC2 5 ASN C 78  ? ASN A 132 . ? 1_555 ? 
10 AC2 5 C   A 5   ? C   B 5   . ? 1_555 ? 
11 AC2 5 A   A 6   ? A   B 6   . ? 1_555 ? 
# 
_atom_sites.entry_id                    5US2 
_atom_sites.fract_transf_matrix[1][1]   -0.00917893 
_atom_sites.fract_transf_matrix[1][2]   -0.00031875 
_atom_sites.fract_transf_matrix[1][3]   -0.00833025 
_atom_sites.fract_transf_matrix[2][1]   -0.01270054 
_atom_sites.fract_transf_matrix[2][2]   -0.01852325 
_atom_sites.fract_transf_matrix[2][3]   0.01470325 
_atom_sites.fract_transf_matrix[3][1]   -0.00924927 
_atom_sites.fract_transf_matrix[3][2]   0.01161320 
_atom_sites.fract_transf_matrix[3][3]   0.00664095 
_atom_sites.fract_transf_vector[1]      0.204638 
_atom_sites.fract_transf_vector[2]      -0.200522 
_atom_sites.fract_transf_vector[3]      1.174914 
# 
loop_
_atom_type.symbol 
C  
MG 
N  
O  
P  
S  
SE 
# 
loop_
_atom_site.group_PDB 
_atom_site.id 
_atom_site.type_symbol 
_atom_site.label_atom_id 
_atom_site.label_alt_id 
_atom_site.label_comp_id 
_atom_site.label_asym_id 
_atom_site.label_entity_id 
_atom_site.label_seq_id 
_atom_site.pdbx_PDB_ins_code 
_atom_site.Cartn_x 
_atom_site.Cartn_y 
_atom_site.Cartn_z 
_atom_site.occupancy 
_atom_site.B_iso_or_equiv 
_atom_site.pdbx_formal_charge 
_atom_site.auth_seq_id 
_atom_site.auth_comp_id 
_atom_site.auth_asym_id 
_atom_site.auth_atom_id 
_atom_site.pdbx_PDB_model_num 
ATOM   1    O  "O5'" . U   A 1 1   ? -20.337 13.036  19.218  1.00 24.69 ? 1   U   B "O5'" 1 
ATOM   2    C  "C5'" . U   A 1 1   ? -19.126 12.383  18.779  1.00 24.72 ? 1   U   B "C5'" 1 
ATOM   3    C  "C4'" . U   A 1 1   ? -18.527 11.484  19.840  1.00 21.34 ? 1   U   B "C4'" 1 
ATOM   4    O  "O4'" . U   A 1 1   ? -19.216 10.210  19.846  1.00 21.93 ? 1   U   B "O4'" 1 
ATOM   5    C  "C3'" . U   A 1 1   ? -17.066 11.122  19.590  1.00 21.83 ? 1   U   B "C3'" 1 
ATOM   6    O  "O3'" . U   A 1 1   ? -16.246 12.101  20.163  1.00 21.57 ? 1   U   B "O3'" 1 
ATOM   7    C  "C2'" . U   A 1 1   ? -16.930 9.781   20.308  1.00 21.48 ? 1   U   B "C2'" 1 
ATOM   8    O  "O2'" . U   A 1 1   ? -16.861 9.922   21.708  1.00 18.93 ? 1   U   B "O2'" 1 
ATOM   9    C  "C1'" . U   A 1 1   ? -18.280 9.147   19.979  1.00 22.17 ? 1   U   B "C1'" 1 
ATOM   10   N  N1    . U   A 1 1   ? -18.320 8.374   18.735  1.00 23.01 ? 1   U   B N1    1 
ATOM   11   C  C2    . U   A 1 1   ? -17.569 7.221   18.667  1.00 22.51 ? 1   U   B C2    1 
ATOM   12   O  O2    . U   A 1 1   ? -16.802 6.875   19.549  1.00 23.12 ? 1   U   B O2    1 
ATOM   13   N  N3    . U   A 1 1   ? -17.725 6.503   17.511  1.00 23.10 ? 1   U   B N3    1 
ATOM   14   C  C4    . U   A 1 1   ? -18.563 6.798   16.458  1.00 25.18 ? 1   U   B C4    1 
ATOM   15   O  O4    . U   A 1 1   ? -18.594 6.053   15.491  1.00 27.03 ? 1   U   B O4    1 
ATOM   16   C  C5    . U   A 1 1   ? -19.297 8.012   16.599  1.00 26.51 ? 1   U   B C5    1 
ATOM   17   C  C6    . U   A 1 1   ? -19.172 8.730   17.713  1.00 23.10 ? 1   U   B C6    1 
ATOM   18   P  P     . C   A 1 2   ? -14.834 12.564  19.432  1.00 24.96 ? 2   C   B P     1 
ATOM   19   O  OP1   . C   A 1 2   ? -14.308 13.699  20.174  1.00 23.27 ? 2   C   B OP1   1 
ATOM   20   O  OP2   . C   A 1 2   ? -15.079 12.651  18.018  1.00 21.95 ? 2   C   B OP2   1 
ATOM   21   O  "O5'" . C   A 1 2   ? -13.934 11.287  19.629  1.00 20.21 ? 2   C   B "O5'" 1 
ATOM   22   C  "C5'" . C   A 1 2   ? -13.416 10.876  20.903  1.00 20.89 ? 2   C   B "C5'" 1 
ATOM   23   C  "C4'" . C   A 1 2   ? -12.763 9.518   20.739  1.00 21.65 ? 2   C   B "C4'" 1 
ATOM   24   O  "O4'" . C   A 1 2   ? -13.737 8.557   20.270  1.00 22.71 ? 2   C   B "O4'" 1 
ATOM   25   C  "C3'" . C   A 1 2   ? -11.711 9.472   19.652  1.00 22.88 ? 2   C   B "C3'" 1 
ATOM   26   O  "O3'" . C   A 1 2   ? -10.466 9.995   20.077  1.00 24.45 ? 2   C   B "O3'" 1 
ATOM   27   C  "C2'" . C   A 1 2   ? -11.627 7.993   19.372  1.00 24.49 ? 2   C   B "C2'" 1 
ATOM   28   O  "O2'" . C   A 1 2   ? -10.982 7.389   20.458  1.00 26.15 ? 2   C   B "O2'" 1 
ATOM   29   C  "C1'" . C   A 1 2   ? -13.096 7.601   19.437  1.00 24.44 ? 2   C   B "C1'" 1 
ATOM   30   N  N1    . C   A 1 2   ? -13.725 7.608   18.117  1.00 21.87 ? 2   C   B N1    1 
ATOM   31   C  C2    . C   A 1 2   ? -13.515 6.506   17.277  1.00 22.18 ? 2   C   B C2    1 
ATOM   32   O  O2    . C   A 1 2   ? -12.789 5.586   17.668  1.00 20.29 ? 2   C   B O2    1 
ATOM   33   N  N3    . C   A 1 2   ? -14.123 6.468   16.069  1.00 20.30 ? 2   C   B N3    1 
ATOM   34   C  C4    . C   A 1 2   ? -14.854 7.504   15.661  1.00 21.85 ? 2   C   B C4    1 
ATOM   35   N  N4    . C   A 1 2   ? -15.411 7.434   14.449  1.00 22.87 ? 2   C   B N4    1 
ATOM   36   C  C5    . C   A 1 2   ? -15.062 8.651   16.483  1.00 22.05 ? 2   C   B C5    1 
ATOM   37   C  C6    . C   A 1 2   ? -14.465 8.672   17.682  1.00 21.74 ? 2   C   B C6    1 
ATOM   38   P  P     . G   A 1 3   ? -9.509  10.679  19.027  1.00 27.90 ? 3   G   B P     1 
ATOM   39   O  OP1   . G   A 1 3   ? -8.443  11.263  19.794  1.00 27.78 ? 3   G   B OP1   1 
ATOM   40   O  OP2   . G   A 1 3   ? -10.283 11.564  18.161  1.00 29.03 ? 3   G   B OP2   1 
ATOM   41   O  "O5'" . G   A 1 3   ? -9.012  9.440   18.158  1.00 27.10 ? 3   G   B "O5'" 1 
ATOM   42   C  "C5'" . G   A 1 3   ? -8.132  8.470   18.727  1.00 25.84 ? 3   G   B "C5'" 1 
ATOM   43   C  "C4'" . G   A 1 3   ? -7.910  7.348   17.757  1.00 25.43 ? 3   G   B "C4'" 1 
ATOM   44   O  "O4'" . G   A 1 3   ? -9.164  6.692   17.437  1.00 25.24 ? 3   G   B "O4'" 1 
ATOM   45   C  "C3'" . G   A 1 3   ? -7.381  7.737   16.387  1.00 25.30 ? 3   G   B "C3'" 1 
ATOM   46   O  "O3'" . G   A 1 3   ? -6.019  8.141   16.497  1.00 24.17 ? 3   G   B "O3'" 1 
ATOM   47   C  "C2'" . G   A 1 3   ? -7.658  6.455   15.629  1.00 22.12 ? 3   G   B "C2'" 1 
ATOM   48   O  "O2'" . G   A 1 3   ? -6.832  5.356   15.951  1.00 23.02 ? 3   G   B "O2'" 1 
ATOM   49   C  "C1'" . G   A 1 3   ? -9.071  6.157   16.114  1.00 23.68 ? 3   G   B "C1'" 1 
ATOM   50   N  N9    . G   A 1 3   ? -10.095 6.776   15.287  1.00 20.92 ? 3   G   B N9    1 
ATOM   51   C  C8    . G   A 1 3   ? -10.793 7.933   15.532  1.00 22.00 ? 3   G   B C8    1 
ATOM   52   N  N7    . G   A 1 3   ? -11.684 8.191   14.623  1.00 19.25 ? 3   G   B N7    1 
ATOM   53   C  C5    . G   A 1 3   ? -11.532 7.170   13.698  1.00 20.18 ? 3   G   B C5    1 
ATOM   54   C  C6    . G   A 1 3   ? -12.202 6.934   12.482  1.00 20.18 ? 3   G   B C6    1 
ATOM   55   O  O6    . G   A 1 3   ? -13.108 7.592   11.969  1.00 23.18 ? 3   G   B O6    1 
ATOM   56   N  N1    . G   A 1 3   ? -11.721 5.795   11.842  1.00 19.24 ? 3   G   B N1    1 
ATOM   57   C  C2    . G   A 1 3   ? -10.812 4.921   12.376  1.00 18.70 ? 3   G   B C2    1 
ATOM   58   N  N2    . G   A 1 3   ? -10.485 3.870   11.629  1.00 19.27 ? 3   G   B N2    1 
ATOM   59   N  N3    . G   A 1 3   ? -10.162 5.142   13.497  1.00 19.42 ? 3   G   B N3    1 
ATOM   60   C  C4    . G   A 1 3   ? -10.561 6.287   14.097  1.00 18.72 ? 3   G   B C4    1 
ATOM   61   P  P     . A   A 1 4   ? -5.421  9.191   15.508  1.00 24.08 ? 4   A   B P     1 
ATOM   62   O  OP1   . A   A 1 4   ? -4.062  9.464   15.960  1.00 25.90 ? 4   A   B OP1   1 
ATOM   63   O  OP2   . A   A 1 4   ? -6.348  10.281  15.315  1.00 23.88 ? 4   A   B OP2   1 
ATOM   64   O  "O5'" . A   A 1 4   ? -5.394  8.402   14.114  1.00 20.32 ? 4   A   B "O5'" 1 
ATOM   65   C  "C5'" . A   A 1 4   ? -4.595  7.249   13.999  1.00 18.65 ? 4   A   B "C5'" 1 
ATOM   66   C  "C4'" . A   A 1 4   ? -4.868  6.599   12.669  1.00 18.55 ? 4   A   B "C4'" 1 
ATOM   67   O  "O4'" . A   A 1 4   ? -6.242  6.118   12.607  1.00 19.46 ? 4   A   B "O4'" 1 
ATOM   68   C  "C3'" . A   A 1 4   ? -4.750  7.473   11.423  1.00 17.20 ? 4   A   B "C3'" 1 
ATOM   69   O  "O3'" . A   A 1 4   ? -3.347  7.751   11.177  1.00 18.86 ? 4   A   B "O3'" 1 
ATOM   70   C  "C2'" . A   A 1 4   ? -5.472  6.599   10.417  1.00 17.37 ? 4   A   B "C2'" 1 
ATOM   71   O  "O2'" . A   A 1 4   ? -4.672  5.501   9.971   1.00 16.98 ? 4   A   B "O2'" 1 
ATOM   72   C  "C1'" . A   A 1 4   ? -6.656  6.086   11.260  1.00 17.01 ? 4   A   B "C1'" 1 
ATOM   73   N  N9    . A   A 1 4   ? -7.844  6.918   11.115  1.00 17.45 ? 4   A   B N9    1 
ATOM   74   C  C8    . A   A 1 4   ? -8.229  7.985   11.894  1.00 17.58 ? 4   A   B C8    1 
ATOM   75   N  N7    . A   A 1 4   ? -9.280  8.620   11.430  1.00 17.07 ? 4   A   B N7    1 
ATOM   76   C  C5    . A   A 1 4   ? -9.590  7.944   10.254  1.00 16.69 ? 4   A   B C5    1 
ATOM   77   C  C6    . A   A 1 4   ? -10.630 8.100   9.305   1.00 17.07 ? 4   A   B C6    1 
ATOM   78   N  N6    . A   A 1 4   ? -11.575 9.029   9.390   1.00 15.99 ? 4   A   B N6    1 
ATOM   79   N  N1    . A   A 1 4   ? -10.683 7.223   8.279   1.00 17.19 ? 4   A   B N1    1 
ATOM   80   C  C2    . A   A 1 4   ? -9.723  6.293   8.187   1.00 16.67 ? 4   A   B C2    1 
ATOM   81   N  N3    . A   A 1 4   ? -8.729  6.025   9.025   1.00 15.64 ? 4   A   B N3    1 
ATOM   82   C  C4    . A   A 1 4   ? -8.698  6.912   10.035  1.00 17.13 ? 4   A   B C4    1 
ATOM   83   P  P     . C   A 1 5   ? -2.880  8.808   10.092  1.00 18.44 ? 5   C   B P     1 
ATOM   84   O  OP1   . C   A 1 5   ? -1.368  8.783   10.038  1.00 20.46 ? 5   C   B OP1   1 
ATOM   85   O  OP2   . C   A 1 5   ? -3.493  10.129  10.398  1.00 17.26 ? 5   C   B OP2   1 
ATOM   86   O  "O5'" . C   A 1 5   ? -3.587  8.277   8.786   1.00 17.83 ? 5   C   B "O5'" 1 
ATOM   87   C  "C5'" . C   A 1 5   ? -3.927  9.082   7.665   1.00 16.42 ? 5   C   B "C5'" 1 
ATOM   88   C  "C4'" . C   A 1 5   ? -4.672  8.206   6.686   1.00 15.42 ? 5   C   B "C4'" 1 
ATOM   89   O  "O4'" . C   A 1 5   ? -5.923  7.753   7.319   1.00 18.79 ? 5   C   B "O4'" 1 
ATOM   90   C  "C3'" . C   A 1 5   ? -5.123  8.868   5.392   1.00 17.25 ? 5   C   B "C3'" 1 
ATOM   91   O  "O3'" . C   A 1 5   ? -4.053  8.829   4.430   1.00 15.71 ? 5   C   B "O3'" 1 
ATOM   92   C  "C2'" . C   A 1 5   ? -6.327  8.004   5.007   1.00 17.24 ? 5   C   B "C2'" 1 
ATOM   93   O  "O2'" . C   A 1 5   ? -6.066  6.730   4.458   1.00 17.88 ? 5   C   B "O2'" 1 
ATOM   94   C  "C1'" . C   A 1 5   ? -6.985  7.808   6.370   1.00 17.40 ? 5   C   B "C1'" 1 
ATOM   95   N  N1    . C   A 1 5   ? -7.898  8.903   6.723   1.00 16.98 ? 5   C   B N1    1 
ATOM   96   C  C2    . C   A 1 5   ? -9.035  9.086   5.922   1.00 17.55 ? 5   C   B C2    1 
ATOM   97   O  O2    . C   A 1 5   ? -9.254  8.291   5.007   1.00 16.50 ? 5   C   B O2    1 
ATOM   98   N  N3    . C   A 1 5   ? -9.913  10.056  6.238   1.00 16.70 ? 5   C   B N3    1 
ATOM   99   C  C4    . C   A 1 5   ? -9.696  10.826  7.301   1.00 17.02 ? 5   C   B C4    1 
ATOM   100  N  N4    . C   A 1 5   ? -10.551 11.808  7.518   1.00 18.32 ? 5   C   B N4    1 
ATOM   101  C  C5    . C   A 1 5   ? -8.510  10.718  8.083   1.00 16.88 ? 5   C   B C5    1 
ATOM   102  C  C6    . C   A 1 5   ? -7.677  9.709   7.801   1.00 16.26 ? 5   C   B C6    1 
ATOM   103  P  P     . A   A 1 6   ? -3.776  10.117  3.553   1.00 17.85 ? 6   A   B P     1 
ATOM   104  O  OP1   . A   A 1 6   ? -2.551  9.856   2.771   1.00 19.64 ? 6   A   B OP1   1 
ATOM   105  O  OP2   . A   A 1 6   ? -3.980  11.326  4.390   1.00 15.04 ? 6   A   B OP2   1 
ATOM   106  O  "O5'" . A   A 1 6   ? -5.047  10.160  2.607   1.00 17.27 ? 6   A   B "O5'" 1 
ATOM   107  C  "C5'" . A   A 1 6   ? -5.161  9.116   1.618   1.00 16.37 ? 6   A   B "C5'" 1 
ATOM   108  C  "C4'" . A   A 1 6   ? -6.478  9.124   0.927   1.00 17.17 ? 6   A   B "C4'" 1 
ATOM   109  O  "O4'" . A   A 1 6   ? -7.560  9.020   1.907   1.00 16.55 ? 6   A   B "O4'" 1 
ATOM   110  C  "C3'" . A   A 1 6   ? -6.843  10.366  0.102   1.00 17.02 ? 6   A   B "C3'" 1 
ATOM   111  O  "O3'" . A   A 1 6   ? -6.127  10.362  -1.133  1.00 15.96 ? 6   A   B "O3'" 1 
ATOM   112  C  "C2'" . A   A 1 6   ? -8.353  10.204  0.022   1.00 16.04 ? 6   A   B "C2'" 1 
ATOM   113  O  "O2'" . A   A 1 6   ? -8.673  9.215   -0.926  1.00 17.02 ? 6   A   B "O2'" 1 
ATOM   114  C  "C1'" . A   A 1 6   ? -8.664  9.753   1.432   1.00 15.37 ? 6   A   B "C1'" 1 
ATOM   115  N  N9    . A   A 1 6   ? -8.898  10.842  2.357   1.00 17.06 ? 6   A   B N9    1 
ATOM   116  C  C8    . A   A 1 6   ? -8.048  11.345  3.311   1.00 17.39 ? 6   A   B C8    1 
ATOM   117  N  N7    . A   A 1 6   ? -8.573  12.317  4.027   1.00 16.94 ? 6   A   B N7    1 
ATOM   118  C  C5    . A   A 1 6   ? -9.840  12.489  3.480   1.00 18.83 ? 6   A   B C5    1 
ATOM   119  C  C6    . A   A 1 6   ? -10.901 13.361  3.789   1.00 19.89 ? 6   A   B C6    1 
ATOM   120  N  N6    . A   A 1 6   ? -10.855 14.258  4.761   1.00 19.27 ? 6   A   B N6    1 
ATOM   121  N  N1    . A   A 1 6   ? -12.030 13.274  3.045   1.00 18.19 ? 6   A   B N1    1 
ATOM   122  C  C2    . A   A 1 6   ? -12.085 12.354  2.074   1.00 18.63 ? 6   A   B C2    1 
ATOM   123  N  N3    . A   A 1 6   ? -11.154 11.489  1.684   1.00 19.26 ? 6   A   B N3    1 
ATOM   124  C  C4    . A   A 1 6   ? -10.053 11.590  2.449   1.00 18.21 ? 6   A   B C4    1 
ATOM   125  O  "O5'" . DA  B 2 1   ? -18.069 20.325  7.823   1.00 43.65 ? 1   DA  C "O5'" 1 
ATOM   126  C  "C5'" . DA  B 2 1   ? -19.080 20.895  6.974   1.00 41.08 ? 1   DA  C "C5'" 1 
ATOM   127  C  "C4'" . DA  B 2 1   ? -18.880 20.523  5.517   1.00 42.41 ? 1   DA  C "C4'" 1 
ATOM   128  O  "O4'" . DA  B 2 1   ? -17.538 20.820  5.101   1.00 37.85 ? 1   DA  C "O4'" 1 
ATOM   129  C  "C3'" . DA  B 2 1   ? -19.088 19.052  5.166   1.00 40.07 ? 1   DA  C "C3'" 1 
ATOM   130  O  "O3'" . DA  B 2 1   ? -20.232 18.415  5.250   1.00 45.05 ? 1   DA  C "O3'" 1 
ATOM   131  C  "C2'" . DA  B 2 1   ? -18.192 18.812  3.969   1.00 36.83 ? 1   DA  C "C2'" 1 
ATOM   132  C  "C1'" . DA  B 2 1   ? -17.074 19.796  4.204   1.00 35.60 ? 1   DA  C "C1'" 1 
ATOM   133  N  N9    . DA  B 2 1   ? -15.809 19.314  4.732   1.00 27.76 ? 1   DA  C N9    1 
ATOM   134  C  C8    . DA  B 2 1   ? -15.190 19.682  5.900   1.00 23.47 ? 1   DA  C C8    1 
ATOM   135  N  N7    . DA  B 2 1   ? -13.949 19.275  5.990   1.00 26.39 ? 1   DA  C N7    1 
ATOM   136  C  C5    . DA  B 2 1   ? -13.729 18.617  4.783   1.00 24.62 ? 1   DA  C C5    1 
ATOM   137  C  C6    . DA  B 2 1   ? -12.626 17.911  4.281   1.00 23.25 ? 1   DA  C C6    1 
ATOM   138  N  N6    . DA  B 2 1   ? -11.474 17.801  4.933   1.00 22.56 ? 1   DA  C N6    1 
ATOM   139  N  N1    . DA  B 2 1   ? -12.736 17.352  3.057   1.00 25.23 ? 1   DA  C N1    1 
ATOM   140  C  C2    . DA  B 2 1   ? -13.898 17.467  2.397   1.00 26.54 ? 1   DA  C C2    1 
ATOM   141  N  N3    . DA  B 2 1   ? -15.023 18.076  2.781   1.00 25.05 ? 1   DA  C N3    1 
ATOM   142  C  C4    . DA  B 2 1   ? -14.863 18.643  3.995   1.00 27.41 ? 1   DA  C C4    1 
HETATM 143  P  P     . US3 B 2 2   ? -20.693 16.959  5.796   1.00 38.61 ? 2   US3 C P     1 
HETATM 144  N  N1    . US3 B 2 2   ? -16.850 14.760  3.537   1.00 26.38 ? 2   US3 C N1    1 
HETATM 145  C  C2    . US3 B 2 2   ? -15.636 14.438  3.045   1.00 25.68 ? 2   US3 C C2    1 
HETATM 146  SE SE2   . US3 B 2 2   ? -15.343 13.781  1.229   1.00 28.90 ? 2   US3 C SE2   1 
HETATM 147  N  N3    . US3 B 2 2   ? -14.481 14.623  3.830   1.00 21.64 ? 2   US3 C N3    1 
HETATM 148  C  C4    . US3 B 2 2   ? -14.520 15.140  5.078   1.00 21.51 ? 2   US3 C C4    1 
HETATM 149  O  O4    . US3 B 2 2   ? -13.458 15.267  5.657   1.00 21.96 ? 2   US3 C O4    1 
HETATM 150  C  C5    . US3 B 2 2   ? -15.762 15.517  5.623   1.00 25.46 ? 2   US3 C C5    1 
HETATM 151  C  C6    . US3 B 2 2   ? -16.890 15.294  4.857   1.00 22.60 ? 2   US3 C C6    1 
HETATM 152  C  "C1'" . US3 B 2 2   ? -18.044 14.502  2.673   1.00 29.65 ? 2   US3 C "C1'" 1 
HETATM 153  C  "C2'" . US3 B 2 2   ? -19.129 13.743  3.495   1.00 29.93 ? 2   US3 C "C2'" 1 
HETATM 154  O  OP2   . US3 B 2 2   ? -19.972 16.494  7.011   1.00 31.59 ? 2   US3 C OP2   1 
HETATM 155  C  "C3'" . US3 B 2 2   ? -20.364 14.096  2.766   1.00 29.63 ? 2   US3 C "C3'" 1 
HETATM 156  O  "O3'" . US3 B 2 2   ? -20.462 13.099  1.903   1.00 31.95 ? 2   US3 C "O3'" 1 
HETATM 157  C  "C4'" . US3 B 2 2   ? -20.136 15.476  2.248   1.00 31.76 ? 2   US3 C "C4'" 1 
HETATM 158  O  "O4'" . US3 B 2 2   ? -18.614 15.664  2.195   1.00 30.82 ? 2   US3 C "O4'" 1 
HETATM 159  C  "C5'" . US3 B 2 2   ? -20.813 16.474  3.199   1.00 32.43 ? 2   US3 C "C5'" 1 
HETATM 160  O  "O5'" . US3 B 2 2   ? -20.245 16.146  4.454   1.00 30.49 ? 2   US3 C "O5'" 1 
HETATM 161  C  C5A   . US3 B 2 2   ? -15.889 16.038  6.933   1.00 26.94 ? 2   US3 C C5A   1 
HETATM 162  O  OP1   . US3 B 2 2   ? -22.180 17.166  5.773   1.00 43.67 ? 2   US3 C OP1   1 
ATOM   163  P  P     . DG  B 2 3   ? -21.031 11.576  1.920   1.00 29.72 ? 3   DG  C P     1 
ATOM   164  O  OP1   . DG  B 2 3   ? -21.941 11.267  0.819   1.00 29.02 ? 3   DG  C OP1   1 
ATOM   165  O  OP2   . DG  B 2 3   ? -21.332 11.291  3.284   1.00 27.19 ? 3   DG  C OP2   1 
ATOM   166  O  "O5'" . DG  B 2 3   ? -19.688 10.770  1.555   1.00 26.02 ? 3   DG  C "O5'" 1 
ATOM   167  C  "C5'" . DG  B 2 3   ? -19.211 10.710  0.217   1.00 21.07 ? 3   DG  C "C5'" 1 
ATOM   168  C  "C4'" . DG  B 2 3   ? -18.113 9.677   0.173   1.00 21.34 ? 3   DG  C "C4'" 1 
ATOM   169  O  "O4'" . DG  B 2 3   ? -16.985 10.232  0.883   1.00 20.65 ? 3   DG  C "O4'" 1 
ATOM   170  C  "C3'" . DG  B 2 3   ? -18.414 8.345   0.865   1.00 19.26 ? 3   DG  C "C3'" 1 
ATOM   171  O  "O3'" . DG  B 2 3   ? -17.872 7.330   0.005   1.00 20.72 ? 3   DG  C "O3'" 1 
ATOM   172  C  "C2'" . DG  B 2 3   ? -17.651 8.446   2.184   1.00 19.77 ? 3   DG  C "C2'" 1 
ATOM   173  C  "C1'" . DG  B 2 3   ? -16.465 9.308   1.796   1.00 19.59 ? 3   DG  C "C1'" 1 
ATOM   174  N  N9    . DG  B 2 3   ? -15.877 10.074  2.888   1.00 19.58 ? 3   DG  C N9    1 
ATOM   175  C  C8    . DG  B 2 3   ? -16.521 11.040  3.623   1.00 19.02 ? 3   DG  C C8    1 
ATOM   176  N  N7    . DG  B 2 3   ? -15.769 11.559  4.551   1.00 17.91 ? 3   DG  C N7    1 
ATOM   177  C  C5    . DG  B 2 3   ? -14.554 10.909  4.412   1.00 16.91 ? 3   DG  C C5    1 
ATOM   178  C  C6    . DG  B 2 3   ? -13.356 11.067  5.131   1.00 15.83 ? 3   DG  C C6    1 
ATOM   179  O  O6    . DG  B 2 3   ? -13.136 11.820  6.068   1.00 16.36 ? 3   DG  C O6    1 
ATOM   180  N  N1    . DG  B 2 3   ? -12.366 10.204  4.685   1.00 17.01 ? 3   DG  C N1    1 
ATOM   181  C  C2    . DG  B 2 3   ? -12.496 9.352   3.626   1.00 15.10 ? 3   DG  C C2    1 
ATOM   182  N  N2    . DG  B 2 3   ? -11.444 8.582   3.371   1.00 15.61 ? 3   DG  C N2    1 
ATOM   183  N  N3    . DG  B 2 3   ? -13.621 9.186   2.942   1.00 15.14 ? 3   DG  C N3    1 
ATOM   184  C  C4    . DG  B 2 3   ? -14.605 9.981   3.399   1.00 17.35 ? 3   DG  C C4    1 
ATOM   185  P  P     . DT  B 2 4   ? -17.969 5.790   0.384   1.00 21.23 ? 4   DT  C P     1 
ATOM   186  O  OP1   . DT  B 2 4   ? -18.013 5.085   -0.862  1.00 18.78 ? 4   DT  C OP1   1 
ATOM   187  O  OP2   . DT  B 2 4   ? -18.883 5.597   1.501   1.00 17.46 ? 4   DT  C OP2   1 
ATOM   188  O  "O5'" . DT  B 2 4   ? -16.604 5.426   1.126   1.00 18.32 ? 4   DT  C "O5'" 1 
ATOM   189  C  "C5'" . DT  B 2 4   ? -15.414 5.427   0.320   1.00 17.50 ? 4   DT  C "C5'" 1 
ATOM   190  C  "C4'" . DT  B 2 4   ? -14.259 4.925   1.149   1.00 18.71 ? 4   DT  C "C4'" 1 
ATOM   191  O  "O4'" . DT  B 2 4   ? -13.896 5.853   2.207   1.00 19.04 ? 4   DT  C "O4'" 1 
ATOM   192  C  "C3'" . DT  B 2 4   ? -14.531 3.590   1.841   1.00 18.28 ? 4   DT  C "C3'" 1 
ATOM   193  O  "O3'" . DT  B 2 4   ? -13.450 2.752   1.441   1.00 18.36 ? 4   DT  C "O3'" 1 
ATOM   194  C  "C2'" . DT  B 2 4   ? -14.576 3.945   3.317   1.00 19.36 ? 4   DT  C "C2'" 1 
ATOM   195  C  "C1'" . DT  B 2 4   ? -13.575 5.101   3.350   1.00 18.22 ? 4   DT  C "C1'" 1 
ATOM   196  N  N1    . DT  B 2 4   ? -13.649 6.013   4.503   1.00 17.99 ? 4   DT  C N1    1 
ATOM   197  C  C2    . DT  B 2 4   ? -12.553 6.169   5.332   1.00 17.92 ? 4   DT  C C2    1 
ATOM   198  O  O2    . DT  B 2 4   ? -11.514 5.547   5.202   1.00 15.73 ? 4   DT  C O2    1 
ATOM   199  N  N3    . DT  B 2 4   ? -12.714 7.107   6.316   1.00 18.54 ? 4   DT  C N3    1 
ATOM   200  C  C4    . DT  B 2 4   ? -13.840 7.857   6.577   1.00 18.67 ? 4   DT  C C4    1 
ATOM   201  O  O4    . DT  B 2 4   ? -13.833 8.665   7.498   1.00 18.55 ? 4   DT  C O4    1 
ATOM   202  C  C5    . DT  B 2 4   ? -14.954 7.624   5.696   1.00 19.65 ? 4   DT  C C5    1 
ATOM   203  C  C7    . DT  B 2 4   ? -16.229 8.365   5.933   1.00 19.41 ? 4   DT  C C7    1 
ATOM   204  C  C6    . DT  B 2 4   ? -14.805 6.725   4.710   1.00 18.17 ? 4   DT  C C6    1 
ATOM   205  P  P     . DC  B 2 5   ? -13.543 1.167   1.633   1.00 19.10 ? 5   DC  C P     1 
ATOM   206  O  OP1   . DC  B 2 5   ? -12.659 0.528   0.615   1.00 15.04 ? 5   DC  C OP1   1 
ATOM   207  O  OP2   . DC  B 2 5   ? -15.012 0.725   1.643   1.00 22.81 ? 5   DC  C OP2   1 
ATOM   208  O  "O5'" . DC  B 2 5   ? -13.064 0.952   3.124   1.00 17.78 ? 5   DC  C "O5'" 1 
ATOM   209  C  "C5'" . DC  B 2 5   ? -13.848 0.419   4.187   1.00 17.97 ? 5   DC  C "C5'" 1 
ATOM   210  C  "C4'" . DC  B 2 5   ? -13.045 0.651   5.433   1.00 18.84 ? 5   DC  C "C4'" 1 
ATOM   211  O  "O4'" . DC  B 2 5   ? -13.121 2.056   5.778   1.00 19.64 ? 5   DC  C "O4'" 1 
ATOM   212  C  "C3'" . DC  B 2 5   ? -13.523 -0.079  6.687   1.00 20.09 ? 5   DC  C "C3'" 1 
ATOM   213  O  "O3'" . DC  B 2 5   ? -12.784 -1.288  6.751   1.00 21.43 ? 5   DC  C "O3'" 1 
ATOM   214  C  "C2'" . DC  B 2 5   ? -13.164 0.896   7.794   1.00 21.79 ? 5   DC  C "C2'" 1 
ATOM   215  C  "C1'" . DC  B 2 5   ? -12.661 2.152   7.097   1.00 19.28 ? 5   DC  C "C1'" 1 
ATOM   216  N  N1    . DC  B 2 5   ? -13.211 3.367   7.698   1.00 20.65 ? 5   DC  C N1    1 
ATOM   217  C  C2    . DC  B 2 5   ? -12.497 3.957   8.734   1.00 20.34 ? 5   DC  C C2    1 
ATOM   218  O  O2    . DC  B 2 5   ? -11.380 3.515   9.012   1.00 24.95 ? 5   DC  C O2    1 
ATOM   219  N  N3    . DC  B 2 5   ? -13.023 5.019   9.384   1.00 19.23 ? 5   DC  C N3    1 
ATOM   220  C  C4    . DC  B 2 5   ? -14.265 5.412   9.110   1.00 20.48 ? 5   DC  C C4    1 
ATOM   221  N  N4    . DC  B 2 5   ? -14.752 6.441   9.802   1.00 19.85 ? 5   DC  C N4    1 
ATOM   222  C  C5    . DC  B 2 5   ? -15.023 4.834   8.047   1.00 19.98 ? 5   DC  C C5    1 
ATOM   223  C  C6    . DC  B 2 5   ? -14.485 3.784   7.411   1.00 20.31 ? 5   DC  C C6    1 
ATOM   224  P  P     . DG  B 2 6   ? -13.114 -2.432  7.809   1.00 23.75 ? 6   DG  C P     1 
ATOM   225  O  OP1   . DG  B 2 6   ? -12.348 -3.638  7.439   1.00 19.81 ? 6   DG  C OP1   1 
ATOM   226  O  OP2   . DG  B 2 6   ? -14.600 -2.547  7.975   1.00 20.15 ? 6   DG  C OP2   1 
ATOM   227  O  "O5'" . DG  B 2 6   ? -12.646 -1.840  9.191   1.00 21.42 ? 6   DG  C "O5'" 1 
ATOM   228  C  "C5'" . DG  B 2 6   ? -11.222 -1.691  9.466   1.00 24.68 ? 6   DG  C "C5'" 1 
ATOM   229  C  "C4'" . DG  B 2 6   ? -10.978 -1.600  10.949  1.00 26.37 ? 6   DG  C "C4'" 1 
ATOM   230  O  "O4'" . DG  B 2 6   ? -11.319 -0.267  11.406  1.00 29.11 ? 6   DG  C "O4'" 1 
ATOM   231  C  "C3'" . DG  B 2 6   ? -11.818 -2.569  11.787  1.00 28.22 ? 6   DG  C "C3'" 1 
ATOM   232  O  "O3'" . DG  B 2 6   ? -11.015 -3.081  12.857  1.00 28.45 ? 6   DG  C "O3'" 1 
ATOM   233  C  "C2'" . DG  B 2 6   ? -12.969 -1.707  12.262  1.00 26.58 ? 6   DG  C "C2'" 1 
ATOM   234  C  "C1'" . DG  B 2 6   ? -12.284 -0.358  12.464  1.00 26.44 ? 6   DG  C "C1'" 1 
ATOM   235  N  N9    . DG  B 2 6   ? -13.158 0.812   12.370  1.00 23.22 ? 6   DG  C N9    1 
ATOM   236  C  C8    . DG  B 2 6   ? -14.121 1.040   11.421  1.00 24.22 ? 6   DG  C C8    1 
ATOM   237  N  N7    . DG  B 2 6   ? -14.724 2.189   11.568  1.00 25.35 ? 6   DG  C N7    1 
ATOM   238  C  C5    . DG  B 2 6   ? -14.118 2.756   12.678  1.00 23.51 ? 6   DG  C C5    1 
ATOM   239  C  C6    . DG  B 2 6   ? -14.362 3.994   13.322  1.00 22.80 ? 6   DG  C C6    1 
ATOM   240  O  O6    . DG  B 2 6   ? -15.146 4.891   13.000  1.00 21.47 ? 6   DG  C O6    1 
ATOM   241  N  N1    . DG  B 2 6   ? -13.532 4.166   14.421  1.00 22.35 ? 6   DG  C N1    1 
ATOM   242  C  C2    . DG  B 2 6   ? -12.574 3.276   14.835  1.00 21.84 ? 6   DG  C C2    1 
ATOM   243  N  N2    . DG  B 2 6   ? -11.869 3.634   15.905  1.00 19.36 ? 6   DG  C N2    1 
ATOM   244  N  N3    . DG  B 2 6   ? -12.317 2.132   14.227  1.00 20.43 ? 6   DG  C N3    1 
ATOM   245  C  C4    . DG  B 2 6   ? -13.134 1.929   13.173  1.00 22.10 ? 6   DG  C C4    1 
ATOM   246  N  N     . GLU C 3 8   ? 13.631  7.033   16.747  1.00 44.63 ? 62  GLU A N     1 
ATOM   247  C  CA    . GLU C 3 8   ? 12.821  5.805   16.666  1.00 43.71 ? 62  GLU A CA    1 
ATOM   248  C  C     . GLU C 3 8   ? 12.109  5.567   15.291  1.00 33.51 ? 62  GLU A C     1 
ATOM   249  O  O     . GLU C 3 8   ? 11.622  4.477   15.071  1.00 38.72 ? 62  GLU A O     1 
ATOM   250  C  CB    . GLU C 3 8   ? 11.867  5.726   17.837  1.00 41.08 ? 62  GLU A CB    1 
ATOM   251  C  CG    . GLU C 3 8   ? 10.943  6.899   17.949  1.00 42.19 ? 62  GLU A CG    1 
ATOM   252  C  CD    . GLU C 3 8   ? 9.682   6.482   18.576  1.00 54.74 ? 62  GLU A CD    1 
ATOM   253  O  OE1   . GLU C 3 8   ? 9.640   5.348   19.096  1.00 62.01 ? 62  GLU A OE1   1 
ATOM   254  O  OE2   . GLU C 3 8   ? 8.722   7.269   18.536  1.00 68.39 ? 62  GLU A OE2   1 
ATOM   255  N  N     . ILE C 3 9   ? 12.136  6.535   14.377  1.00 28.95 ? 63  ILE A N     1 
ATOM   256  C  CA    . ILE C 3 9   ? 11.876  6.290   12.987  1.00 27.61 ? 63  ILE A CA    1 
ATOM   257  C  C     . ILE C 3 9   ? 12.930  5.291   12.490  1.00 28.17 ? 63  ILE A C     1 
ATOM   258  O  O     . ILE C 3 9   ? 14.171  5.536   12.630  1.00 24.42 ? 63  ILE A O     1 
ATOM   259  C  CB    . ILE C 3 9   ? 12.018  7.545   12.147  1.00 27.94 ? 63  ILE A CB    1 
ATOM   260  C  CG1   . ILE C 3 9   ? 10.926  8.545   12.525  1.00 30.27 ? 63  ILE A CG1   1 
ATOM   261  C  CG2   . ILE C 3 9   ? 11.930  7.229   10.662  1.00 29.20 ? 63  ILE A CG2   1 
ATOM   262  C  CD1   . ILE C 3 9   ? 10.960  9.817   11.722  1.00 28.59 ? 63  ILE A CD1   1 
ATOM   263  N  N     . ILE C 3 10  ? 12.470  4.159   11.938  1.00 25.35 ? 64  ILE A N     1 
ATOM   264  C  CA    . ILE C 3 10  ? 13.372  3.176   11.253  1.00 22.55 ? 64  ILE A CA    1 
ATOM   265  C  C     . ILE C 3 10  ? 13.617  3.724   9.844   1.00 23.85 ? 64  ILE A C     1 
ATOM   266  O  O     . ILE C 3 10  ? 12.764  3.646   8.957   1.00 21.24 ? 64  ILE A O     1 
ATOM   267  C  CB    . ILE C 3 10  ? 12.756  1.771   11.208  1.00 25.66 ? 64  ILE A CB    1 
ATOM   268  C  CG1   . ILE C 3 10  ? 12.245  1.425   12.627  1.00 28.06 ? 64  ILE A CG1   1 
ATOM   269  C  CG2   . ILE C 3 10  ? 13.726  0.799   10.535  1.00 22.19 ? 64  ILE A CG2   1 
ATOM   270  C  CD1   . ILE C 3 10  ? 11.964  -0.033  12.909  1.00 31.95 ? 64  ILE A CD1   1 
ATOM   271  N  N     . TRP C 3 11  ? 14.749  4.386   9.657   1.00 21.79 ? 65  TRP A N     1 
ATOM   272  C  CA    . TRP C 3 11  ? 15.097  5.042   8.391   1.00 22.51 ? 65  TRP A CA    1 
ATOM   273  C  C     . TRP C 3 11  ? 15.374  4.070   7.263   1.00 21.12 ? 65  TRP A C     1 
ATOM   274  O  O     . TRP C 3 11  ? 15.085  4.327   6.083   1.00 20.46 ? 65  TRP A O     1 
ATOM   275  C  CB    . TRP C 3 11  ? 16.293  6.003   8.597   1.00 24.66 ? 65  TRP A CB    1 
ATOM   276  C  CG    . TRP C 3 11  ? 15.875  7.228   9.369   1.00 24.90 ? 65  TRP A CG    1 
ATOM   277  C  CD1   . TRP C 3 11  ? 16.150  7.483   10.674  1.00 26.35 ? 65  TRP A CD1   1 
ATOM   278  C  CD2   . TRP C 3 11  ? 15.062  8.338   8.905   1.00 25.57 ? 65  TRP A CD2   1 
ATOM   279  N  NE1   . TRP C 3 11  ? 15.585  8.683   11.057  1.00 27.26 ? 65  TRP A NE1   1 
ATOM   280  C  CE2   . TRP C 3 11  ? 14.907  9.228   10.005  1.00 28.58 ? 65  TRP A CE2   1 
ATOM   281  C  CE3   . TRP C 3 11  ? 14.460  8.678   7.668   1.00 24.88 ? 65  TRP A CE3   1 
ATOM   282  C  CZ2   . TRP C 3 11  ? 14.147  10.400  9.927   1.00 29.55 ? 65  TRP A CZ2   1 
ATOM   283  C  CZ3   . TRP C 3 11  ? 13.696  9.855   7.579   1.00 27.48 ? 65  TRP A CZ3   1 
ATOM   284  C  CH2   . TRP C 3 11  ? 13.569  10.716  8.704   1.00 30.41 ? 65  TRP A CH2   1 
ATOM   285  N  N     . GLU C 3 12  ? 15.908  2.925   7.614   1.00 21.59 ? 66  GLU A N     1 
ATOM   286  C  CA    . GLU C 3 12  ? 16.175  1.872   6.656   1.00 22.27 ? 66  GLU A CA    1 
ATOM   287  C  C     . GLU C 3 12  ? 14.847  1.113   6.400   1.00 19.92 ? 66  GLU A C     1 
ATOM   288  O  O     . GLU C 3 12  ? 14.580  -0.001  6.911   1.00 17.48 ? 66  GLU A O     1 
ATOM   289  C  CB    . GLU C 3 12  ? 17.289  0.979   7.173   1.00 25.18 ? 66  GLU A CB    1 
ATOM   290  C  CG    . GLU C 3 12  ? 17.816  -0.016  6.147   1.00 26.75 ? 66  GLU A CG    1 
ATOM   291  C  CD    . GLU C 3 12  ? 19.028  -0.755  6.700   1.00 29.36 ? 66  GLU A CD    1 
ATOM   292  O  OE1   . GLU C 3 12  ? 19.962  -0.063  7.135   1.00 32.00 ? 66  GLU A OE1   1 
ATOM   293  O  OE2   . GLU C 3 12  ? 19.049  -1.974  6.731   1.00 27.42 ? 66  GLU A OE2   1 
ATOM   294  N  N     . SER C 3 13  ? 13.979  1.784   5.628   1.00 19.09 ? 67  SER A N     1 
ATOM   295  C  CA    . SER C 3 13  ? 12.634  1.291   5.427   1.00 17.37 ? 67  SER A CA    1 
ATOM   296  C  C     . SER C 3 13  ? 12.076  1.753   4.067   1.00 16.24 ? 67  SER A C     1 
ATOM   297  O  O     . SER C 3 13  ? 12.698  2.551   3.348   1.00 15.83 ? 67  SER A O     1 
ATOM   298  C  CB    . SER C 3 13  ? 11.786  1.728   6.644   1.00 16.06 ? 67  SER A CB    1 
ATOM   299  O  OG    . SER C 3 13  ? 11.618  3.106   6.556   1.00 18.01 ? 67  SER A OG    1 
ATOM   300  N  N     . LEU C 3 14  ? 10.940  1.164   3.697   1.00 15.85 ? 68  LEU A N     1 
ATOM   301  C  CA    . LEU C 3 14  ? 10.211  1.514   2.488   1.00 18.83 ? 68  LEU A CA    1 
ATOM   302  C  C     . LEU C 3 14  ? 8.907   2.179   3.006   1.00 21.75 ? 68  LEU A C     1 
ATOM   303  O  O     . LEU C 3 14  ? 8.263   1.582   3.926   1.00 20.31 ? 68  LEU A O     1 
ATOM   304  C  CB    . LEU C 3 14  ? 9.868   0.248   1.698   1.00 24.91 ? 68  LEU A CB    1 
ATOM   305  C  CG    . LEU C 3 14  ? 8.949   0.426   0.438   1.00 30.27 ? 68  LEU A CG    1 
ATOM   306  C  CD1   . LEU C 3 14  ? 9.547   1.334   -0.605  1.00 32.41 ? 68  LEU A CD1   1 
ATOM   307  C  CD2   . LEU C 3 14  ? 8.653   -0.933  -0.200  1.00 36.65 ? 68  LEU A CD2   1 
ATOM   308  N  N     . SER C 3 15  ? 8.530   3.367   2.488   1.00 16.59 ? 69  SER A N     1 
ATOM   309  C  CA    . SER C 3 15  ? 7.294   4.055   2.912   1.00 15.56 ? 69  SER A CA    1 
ATOM   310  C  C     . SER C 3 15  ? 6.333   4.086   1.706   1.00 16.86 ? 69  SER A C     1 
ATOM   311  O  O     . SER C 3 15  ? 6.777   4.172   0.579   1.00 15.24 ? 69  SER A O     1 
ATOM   312  C  CB    . SER C 3 15  ? 7.601   5.479   3.416   1.00 15.73 ? 69  SER A CB    1 
ATOM   313  O  OG    . SER C 3 15  ? 8.242   5.447   4.662   1.00 17.57 ? 69  SER A OG    1 
ATOM   314  N  N     . VAL C 3 16  ? 5.042   3.838   1.934   1.00 16.76 ? 70  VAL A N     1 
ATOM   315  C  CA    . VAL C 3 16  ? 4.068   3.769   0.874   1.00 16.37 ? 70  VAL A CA    1 
ATOM   316  C  C     . VAL C 3 16  ? 2.891   4.707   1.213   1.00 16.54 ? 70  VAL A C     1 
ATOM   317  O  O     . VAL C 3 16  ? 2.605   4.979   2.348   1.00 15.94 ? 70  VAL A O     1 
ATOM   318  C  CB    . VAL C 3 16  ? 3.546   2.329   0.609   1.00 16.19 ? 70  VAL A CB    1 
ATOM   319  C  CG1   . VAL C 3 16  ? 4.667   1.387   0.193   1.00 18.23 ? 70  VAL A CG1   1 
ATOM   320  C  CG2   . VAL C 3 16  ? 2.751   1.693   1.752   1.00 15.45 ? 70  VAL A CG2   1 
ATOM   321  N  N     . ASP C 3 17  ? 2.259   5.238   0.177   1.00 18.54 ? 71  ASP A N     1 
ATOM   322  C  CA    . ASP C 3 17  ? 1.047   6.021   0.358   1.00 18.00 ? 71  ASP A CA    1 
ATOM   323  C  C     . ASP C 3 17  ? 0.179   5.946   -0.910  1.00 16.83 ? 71  ASP A C     1 
ATOM   324  O  O     . ASP C 3 17  ? 0.663   5.638   -2.012  1.00 15.30 ? 71  ASP A O     1 
ATOM   325  C  CB    . ASP C 3 17  ? 1.389   7.469   0.743   1.00 17.26 ? 71  ASP A CB    1 
ATOM   326  C  CG    . ASP C 3 17  ? 0.227   8.211   1.412   1.00 18.24 ? 71  ASP A CG    1 
ATOM   327  O  OD1   . ASP C 3 17  ? -0.821  7.619   1.724   1.00 22.10 ? 71  ASP A OD1   1 
ATOM   328  O  OD2   . ASP C 3 17  ? 0.297   9.443   1.465   1.00 22.01 ? 71  ASP A OD2   1 
ATOM   329  N  N     . VAL C 3 18  ? -1.104  6.232   -0.721  1.00 16.83 ? 72  VAL A N     1 
ATOM   330  C  CA    . VAL C 3 18  ? -2.058  6.433   -1.769  1.00 16.09 ? 72  VAL A CA    1 
ATOM   331  C  C     . VAL C 3 18  ? -2.271  7.930   -2.017  1.00 17.81 ? 72  VAL A C     1 
ATOM   332  O  O     . VAL C 3 18  ? -2.087  8.730   -1.156  1.00 17.42 ? 72  VAL A O     1 
ATOM   333  C  CB    . VAL C 3 18  ? -3.406  5.717   -1.405  1.00 15.97 ? 72  VAL A CB    1 
ATOM   334  C  CG1   . VAL C 3 18  ? -4.217  6.513   -0.399  1.00 17.12 ? 72  VAL A CG1   1 
ATOM   335  C  CG2   . VAL C 3 18  ? -4.244  5.453   -2.614  1.00 17.75 ? 72  VAL A CG2   1 
ATOM   336  N  N     . GLY C 3 19  ? -2.736  8.233   -3.235  1.00 17.59 ? 73  GLY A N     1 
ATOM   337  C  CA    . GLY C 3 19  ? -3.198  9.540   -3.687  1.00 17.37 ? 73  GLY A CA    1 
ATOM   338  C  C     . GLY C 3 19  ? -4.475  9.304   -4.464  1.00 16.05 ? 73  GLY A C     1 
ATOM   339  O  O     . GLY C 3 19  ? -4.619  8.243   -5.080  1.00 17.79 ? 73  GLY A O     1 
ATOM   340  N  N     . SER C 3 20  ? -5.422  10.251  -4.449  1.00 16.80 ? 74  SER A N     1 
ATOM   341  C  CA    . SER C 3 20  ? -6.622  10.069  -5.269  1.00 17.46 ? 74  SER A CA    1 
ATOM   342  C  C     . SER C 3 20  ? -7.146  11.355  -5.814  1.00 18.52 ? 74  SER A C     1 
ATOM   343  O  O     . SER C 3 20  ? -6.767  12.416  -5.366  1.00 19.30 ? 74  SER A O     1 
ATOM   344  C  CB    . SER C 3 20  ? -7.750  9.317   -4.532  1.00 18.02 ? 74  SER A CB    1 
ATOM   345  O  OG    . SER C 3 20  ? -8.426  10.131  -3.539  1.00 19.81 ? 74  SER A OG    1 
ATOM   346  N  N     . GLN C 3 21  ? -8.090  11.210  -6.720  1.00 19.46 ? 75  GLN A N     1 
ATOM   347  C  CA    . GLN C 3 21  ? -8.923  12.307  -7.130  1.00 19.04 ? 75  GLN A CA    1 
ATOM   348  C  C     . GLN C 3 21  ? -10.333 11.898  -6.909  1.00 18.05 ? 75  GLN A C     1 
ATOM   349  O  O     . GLN C 3 21  ? -10.894 11.169  -7.691  1.00 17.68 ? 75  GLN A O     1 
ATOM   350  C  CB    . GLN C 3 21  ? -8.559  12.629  -8.590  1.00 25.15 ? 75  GLN A CB    1 
ATOM   351  C  CG    . GLN C 3 21  ? -9.388  13.740  -9.177  1.00 28.85 ? 75  GLN A CG    1 
ATOM   352  C  CD    . GLN C 3 21  ? -8.920  14.211  -10.529 1.00 39.38 ? 75  GLN A CD    1 
ATOM   353  O  OE1   . GLN C 3 21  ? -7.704  14.264  -10.844 1.00 41.99 ? 75  GLN A OE1   1 
ATOM   354  N  NE2   . GLN C 3 21  ? -9.885  14.603  -11.334 1.00 39.71 ? 75  GLN A NE2   1 
ATOM   355  N  N     . GLY C 3 22  ? -10.949 12.366  -5.816  1.00 16.78 ? 76  GLY A N     1 
ATOM   356  C  CA    . GLY C 3 22  ? -12.181 11.785  -5.388  1.00 18.96 ? 76  GLY A CA    1 
ATOM   357  C  C     . GLY C 3 22  ? -11.960 10.519  -4.545  1.00 18.67 ? 76  GLY A C     1 
ATOM   358  O  O     . GLY C 3 22  ? -10.894 9.890   -4.549  1.00 15.83 ? 76  GLY A O     1 
ATOM   359  N  N     . ASN C 3 23  ? -13.001 10.154  -3.815  1.00 17.45 ? 77  ASN A N     1 
ATOM   360  C  CA    . ASN C 3 23  ? -12.998 8.918   -3.051  1.00 18.79 ? 77  ASN A CA    1 
ATOM   361  C  C     . ASN C 3 23  ? -14.454 8.467   -2.881  1.00 20.75 ? 77  ASN A C     1 
ATOM   362  O  O     . ASN C 3 23  ? -15.158 9.004   -2.079  1.00 19.58 ? 77  ASN A O     1 
ATOM   363  C  CB    . ASN C 3 23  ? -12.290 9.075   -1.722  1.00 16.79 ? 77  ASN A CB    1 
ATOM   364  C  CG    . ASN C 3 23  ? -12.308 7.826   -0.902  1.00 17.48 ? 77  ASN A CG    1 
ATOM   365  O  OD1   . ASN C 3 23  ? -12.151 6.707   -1.407  1.00 15.06 ? 77  ASN A OD1   1 
ATOM   366  N  ND2   . ASN C 3 23  ? -12.539 7.993   0.362   1.00 17.61 ? 77  ASN A ND2   1 
ATOM   367  N  N     . PRO C 3 24  ? -14.906 7.463   -3.610  1.00 19.33 ? 78  PRO A N     1 
ATOM   368  C  CA    . PRO C 3 24  ? -14.190 6.764   -4.657  1.00 19.70 ? 78  PRO A CA    1 
ATOM   369  C  C     . PRO C 3 24  ? -13.839 7.669   -5.814  1.00 20.84 ? 78  PRO A C     1 
ATOM   370  O  O     . PRO C 3 24  ? -14.585 8.572   -6.079  1.00 19.63 ? 78  PRO A O     1 
ATOM   371  C  CB    . PRO C 3 24  ? -15.226 5.705   -5.086  1.00 20.63 ? 78  PRO A CB    1 
ATOM   372  C  CG    . PRO C 3 24  ? -16.187 5.564   -3.945  1.00 19.15 ? 78  PRO A CG    1 
ATOM   373  C  CD    . PRO C 3 24  ? -16.221 6.870   -3.257  1.00 19.61 ? 78  PRO A CD    1 
ATOM   374  N  N     . GLY C 3 25  ? -12.680 7.473   -6.431  1.00 18.87 ? 79  GLY A N     1 
ATOM   375  C  CA    . GLY C 3 25  ? -12.289 8.164   -7.573  1.00 20.84 ? 79  GLY A CA    1 
ATOM   376  C  C     . GLY C 3 25  ? -11.012 7.541   -8.119  1.00 20.84 ? 79  GLY A C     1 
ATOM   377  O  O     . GLY C 3 25  ? -10.699 6.379   -7.821  1.00 19.80 ? 79  GLY A O     1 
ATOM   378  N  N     . ILE C 3 26  ? -10.258 8.340   -8.859  1.00 20.04 ? 80  ILE A N     1 
ATOM   379  C  CA    . ILE C 3 26  ? -9.053  7.874   -9.507  1.00 20.37 ? 80  ILE A CA    1 
ATOM   380  C  C     . ILE C 3 26  ? -8.054  7.618   -8.393  1.00 21.58 ? 80  ILE A C     1 
ATOM   381  O  O     . ILE C 3 26  ? -7.932  8.451   -7.499  1.00 19.29 ? 80  ILE A O     1 
ATOM   382  C  CB    . ILE C 3 26  ? -8.495  8.909   -10.487 1.00 23.15 ? 80  ILE A CB    1 
ATOM   383  C  CG1   . ILE C 3 26  ? -9.512  9.143   -11.616 1.00 24.74 ? 80  ILE A CG1   1 
ATOM   384  C  CG2   . ILE C 3 26  ? -7.118  8.461   -11.021 1.00 23.78 ? 80  ILE A CG2   1 
ATOM   385  C  CD1   . ILE C 3 26  ? -9.123  10.247  -12.602 1.00 28.43 ? 80  ILE A CD1   1 
ATOM   386  N  N     . VAL C 3 27  ? -7.414  6.452   -8.404  1.00 19.41 ? 81  VAL A N     1 
ATOM   387  C  CA    . VAL C 3 27  ? -6.424  6.094   -7.363  1.00 20.17 ? 81  VAL A CA    1 
ATOM   388  C  C     . VAL C 3 27  ? -5.037  5.771   -7.913  1.00 19.67 ? 81  VAL A C     1 
ATOM   389  O  O     . VAL C 3 27  ? -4.926  5.133   -8.938  1.00 18.25 ? 81  VAL A O     1 
ATOM   390  C  CB    . VAL C 3 27  ? -6.936  4.839   -6.629  1.00 25.74 ? 81  VAL A CB    1 
ATOM   391  C  CG1   . VAL C 3 27  ? -5.848  4.172   -5.806  1.00 30.23 ? 81  VAL A CG1   1 
ATOM   392  C  CG2   . VAL C 3 27  ? -8.119  5.221   -5.751  1.00 22.17 ? 81  VAL A CG2   1 
ATOM   393  N  N     . GLU C 3 28  ? -3.999  6.198   -7.207  1.00 19.09 ? 82  GLU A N     1 
ATOM   394  C  CA    . GLU C 3 28  ? -2.585  5.838   -7.528  1.00 21.11 ? 82  GLU A CA    1 
ATOM   395  C  C     . GLU C 3 28  ? -1.860  5.608   -6.183  1.00 17.19 ? 82  GLU A C     1 
ATOM   396  O  O     . GLU C 3 28  ? -2.357  5.978   -5.140  1.00 19.60 ? 82  GLU A O     1 
ATOM   397  C  CB    . GLU C 3 28  ? -1.850  6.930   -8.308  1.00 22.57 ? 82  GLU A CB    1 
ATOM   398  C  CG    . GLU C 3 28  ? -1.780  8.268   -7.619  1.00 25.19 ? 82  GLU A CG    1 
ATOM   399  C  CD    . GLU C 3 28  ? -1.356  9.413   -8.532  1.00 31.79 ? 82  GLU A CD    1 
ATOM   400  O  OE1   . GLU C 3 28  ? -1.730  10.573  -8.222  1.00 35.93 ? 82  GLU A OE1   1 
ATOM   401  O  OE2   . GLU C 3 28  ? -0.713  9.170   -9.567  1.00 29.20 ? 82  GLU A OE2   1 
ATOM   402  N  N     . TYR C 3 29  ? -0.717  4.978   -6.215  1.00 16.46 ? 83  TYR A N     1 
ATOM   403  C  CA    . TYR C 3 29  ? 0.028   4.748   -4.980  1.00 16.51 ? 83  TYR A CA    1 
ATOM   404  C  C     . TYR C 3 29  ? 1.479   4.632   -5.379  1.00 18.51 ? 83  TYR A C     1 
ATOM   405  O  O     . TYR C 3 29  ? 1.834   4.445   -6.564  1.00 18.81 ? 83  TYR A O     1 
ATOM   406  C  CB    . TYR C 3 29  ? -0.469  3.557   -4.229  1.00 18.97 ? 83  TYR A CB    1 
ATOM   407  C  CG    . TYR C 3 29  ? -0.431  2.239   -4.961  1.00 21.22 ? 83  TYR A CG    1 
ATOM   408  C  CD1   . TYR C 3 29  ? 0.732   1.538   -5.051  1.00 24.80 ? 83  TYR A CD1   1 
ATOM   409  C  CD2   . TYR C 3 29  ? -1.596  1.706   -5.596  1.00 29.34 ? 83  TYR A CD2   1 
ATOM   410  C  CE1   . TYR C 3 29  ? 0.813   0.329   -5.675  1.00 28.14 ? 83  TYR A CE1   1 
ATOM   411  C  CE2   . TYR C 3 29  ? -1.503  0.461   -6.264  1.00 31.22 ? 83  TYR A CE2   1 
ATOM   412  C  CZ    . TYR C 3 29  ? -0.269  -0.194  -6.277  1.00 30.49 ? 83  TYR A CZ    1 
ATOM   413  O  OH    . TYR C 3 29  ? -0.041  -1.397  -6.906  1.00 44.48 ? 83  TYR A OH    1 
ATOM   414  N  N     . LYS C 3 30  ? 2.333   4.807   -4.405  1.00 17.49 ? 84  LYS A N     1 
ATOM   415  C  CA    . LYS C 3 30  ? 3.740   4.714   -4.676  1.00 17.62 ? 84  LYS A CA    1 
ATOM   416  C  C     . LYS C 3 30  ? 4.498   4.316   -3.427  1.00 17.66 ? 84  LYS A C     1 
ATOM   417  O  O     . LYS C 3 30  ? 3.988   4.431   -2.311  1.00 14.13 ? 84  LYS A O     1 
ATOM   418  C  CB    . LYS C 3 30  ? 4.251   6.068   -5.199  1.00 18.22 ? 84  LYS A CB    1 
ATOM   419  C  CG    . LYS C 3 30  ? 4.367   7.221   -4.204  1.00 22.34 ? 84  LYS A CG    1 
ATOM   420  C  CD    . LYS C 3 30  ? 4.931   8.417   -4.972  1.00 25.22 ? 84  LYS A CD    1 
ATOM   421  C  CE    . LYS C 3 30  ? 5.193   9.670   -4.143  1.00 27.33 ? 84  LYS A CE    1 
ATOM   422  N  NZ    . LYS C 3 30  ? 3.972   10.279  -3.663  1.00 27.36 ? 84  LYS A NZ    1 
ATOM   423  N  N     . GLY C 3 31  ? 5.740   3.887   -3.667  1.00 16.86 ? 85  GLY A N     1 
ATOM   424  C  CA    . GLY C 3 31  ? 6.646   3.534   -2.632  1.00 17.68 ? 85  GLY A CA    1 
ATOM   425  C  C     . GLY C 3 31  ? 7.952   4.298   -2.783  1.00 17.04 ? 85  GLY A C     1 
ATOM   426  O  O     . GLY C 3 31  ? 8.506   4.409   -3.906  1.00 18.91 ? 85  GLY A O     1 
ATOM   427  N  N     . VAL C 3 32  ? 8.437   4.829   -1.652  1.00 16.07 ? 86  VAL A N     1 
ATOM   428  C  CA    . VAL C 3 32  ? 9.720   5.549   -1.580  1.00 19.09 ? 86  VAL A CA    1 
ATOM   429  C  C     . VAL C 3 32  ? 10.689  5.064   -0.529  1.00 19.82 ? 86  VAL A C     1 
ATOM   430  O  O     . VAL C 3 32  ? 10.311  4.471   0.491   1.00 20.74 ? 86  VAL A O     1 
ATOM   431  C  CB    . VAL C 3 32  ? 9.462   7.019   -1.326  1.00 19.12 ? 86  VAL A CB    1 
ATOM   432  C  CG1   . VAL C 3 32  ? 8.329   7.511   -2.270  1.00 21.25 ? 86  VAL A CG1   1 
ATOM   433  C  CG2   . VAL C 3 32  ? 9.153   7.308   0.144   1.00 21.63 ? 86  VAL A CG2   1 
ATOM   434  N  N     . ASP C 3 33  ? 11.963  5.291   -0.789  1.00 19.92 ? 87  ASP A N     1 
ATOM   435  C  CA    . ASP C 3 33  ? 12.945  5.075   0.240   1.00 20.75 ? 87  ASP A CA    1 
ATOM   436  C  C     . ASP C 3 33  ? 12.723  6.109   1.329   1.00 20.89 ? 87  ASP A C     1 
ATOM   437  O  O     . ASP C 3 33  ? 12.729  7.314   1.056   1.00 24.43 ? 87  ASP A O     1 
ATOM   438  C  CB    . ASP C 3 33  ? 14.355  5.216   -0.348  1.00 23.90 ? 87  ASP A CB    1 
ATOM   439  C  CG    . ASP C 3 33  ? 15.445  4.842   0.661   1.00 26.13 ? 87  ASP A CG    1 
ATOM   440  O  OD1   . ASP C 3 33  ? 15.464  5.433   1.746   1.00 26.49 ? 87  ASP A OD1   1 
ATOM   441  O  OD2   . ASP C 3 33  ? 16.205  3.918   0.377   1.00 34.03 ? 87  ASP A OD2   1 
ATOM   442  N  N     . THR C 3 34  ? 12.515  5.653   2.566   1.00 19.32 ? 88  THR A N     1 
ATOM   443  C  CA    . THR C 3 34  ? 12.140  6.543   3.670   1.00 20.90 ? 88  THR A CA    1 
ATOM   444  C  C     . THR C 3 34  ? 13.313  7.580   3.910   1.00 24.23 ? 88  THR A C     1 
ATOM   445  O  O     . THR C 3 34  ? 13.096  8.725   4.316   1.00 27.33 ? 88  THR A O     1 
ATOM   446  C  CB    . THR C 3 34  ? 11.853  5.725   4.939   1.00 19.32 ? 88  THR A CB    1 
ATOM   447  O  OG1   . THR C 3 34  ? 10.787  4.738   4.681   1.00 18.20 ? 88  THR A OG1   1 
ATOM   448  C  CG2   . THR C 3 34  ? 11.426  6.645   6.067   1.00 19.35 ? 88  THR A CG2   1 
ATOM   449  N  N     . LYS C 3 35  ? 14.529  7.131   3.685   1.00 26.31 ? 89  LYS A N     1 
ATOM   450  C  CA    . LYS C 3 35  ? 15.693  7.956   4.014   1.00 32.65 ? 89  LYS A CA    1 
ATOM   451  C  C     . LYS C 3 35  ? 15.966  9.019   2.964   1.00 36.29 ? 89  LYS A C     1 
ATOM   452  O  O     . LYS C 3 35  ? 16.207  10.185  3.322   1.00 36.36 ? 89  LYS A O     1 
ATOM   453  C  CB    . LYS C 3 35  ? 16.888  7.070   4.249   1.00 38.10 ? 89  LYS A CB    1 
ATOM   454  C  CG    . LYS C 3 35  ? 18.006  7.799   4.978   1.00 49.85 ? 89  LYS A CG    1 
ATOM   455  C  CD    . LYS C 3 35  ? 18.902  6.842   5.745   1.00 56.02 ? 89  LYS A CD    1 
ATOM   456  C  CE    . LYS C 3 35  ? 19.546  5.823   4.833   1.00 54.17 ? 89  LYS A CE    1 
ATOM   457  N  NZ    . LYS C 3 35  ? 20.900  5.529   5.382   1.00 60.73 ? 89  LYS A NZ    1 
ATOM   458  N  N     . THR C 3 36  ? 15.808  8.670   1.686   1.00 32.99 ? 90  THR A N     1 
ATOM   459  C  CA    . THR C 3 36  ? 16.097  9.624   0.610   1.00 36.77 ? 90  THR A CA    1 
ATOM   460  C  C     . THR C 3 36  ? 14.912  10.202  -0.096  1.00 40.17 ? 90  THR A C     1 
ATOM   461  O  O     . THR C 3 36  ? 15.062  11.173  -0.804  1.00 42.90 ? 90  THR A O     1 
ATOM   462  C  CB    . THR C 3 36  ? 16.945  8.951   -0.444  1.00 36.27 ? 90  THR A CB    1 
ATOM   463  O  OG1   . THR C 3 36  ? 16.162  7.949   -1.084  1.00 34.65 ? 90  THR A OG1   1 
ATOM   464  C  CG2   . THR C 3 36  ? 18.159  8.274   0.196   1.00 35.90 ? 90  THR A CG2   1 
ATOM   465  N  N     . GLY C 3 37  ? 13.731  9.601   0.020   1.00 34.71 ? 91  GLY A N     1 
ATOM   466  C  CA    . GLY C 3 37  ? 12.612  10.008  -0.815  1.00 31.39 ? 91  GLY A CA    1 
ATOM   467  C  C     . GLY C 3 37  ? 12.661  9.492   -2.246  1.00 29.08 ? 91  GLY A C     1 
ATOM   468  O  O     . GLY C 3 37  ? 11.728  9.724   -3.032  1.00 30.16 ? 91  GLY A O     1 
ATOM   469  N  N     . GLU C 3 38  ? 13.686  8.735   -2.597  1.00 24.66 ? 92  GLU A N     1 
ATOM   470  C  CA    . GLU C 3 38  ? 13.681  8.149   -3.928  1.00 26.92 ? 92  GLU A CA    1 
ATOM   471  C  C     . GLU C 3 38  ? 12.389  7.336   -4.166  1.00 24.96 ? 92  GLU A C     1 
ATOM   472  O  O     . GLU C 3 38  ? 12.050  6.466   -3.383  1.00 22.09 ? 92  GLU A O     1 
ATOM   473  C  CB    . GLU C 3 38  ? 14.870  7.231   -4.121  1.00 25.00 ? 92  GLU A CB    1 
ATOM   474  C  CG    . GLU C 3 38  ? 14.962  6.768   -5.563  1.00 29.89 ? 92  GLU A CG    1 
ATOM   475  C  CD    . GLU C 3 38  ? 16.098  5.773   -5.823  1.00 38.05 ? 92  GLU A CD    1 
ATOM   476  O  OE1   . GLU C 3 38  ? 16.924  5.528   -4.910  1.00 36.83 ? 92  GLU A OE1   1 
ATOM   477  O  OE2   . GLU C 3 38  ? 16.143  5.201   -6.944  1.00 38.38 ? 92  GLU A OE2   1 
ATOM   478  N  N     . VAL C 3 39  ? 11.776  7.570   -5.300  1.00 23.82 ? 93  VAL A N     1 
ATOM   479  C  CA    . VAL C 3 39  ? 10.597  6.810   -5.721  1.00 26.02 ? 93  VAL A CA    1 
ATOM   480  C  C     . VAL C 3 39  ? 11.011  5.472   -6.293  1.00 24.24 ? 93  VAL A C     1 
ATOM   481  O  O     . VAL C 3 39  ? 11.632  5.405   -7.375  1.00 22.95 ? 93  VAL A O     1 
ATOM   482  C  CB    . VAL C 3 39  ? 9.723   7.577   -6.730  1.00 26.19 ? 93  VAL A CB    1 
ATOM   483  C  CG1   . VAL C 3 39  ? 8.472   6.731   -7.126  1.00 24.45 ? 93  VAL A CG1   1 
ATOM   484  C  CG2   . VAL C 3 39  ? 9.277   8.916   -6.122  1.00 25.15 ? 93  VAL A CG2   1 
ATOM   485  N  N     . LEU C 3 40  ? 10.622  4.388   -5.626  1.00 18.87 ? 94  LEU A N     1 
ATOM   486  C  CA    . LEU C 3 40  ? 11.030  3.081   -6.086  1.00 19.13 ? 94  LEU A CA    1 
ATOM   487  C  C     . LEU C 3 40  ? 9.974   2.421   -6.970  1.00 18.73 ? 94  LEU A C     1 
ATOM   488  O  O     . LEU C 3 40  ? 10.296  1.600   -7.828  1.00 18.35 ? 94  LEU A O     1 
ATOM   489  C  CB    . LEU C 3 40  ? 11.369  2.229   -4.895  1.00 20.40 ? 94  LEU A CB    1 
ATOM   490  C  CG    . LEU C 3 40  ? 12.433  2.786   -3.959  1.00 23.08 ? 94  LEU A CG    1 
ATOM   491  C  CD1   . LEU C 3 40  ? 12.500  1.922   -2.709  1.00 23.61 ? 94  LEU A CD1   1 
ATOM   492  C  CD2   . LEU C 3 40  ? 13.816  2.896   -4.559  1.00 21.58 ? 94  LEU A CD2   1 
ATOM   493  N  N     . PHE C 3 41  ? 8.703   2.702   -6.726  1.00 17.76 ? 95  PHE A N     1 
ATOM   494  C  CA    . PHE C 3 41  ? 7.644   2.227   -7.597  1.00 17.04 ? 95  PHE A CA    1 
ATOM   495  C  C     . PHE C 3 41  ? 6.447   3.181   -7.569  1.00 18.77 ? 95  PHE A C     1 
ATOM   496  O  O     . PHE C 3 41  ? 6.228   3.840   -6.559  1.00 18.00 ? 95  PHE A O     1 
ATOM   497  C  CB    . PHE C 3 41  ? 7.230   0.762   -7.302  1.00 16.76 ? 95  PHE A CB    1 
ATOM   498  C  CG    . PHE C 3 41  ? 6.647   0.526   -5.949  1.00 16.06 ? 95  PHE A CG    1 
ATOM   499  C  CD1   . PHE C 3 41  ? 5.331   0.877   -5.647  1.00 14.83 ? 95  PHE A CD1   1 
ATOM   500  C  CD2   . PHE C 3 41  ? 7.447   -0.057  -4.964  1.00 17.31 ? 95  PHE A CD2   1 
ATOM   501  C  CE1   . PHE C 3 41  ? 4.815   0.637   -4.355  1.00 18.21 ? 95  PHE A CE1   1 
ATOM   502  C  CE2   . PHE C 3 41  ? 6.965   -0.255  -3.686  1.00 16.40 ? 95  PHE A CE2   1 
ATOM   503  C  CZ    . PHE C 3 41  ? 5.634   0.049   -3.385  1.00 17.39 ? 95  PHE A CZ    1 
ATOM   504  N  N     . GLU C 3 42  ? 5.714   3.287   -8.684  1.00 21.07 ? 96  GLU A N     1 
ATOM   505  C  CA    . GLU C 3 42  ? 4.516   4.115   -8.729  1.00 22.16 ? 96  GLU A CA    1 
ATOM   506  C  C     . GLU C 3 42  ? 3.531   3.464   -9.670  1.00 22.89 ? 96  GLU A C     1 
ATOM   507  O  O     . GLU C 3 42  ? 3.849   3.227   -10.849 1.00 20.46 ? 96  GLU A O     1 
ATOM   508  C  CB    . GLU C 3 42  ? 4.734   5.569   -9.165  1.00 24.02 ? 96  GLU A CB    1 
ATOM   509  C  CG    . GLU C 3 42  ? 3.413   6.361   -9.027  1.00 28.75 ? 96  GLU A CG    1 
ATOM   510  C  CD    . GLU C 3 42  ? 3.544   7.852   -8.887  1.00 32.55 ? 96  GLU A CD    1 
ATOM   511  O  OE1   . GLU C 3 42  ? 4.495   8.390   -9.454  1.00 32.10 ? 96  GLU A OE1   1 
ATOM   512  O  OE2   . GLU C 3 42  ? 2.673   8.470   -8.230  1.00 30.19 ? 96  GLU A OE2   1 
ATOM   513  N  N     . ARG C 3 43  ? 2.354   3.155   -9.136  1.00 19.30 ? 97  ARG A N     1 
ATOM   514  C  CA    . ARG C 3 43  ? 1.309   2.492   -9.881  1.00 19.49 ? 97  ARG A CA    1 
ATOM   515  C  C     . ARG C 3 43  ? 0.592   3.517   -10.795 1.00 18.81 ? 97  ARG A C     1 
ATOM   516  O  O     . ARG C 3 43  ? 0.176   4.605   -10.314 1.00 17.24 ? 97  ARG A O     1 
ATOM   517  C  CB    . ARG C 3 43  ? 0.286   1.901   -8.872  1.00 20.13 ? 97  ARG A CB    1 
ATOM   518  C  CG    . ARG C 3 43  ? -1.006  1.332   -9.450  1.00 24.02 ? 97  ARG A CG    1 
ATOM   519  C  CD    . ARG C 3 43  ? -0.758  0.178   -10.382 1.00 25.97 ? 97  ARG A CD    1 
ATOM   520  N  NE    . ARG C 3 43  ? -1.771  0.139   -11.413 1.00 32.02 ? 97  ARG A NE    1 
ATOM   521  C  CZ    . ARG C 3 43  ? -2.080  -0.934  -12.138 1.00 32.92 ? 97  ARG A CZ    1 
ATOM   522  N  NH1   . ARG C 3 43  ? -1.454  -2.081  -11.983 1.00 32.27 ? 97  ARG A NH1   1 
ATOM   523  N  NH2   . ARG C 3 43  ? -3.035  -0.855  -13.053 1.00 37.62 ? 97  ARG A NH2   1 
ATOM   524  N  N     . GLU C 3 44  ? 0.363   3.127   -12.042 1.00 18.28 ? 98  GLU A N     1 
ATOM   525  C  CA    . GLU C 3 44  ? -0.376  3.941   -13.011 1.00 21.12 ? 98  GLU A CA    1 
ATOM   526  C  C     . GLU C 3 44  ? -1.796  4.164   -12.496 1.00 19.74 ? 98  GLU A C     1 
ATOM   527  O  O     . GLU C 3 44  ? -2.332  3.263   -11.925 1.00 16.73 ? 98  GLU A O     1 
ATOM   528  C  CB    . GLU C 3 44  ? -0.486  3.159   -14.314 1.00 22.16 ? 98  GLU A CB    1 
ATOM   529  C  CG    . GLU C 3 44  ? -1.326  3.796   -15.398 1.00 25.48 ? 98  GLU A CG    1 
ATOM   530  C  CD    . GLU C 3 44  ? -1.311  3.086   -16.752 1.00 28.56 ? 98  GLU A CD    1 
ATOM   531  O  OE1   . GLU C 3 44  ? -2.037  3.611   -17.630 1.00 27.90 ? 98  GLU A OE1   1 
ATOM   532  O  OE2   . GLU C 3 44  ? -0.665  2.031   -16.964 1.00 21.74 ? 98  GLU A OE2   1 
ATOM   533  N  N     . PRO C 3 45  ? -2.373  5.359   -12.665 1.00 22.23 ? 99  PRO A N     1 
ATOM   534  C  CA    . PRO C 3 45  ? -3.678  5.533   -11.974 1.00 20.02 ? 99  PRO A CA    1 
ATOM   535  C  C     . PRO C 3 45  ? -4.761  4.621   -12.419 1.00 21.72 ? 99  PRO A C     1 
ATOM   536  O  O     . PRO C 3 45  ? -4.798  4.186   -13.565 1.00 20.56 ? 99  PRO A O     1 
ATOM   537  C  CB    . PRO C 3 45  ? -4.053  6.999   -12.240 1.00 22.73 ? 99  PRO A CB    1 
ATOM   538  C  CG    . PRO C 3 45  ? -2.759  7.664   -12.565 1.00 22.76 ? 99  PRO A CG    1 
ATOM   539  C  CD    . PRO C 3 45  ? -1.836  6.656   -13.149 1.00 20.40 ? 99  PRO A CD    1 
ATOM   540  N  N     . ILE C 3 46  ? -5.589  4.236   -11.456 1.00 21.00 ? 100 ILE A N     1 
ATOM   541  C  CA    . ILE C 3 46  ? -6.610  3.259   -11.643 1.00 21.35 ? 100 ILE A CA    1 
ATOM   542  C  C     . ILE C 3 46  ? -7.868  4.144   -11.692 1.00 26.56 ? 100 ILE A C     1 
ATOM   543  O  O     . ILE C 3 46  ? -8.026  4.991   -10.840 1.00 20.94 ? 100 ILE A O     1 
ATOM   544  C  CB    . ILE C 3 46  ? -6.637  2.282   -10.442 1.00 23.95 ? 100 ILE A CB    1 
ATOM   545  C  CG1   . ILE C 3 46  ? -5.353  1.452   -10.381 1.00 23.16 ? 100 ILE A CG1   1 
ATOM   546  C  CG2   . ILE C 3 46  ? -7.831  1.364   -10.513 1.00 25.32 ? 100 ILE A CG2   1 
ATOM   547  C  CD1   . ILE C 3 46  ? -5.004  1.036   -8.978  1.00 23.73 ? 100 ILE A CD1   1 
ATOM   548  N  N     . PRO C 3 47  ? -8.767  3.920   -12.659 1.00 25.05 ? 101 PRO A N     1 
ATOM   549  C  CA    . PRO C 3 47  ? -9.825  4.903   -12.817 1.00 26.37 ? 101 PRO A CA    1 
ATOM   550  C  C     . PRO C 3 47  ? -10.797 5.012   -11.685 1.00 22.76 ? 101 PRO A C     1 
ATOM   551  O  O     . PRO C 3 47  ? -11.177 6.146   -11.362 1.00 25.39 ? 101 PRO A O     1 
ATOM   552  C  CB    . PRO C 3 47  ? -10.512 4.491   -14.145 1.00 26.52 ? 101 PRO A CB    1 
ATOM   553  C  CG    . PRO C 3 47  ? -9.389  3.847   -14.915 1.00 27.29 ? 101 PRO A CG    1 
ATOM   554  C  CD    . PRO C 3 47  ? -8.697  3.013   -13.833 1.00 26.39 ? 101 PRO A CD    1 
ATOM   555  N  N     . ILE C 3 48  ? -11.188 3.916   -11.063 1.00 20.85 ? 102 ILE A N     1 
ATOM   556  C  CA    . ILE C 3 48  ? -12.001 4.035   -9.838  1.00 23.43 ? 102 ILE A CA    1 
ATOM   557  C  C     . ILE C 3 48  ? -11.577 3.058   -8.714  1.00 24.33 ? 102 ILE A C     1 
ATOM   558  O  O     . ILE C 3 48  ? -11.458 1.833   -8.947  1.00 23.16 ? 102 ILE A O     1 
ATOM   559  C  CB    . ILE C 3 48  ? -13.513 3.800   -10.113 1.00 27.40 ? 102 ILE A CB    1 
ATOM   560  C  CG1   . ILE C 3 48  ? -14.025 4.719   -11.229 1.00 31.59 ? 102 ILE A CG1   1 
ATOM   561  C  CG2   . ILE C 3 48  ? -14.303 4.004   -8.846  1.00 28.68 ? 102 ILE A CG2   1 
ATOM   562  C  CD1   . ILE C 3 48  ? -14.035 6.201   -10.906 1.00 37.06 ? 102 ILE A CD1   1 
ATOM   563  N  N     . GLY C 3 49  ? -11.454 3.607   -7.508  1.00 20.03 ? 103 GLY A N     1 
ATOM   564  C  CA    . GLY C 3 49  ? -11.059 2.884   -6.331  1.00 18.74 ? 103 GLY A CA    1 
ATOM   565  C  C     . GLY C 3 49  ? -11.367 3.671   -5.096  1.00 18.30 ? 103 GLY A C     1 
ATOM   566  O  O     . GLY C 3 49  ? -11.795 4.778   -5.224  1.00 18.14 ? 103 GLY A O     1 
ATOM   567  N  N     . THR C 3 50  ? -11.156 3.069   -3.911  1.00 17.08 ? 104 THR A N     1 
ATOM   568  C  CA    . THR C 3 50  ? -11.225 3.787   -2.644  1.00 17.99 ? 104 THR A CA    1 
ATOM   569  C  C     . THR C 3 50  ? -9.811  4.014   -2.086  1.00 17.67 ? 104 THR A C     1 
ATOM   570  O  O     . THR C 3 50  ? -8.858  3.359   -2.543  1.00 18.48 ? 104 THR A O     1 
ATOM   571  C  CB    . THR C 3 50  ? -11.994 3.004   -1.585  1.00 18.62 ? 104 THR A CB    1 
ATOM   572  O  OG1   . THR C 3 50  ? -11.244 1.849   -1.161  1.00 16.35 ? 104 THR A OG1   1 
ATOM   573  C  CG2   . THR C 3 50  ? -13.385 2.610   -2.139  1.00 19.41 ? 104 THR A CG2   1 
ATOM   574  N  N     . ASN C 3 51  ? -9.732  4.950   -1.146  1.00 17.62 ? 105 ASN A N     1 
ATOM   575  C  CA    . ASN C 3 51  ? -8.493  5.219   -0.437  1.00 18.42 ? 105 ASN A CA    1 
ATOM   576  C  C     . ASN C 3 51  ? -7.955  3.946   0.166   1.00 17.27 ? 105 ASN A C     1 
ATOM   577  O  O     . ASN C 3 51  ? -6.765  3.625   0.035   1.00 18.71 ? 105 ASN A O     1 
ATOM   578  C  CB    . ASN C 3 51  ? -8.679  6.290   0.626   1.00 18.35 ? 105 ASN A CB    1 
ATOM   579  C  CG    . ASN C 3 51  ? -9.701  5.922   1.722   1.00 17.05 ? 105 ASN A CG    1 
ATOM   580  O  OD1   . ASN C 3 51  ? -10.777 5.419   1.475   1.00 16.57 ? 105 ASN A OD1   1 
ATOM   581  N  ND2   . ASN C 3 51  ? -9.344  6.259   2.954   1.00 17.16 ? 105 ASN A ND2   1 
ATOM   582  N  N     . ASN C 3 52  ? -8.840  3.159   0.772   1.00 15.97 ? 106 ASN A N     1 
ATOM   583  C  CA    . ASN C 3 52  ? -8.345  2.012   1.547   1.00 15.71 ? 106 ASN A CA    1 
ATOM   584  C  C     . ASN C 3 52  ? -7.891  0.926   0.632   1.00 16.15 ? 106 ASN A C     1 
ATOM   585  O  O     . ASN C 3 52  ? -6.904  0.259   0.932   1.00 14.46 ? 106 ASN A O     1 
ATOM   586  C  CB    . ASN C 3 52  ? -9.379  1.551   2.563   1.00 15.12 ? 106 ASN A CB    1 
ATOM   587  C  CG    . ASN C 3 52  ? -9.572  2.569   3.632   1.00 16.38 ? 106 ASN A CG    1 
ATOM   588  O  OD1   . ASN C 3 52  ? -8.572  3.207   4.125   1.00 17.51 ? 106 ASN A OD1   1 
ATOM   589  N  ND2   . ASN C 3 52  ? -10.809 2.811   3.992   1.00 15.60 ? 106 ASN A ND2   1 
ATOM   590  N  N     . MET C 3 53  ? -8.565  0.758   -0.512  1.00 16.26 ? 107 MET A N     1 
ATOM   591  C  CA    . MET C 3 53  ? -8.061  -0.211  -1.474  1.00 16.23 ? 107 MET A CA    1 
ATOM   592  C  C     . MET C 3 53  ? -6.642  0.177   -1.932  1.00 16.92 ? 107 MET A C     1 
ATOM   593  O  O     . MET C 3 53  ? -5.793  -0.697  -2.076  1.00 16.08 ? 107 MET A O     1 
ATOM   594  C  CB    . MET C 3 53  ? -8.964  -0.299  -2.701  1.00 17.38 ? 107 MET A CB    1 
ATOM   595  C  CG    . MET C 3 53  ? -10.264 -1.012  -2.426  1.00 20.00 ? 107 MET A CG    1 
ATOM   596  S  SD    . MET C 3 53  ? -11.300 -0.913  -3.917  1.00 25.50 ? 107 MET A SD    1 
ATOM   597  C  CE    . MET C 3 53  ? -12.271 -2.424  -3.877  1.00 25.61 ? 107 MET A CE    1 
ATOM   598  N  N     . GLY C 3 54  ? -6.425  1.469   -2.213  1.00 14.08 ? 108 GLY A N     1 
ATOM   599  C  CA    . GLY C 3 54  ? -5.143  1.929   -2.683  1.00 15.01 ? 108 GLY A CA    1 
ATOM   600  C  C     . GLY C 3 54  ? -4.094  1.777   -1.575  1.00 14.51 ? 108 GLY A C     1 
ATOM   601  O  O     . GLY C 3 54  ? -2.912  1.458   -1.835  1.00 15.44 ? 108 GLY A O     1 
ATOM   602  N  N     . GLU C 3 55  ? -4.489  2.112   -0.346  1.00 13.49 ? 109 GLU A N     1 
ATOM   603  C  CA    . GLU C 3 55  ? -3.535  1.968   0.789   1.00 15.65 ? 109 GLU A CA    1 
ATOM   604  C  C     . GLU C 3 55  ? -3.083  0.507   0.895   1.00 15.26 ? 109 GLU A C     1 
ATOM   605  O  O     . GLU C 3 55  ? -1.929  0.212   1.136   1.00 15.00 ? 109 GLU A O     1 
ATOM   606  C  CB    . GLU C 3 55  ? -4.175  2.493   2.117   1.00 15.31 ? 109 GLU A CB    1 
ATOM   607  C  CG    . GLU C 3 55  ? -4.530  3.976   2.224   1.00 17.72 ? 109 GLU A CG    1 
ATOM   608  C  CD    . GLU C 3 55  ? -3.397  4.954   2.627   1.00 18.34 ? 109 GLU A CD    1 
ATOM   609  O  OE1   . GLU C 3 55  ? -2.206  4.601   2.562   1.00 21.16 ? 109 GLU A OE1   1 
ATOM   610  O  OE2   . GLU C 3 55  ? -3.776  6.071   3.062   1.00 17.15 ? 109 GLU A OE2   1 
ATOM   611  N  N     . PHE C 3 56  ? -4.038  -0.419  0.719   1.00 14.92 ? 110 PHE A N     1 
ATOM   612  C  CA    . PHE C 3 56  ? -3.778  -1.851  0.811   1.00 15.55 ? 110 PHE A CA    1 
ATOM   613  C  C     . PHE C 3 56  ? -2.923  -2.335  -0.331  1.00 16.85 ? 110 PHE A C     1 
ATOM   614  O  O     . PHE C 3 56  ? -1.943  -3.110  -0.117  1.00 15.31 ? 110 PHE A O     1 
ATOM   615  C  CB    . PHE C 3 56  ? -5.133  -2.603  0.853   1.00 15.11 ? 110 PHE A CB    1 
ATOM   616  C  CG    . PHE C 3 56  ? -5.055  -4.097  0.630   1.00 15.00 ? 110 PHE A CG    1 
ATOM   617  C  CD1   . PHE C 3 56  ? -4.824  -4.968  1.721   1.00 15.67 ? 110 PHE A CD1   1 
ATOM   618  C  CD2   . PHE C 3 56  ? -5.312  -4.652  -0.622  1.00 16.47 ? 110 PHE A CD2   1 
ATOM   619  C  CE1   . PHE C 3 56  ? -4.844  -6.334  1.600   1.00 15.32 ? 110 PHE A CE1   1 
ATOM   620  C  CE2   . PHE C 3 56  ? -5.296  -6.020  -0.768  1.00 17.71 ? 110 PHE A CE2   1 
ATOM   621  C  CZ    . PHE C 3 56  ? -5.052  -6.878  0.329   1.00 16.30 ? 110 PHE A CZ    1 
ATOM   622  N  N     . LEU C 3 57  ? -3.267  -1.911  -1.562  1.00 15.08 ? 111 LEU A N     1 
ATOM   623  C  CA    . LEU C 3 57  ? -2.467  -2.328  -2.693  1.00 13.79 ? 111 LEU A CA    1 
ATOM   624  C  C     . LEU C 3 57  ? -1.004  -1.850  -2.533  1.00 13.63 ? 111 LEU A C     1 
ATOM   625  O  O     . LEU C 3 57  ? -0.085  -2.541  -2.947  1.00 11.75 ? 111 LEU A O     1 
ATOM   626  C  CB    . LEU C 3 57  ? -3.030  -1.804  -4.016  1.00 15.15 ? 111 LEU A CB    1 
ATOM   627  C  CG    . LEU C 3 57  ? -4.388  -2.454  -4.399  1.00 16.44 ? 111 LEU A CG    1 
ATOM   628  C  CD1   . LEU C 3 57  ? -4.937  -1.850  -5.679  1.00 18.32 ? 111 LEU A CD1   1 
ATOM   629  C  CD2   . LEU C 3 57  ? -4.242  -3.929  -4.644  1.00 18.54 ? 111 LEU A CD2   1 
ATOM   630  N  N     . ALA C 3 58  ? -0.806  -0.660  -1.975  1.00 12.99 ? 112 ALA A N     1 
ATOM   631  C  CA    . ALA C 3 58  ? 0.525   -0.118  -1.837  1.00 14.51 ? 112 ALA A CA    1 
ATOM   632  C  C     . ALA C 3 58  ? 1.358   -0.957  -0.895  1.00 14.49 ? 112 ALA A C     1 
ATOM   633  O  O     . ALA C 3 58  ? 2.538   -1.227  -1.154  1.00 14.44 ? 112 ALA A O     1 
ATOM   634  C  CB    . ALA C 3 58  ? 0.455   1.344   -1.300  1.00 13.75 ? 112 ALA A CB    1 
ATOM   635  N  N     . ILE C 3 59  ? 0.758   -1.380  0.218   1.00 14.51 ? 113 ILE A N     1 
ATOM   636  C  CA    . ILE C 3 59  ? 1.534   -2.234  1.114   1.00 14.28 ? 113 ILE A CA    1 
ATOM   637  C  C     . ILE C 3 59  ? 1.887   -3.573  0.464   1.00 14.71 ? 113 ILE A C     1 
ATOM   638  O  O     . ILE C 3 59  ? 3.047   -4.085  0.582   1.00 14.10 ? 113 ILE A O     1 
ATOM   639  C  CB    . ILE C 3 59  ? 0.805   -2.473  2.427   1.00 14.71 ? 113 ILE A CB    1 
ATOM   640  C  CG1   . ILE C 3 59  ? 0.553   -1.134  3.120   1.00 14.85 ? 113 ILE A CG1   1 
ATOM   641  C  CG2   . ILE C 3 59  ? 1.560   -3.479  3.315   1.00 14.59 ? 113 ILE A CG2   1 
ATOM   642  C  CD1   . ILE C 3 59  ? -0.312  -1.217  4.370   1.00 15.39 ? 113 ILE A CD1   1 
ATOM   643  N  N     . VAL C 3 60  ? 0.875   -4.224  -0.153  1.00 14.23 ? 114 VAL A N     1 
ATOM   644  C  CA    . VAL C 3 60  ? 1.153   -5.486  -0.815  1.00 13.59 ? 114 VAL A CA    1 
ATOM   645  C  C     . VAL C 3 60  ? 2.220   -5.394  -1.925  1.00 13.39 ? 114 VAL A C     1 
ATOM   646  O  O     . VAL C 3 60  ? 3.079   -6.256  -2.033  1.00 15.45 ? 114 VAL A O     1 
ATOM   647  C  CB    . VAL C 3 60  ? -0.102  -6.262  -1.309  1.00 13.91 ? 114 VAL A CB    1 
ATOM   648  C  CG1   . VAL C 3 60  ? 0.312   -7.630  -1.810  1.00 15.51 ? 114 VAL A CG1   1 
ATOM   649  C  CG2   . VAL C 3 60  ? -1.102  -6.420  -0.159  1.00 14.10 ? 114 VAL A CG2   1 
ATOM   650  N  N     . HIS C 3 61  ? 2.140   -4.372  -2.753  1.00 14.58 ? 115 HIS A N     1 
ATOM   651  C  CA    . HIS C 3 61  ? 3.143   -4.117  -3.771  1.00 15.84 ? 115 HIS A CA    1 
ATOM   652  C  C     . HIS C 3 61  ? 4.500   -3.931  -3.099  1.00 15.07 ? 115 HIS A C     1 
ATOM   653  O  O     . HIS C 3 61  ? 5.490   -4.476  -3.539  1.00 14.97 ? 115 HIS A O     1 
ATOM   654  C  CB    . HIS C 3 61  ? 2.810   -2.889  -4.585  1.00 18.71 ? 115 HIS A CB    1 
ATOM   655  C  CG    . HIS C 3 61  ? 3.598   -2.808  -5.832  1.00 20.54 ? 115 HIS A CG    1 
ATOM   656  N  ND1   . HIS C 3 61  ? 3.082   -3.216  -7.024  1.00 25.49 ? 115 HIS A ND1   1 
ATOM   657  C  CD2   . HIS C 3 61  ? 4.880   -2.445  -6.077  1.00 21.24 ? 115 HIS A CD2   1 
ATOM   658  C  CE1   . HIS C 3 61  ? 4.004   -3.094  -7.967  1.00 26.41 ? 115 HIS A CE1   1 
ATOM   659  N  NE2   . HIS C 3 61  ? 5.112   -2.664  -7.410  1.00 22.91 ? 115 HIS A NE2   1 
ATOM   660  N  N     . GLY C 3 62  ? 4.531   -3.211  -1.983  1.00 15.40 ? 116 GLY A N     1 
ATOM   661  C  CA    . GLY C 3 62  ? 5.763   -3.090  -1.191  1.00 15.02 ? 116 GLY A CA    1 
ATOM   662  C  C     . GLY C 3 62  ? 6.329   -4.417  -0.742  1.00 15.22 ? 116 GLY A C     1 
ATOM   663  O  O     . GLY C 3 62  ? 7.538   -4.699  -0.793  1.00 16.37 ? 116 GLY A O     1 
ATOM   664  N  N     . LEU C 3 63  ? 5.448   -5.269  -0.254  1.00 14.27 ? 117 LEU A N     1 
ATOM   665  C  CA    . LEU C 3 63  ? 5.906   -6.585  0.158   1.00 15.52 ? 117 LEU A CA    1 
ATOM   666  C  C     . LEU C 3 63  ? 6.509   -7.361  -0.988  1.00 14.96 ? 117 LEU A C     1 
ATOM   667  O  O     . LEU C 3 63  ? 7.494   -8.054  -0.807  1.00 15.57 ? 117 LEU A O     1 
ATOM   668  C  CB    . LEU C 3 63  ? 4.714   -7.393  0.637   1.00 16.63 ? 117 LEU A CB    1 
ATOM   669  C  CG    . LEU C 3 63  ? 4.310   -7.444  2.098   1.00 19.68 ? 117 LEU A CG    1 
ATOM   670  C  CD1   . LEU C 3 63  ? 5.176   -7.009  3.256   1.00 20.07 ? 117 LEU A CD1   1 
ATOM   671  C  CD2   . LEU C 3 63  ? 2.836   -7.422  2.381   1.00 19.97 ? 117 LEU A CD2   1 
ATOM   672  N  N     . ARG C 3 64  ? 5.842   -7.320  -2.128  1.00 16.79 ? 118 ARG A N     1 
ATOM   673  C  CA    . ARG C 3 64  ? 6.325   -8.076  -3.315  1.00 18.39 ? 118 ARG A CA    1 
ATOM   674  C  C     . ARG C 3 64  ? 7.666   -7.532  -3.770  1.00 16.01 ? 118 ARG A C     1 
ATOM   675  O  O     . ARG C 3 64  ? 8.613   -8.300  -4.096  1.00 14.70 ? 118 ARG A O     1 
ATOM   676  C  CB    . ARG C 3 64  ? 5.319   -7.959  -4.432  1.00 19.41 ? 118 ARG A CB    1 
ATOM   677  C  CG    . ARG C 3 64  ? 4.021   -8.695  -4.089  1.00 22.24 ? 118 ARG A CG    1 
ATOM   678  C  CD    . ARG C 3 64  ? 2.936   -8.589  -5.132  1.00 24.17 ? 118 ARG A CD    1 
ATOM   679  N  NE    . ARG C 3 64  ? 3.321   -9.396  -6.301  1.00 23.24 ? 118 ARG A NE    1 
ATOM   680  C  CZ    . ARG C 3 64  ? 2.452   -9.808  -7.231  1.00 26.33 ? 118 ARG A CZ    1 
ATOM   681  N  NH1   . ARG C 3 64  ? 1.166   -9.519  -7.138  1.00 24.33 ? 118 ARG A NH1   1 
ATOM   682  N  NH2   . ARG C 3 64  ? 2.885   -10.603 -8.210  1.00 24.76 ? 118 ARG A NH2   1 
ATOM   683  N  N     . TYR C 3 65  ? 7.765   -6.206  -3.724  1.00 15.28 ? 119 TYR A N     1 
ATOM   684  C  CA    . TYR C 3 65  ? 8.965   -5.479  -4.169  1.00 15.36 ? 119 TYR A CA    1 
ATOM   685  C  C     . TYR C 3 65  ? 10.163  -5.894  -3.291  1.00 16.50 ? 119 TYR A C     1 
ATOM   686  O  O     . TYR C 3 65  ? 11.255  -6.197  -3.805  1.00 16.38 ? 119 TYR A O     1 
ATOM   687  C  CB    . TYR C 3 65  ? 8.715   -4.007  -4.057  1.00 15.55 ? 119 TYR A CB    1 
ATOM   688  C  CG    . TYR C 3 65  ? 9.880   -3.137  -4.451  1.00 16.89 ? 119 TYR A CG    1 
ATOM   689  C  CD1   . TYR C 3 65  ? 10.011  -2.644  -5.763  1.00 17.12 ? 119 TYR A CD1   1 
ATOM   690  C  CD2   . TYR C 3 65  ? 10.810  -2.730  -3.510  1.00 18.03 ? 119 TYR A CD2   1 
ATOM   691  C  CE1   . TYR C 3 65  ? 11.087  -1.837  -6.136  1.00 18.75 ? 119 TYR A CE1   1 
ATOM   692  C  CE2   . TYR C 3 65  ? 11.916  -1.948  -3.897  1.00 19.56 ? 119 TYR A CE2   1 
ATOM   693  C  CZ    . TYR C 3 65  ? 12.017  -1.504  -5.199  1.00 20.74 ? 119 TYR A CZ    1 
ATOM   694  O  OH    . TYR C 3 65  ? 13.100  -0.743  -5.542  1.00 24.96 ? 119 TYR A OH    1 
ATOM   695  N  N     . LEU C 3 66  ? 9.972   -5.834  -1.979  1.00 15.37 ? 120 LEU A N     1 
ATOM   696  C  CA    . LEU C 3 66  ? 11.026  -6.209  -1.070  1.00 16.00 ? 120 LEU A CA    1 
ATOM   697  C  C     . LEU C 3 66  ? 11.386  -7.680  -1.120  1.00 18.10 ? 120 LEU A C     1 
ATOM   698  O  O     . LEU C 3 66  ? 12.583  -8.053  -1.015  1.00 19.23 ? 120 LEU A O     1 
ATOM   699  C  CB    . LEU C 3 66  ? 10.672  -5.788  0.337   1.00 15.68 ? 120 LEU A CB    1 
ATOM   700  C  CG    . LEU C 3 66  ? 10.577  -4.307  0.568   1.00 15.39 ? 120 LEU A CG    1 
ATOM   701  C  CD1   . LEU C 3 66  ? 9.989   -3.997  1.928   1.00 18.40 ? 120 LEU A CD1   1 
ATOM   702  C  CD2   . LEU C 3 66  ? 11.919  -3.598  0.419   1.00 17.76 ? 120 LEU A CD2   1 
ATOM   703  N  N     . LYS C 3 67  ? 10.373  -8.518  -1.290  1.00 17.02 ? 121 LYS A N     1 
ATOM   704  C  CA    . LYS C 3 67  ? 10.602  -9.989  -1.311  1.00 19.08 ? 121 LYS A CA    1 
ATOM   705  C  C     . LYS C 3 67  ? 11.408  -10.346 -2.555  1.00 19.89 ? 121 LYS A C     1 
ATOM   706  O  O     . LYS C 3 67  ? 12.398  -11.102 -2.487  1.00 20.07 ? 121 LYS A O     1 
ATOM   707  C  CB    . LYS C 3 67  ? 9.250   -10.700 -1.302  1.00 19.77 ? 121 LYS A CB    1 
ATOM   708  C  CG    . LYS C 3 67  ? 9.220   -12.183 -1.584  1.00 26.41 ? 121 LYS A CG    1 
ATOM   709  C  CD    . LYS C 3 67  ? 9.532   -13.024 -0.374  1.00 27.24 ? 121 LYS A CD    1 
ATOM   710  C  CE    . LYS C 3 67  ? 8.908   -14.406 -0.703  1.00 27.61 ? 121 LYS A CE    1 
ATOM   711  N  NZ    . LYS C 3 67  ? 9.197   -15.333 0.387   1.00 26.04 ? 121 LYS A NZ    1 
ATOM   712  N  N     . GLU C 3 68  ? 11.077  -9.745  -3.693  1.00 19.04 ? 122 GLU A N     1 
ATOM   713  C  CA    . GLU C 3 68  ? 11.816  -10.117 -4.907  1.00 25.21 ? 122 GLU A CA    1 
ATOM   714  C  C     . GLU C 3 68  ? 13.277  -9.586  -4.853  1.00 26.23 ? 122 GLU A C     1 
ATOM   715  O  O     . GLU C 3 68  ? 14.133  -10.114 -5.524  1.00 29.37 ? 122 GLU A O     1 
ATOM   716  C  CB    . GLU C 3 68  ? 11.073  -9.723  -6.197  1.00 29.61 ? 122 GLU A CB    1 
ATOM   717  C  CG    . GLU C 3 68  ? 10.998  -8.263  -6.588  1.00 41.61 ? 122 GLU A CG    1 
ATOM   718  C  CD    . GLU C 3 68  ? 9.774   -7.930  -7.538  1.00 53.80 ? 122 GLU A CD    1 
ATOM   719  O  OE1   . GLU C 3 68  ? 9.285   -8.921  -8.141  1.00 57.75 ? 122 GLU A OE1   1 
ATOM   720  O  OE2   . GLU C 3 68  ? 9.276   -6.728  -7.661  1.00 52.82 ? 122 GLU A OE2   1 
ATOM   721  N  N     . ARG C 3 69  ? 13.538  -8.564  -4.056  1.00 24.66 ? 123 ARG A N     1 
ATOM   722  C  CA    . ARG C 3 69  ? 14.891  -7.997  -3.869  1.00 23.40 ? 123 ARG A CA    1 
ATOM   723  C  C     . ARG C 3 69  ? 15.602  -8.527  -2.659  1.00 21.08 ? 123 ARG A C     1 
ATOM   724  O  O     . ARG C 3 69  ? 16.720  -8.028  -2.328  1.00 19.51 ? 123 ARG A O     1 
ATOM   725  C  CB    . ARG C 3 69  ? 14.821  -6.482  -3.870  1.00 23.50 ? 123 ARG A CB    1 
ATOM   726  C  CG    . ARG C 3 69  ? 14.475  -5.952  -5.269  1.00 25.40 ? 123 ARG A CG    1 
ATOM   727  C  CD    . ARG C 3 69  ? 14.039  -4.474  -5.360  1.00 25.84 ? 123 ARG A CD    1 
ATOM   728  N  NE    . ARG C 3 69  ? 13.657  -4.086  -6.739  1.00 25.83 ? 123 ARG A NE    1 
ATOM   729  C  CZ    . ARG C 3 69  ? 12.555  -4.511  -7.388  1.00 28.67 ? 123 ARG A CZ    1 
ATOM   730  N  NH1   . ARG C 3 69  ? 11.669  -5.327  -6.785  1.00 28.64 ? 123 ARG A NH1   1 
ATOM   731  N  NH2   . ARG C 3 69  ? 12.292  -4.132  -8.659  1.00 28.18 ? 123 ARG A NH2   1 
ATOM   732  N  N     . ASN C 3 70  ? 15.009  -9.514  -1.974  1.00 21.57 ? 124 ASN A N     1 
ATOM   733  C  CA    . ASN C 3 70  ? 15.604  -10.146 -0.822  1.00 22.98 ? 124 ASN A CA    1 
ATOM   734  C  C     . ASN C 3 70  ? 15.934  -9.142  0.221   1.00 24.77 ? 124 ASN A C     1 
ATOM   735  O  O     . ASN C 3 70  ? 17.024  -9.178  0.757   1.00 25.77 ? 124 ASN A O     1 
ATOM   736  C  CB    . ASN C 3 70  ? 16.911  -10.842 -1.189  1.00 26.26 ? 124 ASN A CB    1 
ATOM   737  C  CG    . ASN C 3 70  ? 16.657  -12.133 -1.920  1.00 29.95 ? 124 ASN A CG    1 
ATOM   738  O  OD1   . ASN C 3 70  ? 17.236  -12.389 -2.940  1.00 35.36 ? 124 ASN A OD1   1 
ATOM   739  N  ND2   . ASN C 3 70  ? 15.769  -12.919 -1.413  1.00 29.76 ? 124 ASN A ND2   1 
ATOM   740  N  N     . SER C 3 71  ? 14.998  -8.225  0.455   1.00 20.71 ? 125 SER A N     1 
ATOM   741  C  CA    . SER C 3 71  ? 15.242  -7.112  1.380   1.00 20.81 ? 125 SER A CA    1 
ATOM   742  C  C     . SER C 3 71  ? 14.469  -7.337  2.647   1.00 19.83 ? 125 SER A C     1 
ATOM   743  O  O     . SER C 3 71  ? 13.309  -7.729  2.631   1.00 19.96 ? 125 SER A O     1 
ATOM   744  C  CB    . SER C 3 71  ? 14.984  -5.756  0.769   1.00 19.54 ? 125 SER A CB    1 
ATOM   745  O  OG    . SER C 3 71  ? 14.919  -4.735  1.808   1.00 19.74 ? 125 SER A OG    1 
ATOM   746  N  N     . ARG C 3 72  ? 15.127  -7.125  3.793   1.00 17.76 ? 126 ARG A N     1 
ATOM   747  C  CA    . ARG C 3 72  ? 14.440  -7.269  5.081   1.00 16.81 ? 126 ARG A CA    1 
ATOM   748  C  C     . ARG C 3 72  ? 13.908  -5.977  5.638   1.00 17.07 ? 126 ARG A C     1 
ATOM   749  O  O     . ARG C 3 72  ? 13.398  -5.967  6.737   1.00 18.81 ? 126 ARG A O     1 
ATOM   750  C  CB    . ARG C 3 72  ? 15.360  -7.994  6.107   1.00 16.82 ? 126 ARG A CB    1 
ATOM   751  C  CG    . ARG C 3 72  ? 15.510  -9.485  5.764   1.00 19.14 ? 126 ARG A CG    1 
ATOM   752  C  CD    . ARG C 3 72  ? 16.505  -10.233 6.630   1.00 19.96 ? 126 ARG A CD    1 
ATOM   753  N  NE    . ARG C 3 72  ? 16.197  -9.994  8.020   1.00 21.26 ? 126 ARG A NE    1 
ATOM   754  C  CZ    . ARG C 3 72  ? 15.389  -10.698 8.801   1.00 20.33 ? 126 ARG A CZ    1 
ATOM   755  N  NH1   . ARG C 3 72  ? 14.669  -11.719 8.344   1.00 22.96 ? 126 ARG A NH1   1 
ATOM   756  N  NH2   . ARG C 3 72  ? 15.251  -10.321 10.067  1.00 21.87 ? 126 ARG A NH2   1 
ATOM   757  N  N     . LYS C 3 73  ? 13.891  -4.924  4.871   1.00 17.88 ? 127 LYS A N     1 
ATOM   758  C  CA    . LYS C 3 73  ? 13.352  -3.647  5.360   1.00 17.91 ? 127 LYS A CA    1 
ATOM   759  C  C     . LYS C 3 73  ? 11.900  -3.724  5.748   1.00 17.86 ? 127 LYS A C     1 
ATOM   760  O  O     . LYS C 3 73  ? 11.109  -4.444  5.109   1.00 15.90 ? 127 LYS A O     1 
ATOM   761  C  CB    . LYS C 3 73  ? 13.499  -2.548  4.288   1.00 20.92 ? 127 LYS A CB    1 
ATOM   762  C  CG    . LYS C 3 73  ? 14.928  -2.110  4.098   1.00 24.52 ? 127 LYS A CG    1 
ATOM   763  C  CD    . LYS C 3 73  ? 15.003  -1.233  2.859   1.00 27.84 ? 127 LYS A CD    1 
ATOM   764  C  CE    . LYS C 3 73  ? 16.399  -0.639  2.742   1.00 29.24 ? 127 LYS A CE    1 
ATOM   765  N  NZ    . LYS C 3 73  ? 16.558  -0.073  1.385   1.00 30.06 ? 127 LYS A NZ    1 
ATOM   766  N  N     . PRO C 3 74  ? 11.532  -3.001  6.791   1.00 18.67 ? 128 PRO A N     1 
ATOM   767  C  CA    . PRO C 3 74  ? 10.149  -2.854  7.094   1.00 18.64 ? 128 PRO A CA    1 
ATOM   768  C  C     . PRO C 3 74  ? 9.452   -1.865  6.103   1.00 17.62 ? 128 PRO A C     1 
ATOM   769  O  O     . PRO C 3 74  ? 10.127  -1.124  5.370   1.00 16.39 ? 128 PRO A O     1 
ATOM   770  C  CB    . PRO C 3 74  ? 10.138  -2.217  8.498   1.00 20.73 ? 128 PRO A CB    1 
ATOM   771  C  CG    . PRO C 3 74  ? 11.510  -1.842  8.826   1.00 22.50 ? 128 PRO A CG    1 
ATOM   772  C  CD    . PRO C 3 74  ? 12.437  -2.313  7.755   1.00 21.36 ? 128 PRO A CD    1 
ATOM   773  N  N     . ILE C 3 75  ? 8.113   -1.852  6.166   1.00 14.95 ? 129 ILE A N     1 
ATOM   774  C  CA    . ILE C 3 75  ? 7.257   -1.002  5.386   1.00 15.68 ? 129 ILE A CA    1 
ATOM   775  C  C     . ILE C 3 75  ? 6.482   -0.152  6.389   1.00 15.95 ? 129 ILE A C     1 
ATOM   776  O  O     . ILE C 3 75  ? 5.903   -0.655  7.366   1.00 17.32 ? 129 ILE A O     1 
ATOM   777  C  CB    . ILE C 3 75  ? 6.226   -1.760  4.552   1.00 17.34 ? 129 ILE A CB    1 
ATOM   778  C  CG1   . ILE C 3 75  ? 6.943   -2.597  3.511   1.00 19.02 ? 129 ILE A CG1   1 
ATOM   779  C  CG2   . ILE C 3 75  ? 5.226   -0.816  3.935   1.00 19.28 ? 129 ILE A CG2   1 
ATOM   780  C  CD1   . ILE C 3 75  ? 6.054   -3.616  2.781   1.00 19.96 ? 129 ILE A CD1   1 
ATOM   781  N  N     . TYR C 3 76  ? 6.499   1.132   6.133   1.00 15.57 ? 130 TYR A N     1 
ATOM   782  C  CA    . TYR C 3 76  ? 5.608   2.092   6.801   1.00 14.19 ? 130 TYR A CA    1 
ATOM   783  C  C     . TYR C 3 76  ? 4.438   2.457   5.935   1.00 13.23 ? 130 TYR A C     1 
ATOM   784  O  O     . TYR C 3 76  ? 4.556   2.755   4.730   1.00 13.65 ? 130 TYR A O     1 
ATOM   785  C  CB    . TYR C 3 76  ? 6.322   3.417   7.086   1.00 14.96 ? 130 TYR A CB    1 
ATOM   786  C  CG    . TYR C 3 76  ? 7.212   3.437   8.306   1.00 16.87 ? 130 TYR A CG    1 
ATOM   787  C  CD1   . TYR C 3 76  ? 6.651   3.410   9.581   1.00 17.79 ? 130 TYR A CD1   1 
ATOM   788  C  CD2   . TYR C 3 76  ? 8.623   3.491   8.187   1.00 18.34 ? 130 TYR A CD2   1 
ATOM   789  C  CE1   . TYR C 3 76  ? 7.442   3.450   10.711  1.00 18.75 ? 130 TYR A CE1   1 
ATOM   790  C  CE2   . TYR C 3 76  ? 9.426   3.533   9.313   1.00 18.99 ? 130 TYR A CE2   1 
ATOM   791  C  CZ    . TYR C 3 76  ? 8.836   3.494   10.595  1.00 19.02 ? 130 TYR A CZ    1 
ATOM   792  O  OH    . TYR C 3 76  ? 9.621   3.562   11.759  1.00 17.95 ? 130 TYR A OH    1 
ATOM   793  N  N     . SER C 3 77  ? 3.282   2.498   6.575   1.00 14.40 ? 131 SER A N     1 
ATOM   794  C  CA    . SER C 3 77  ? 2.025   3.013   6.013   1.00 14.70 ? 131 SER A CA    1 
ATOM   795  C  C     . SER C 3 77  ? 1.361   3.817   7.127   1.00 14.76 ? 131 SER A C     1 
ATOM   796  O  O     . SER C 3 77  ? 1.609   3.522   8.327   1.00 15.55 ? 131 SER A O     1 
ATOM   797  C  CB    . SER C 3 77  ? 1.112   1.858   5.608   1.00 15.82 ? 131 SER A CB    1 
ATOM   798  O  OG    . SER C 3 77  ? -0.231  2.297   5.366   1.00 15.71 ? 131 SER A OG    1 
ATOM   799  N  N     . ASN C 3 78  ? 0.588   4.834   6.738   1.00 14.93 ? 132 ASN A N     1 
ATOM   800  C  CA    . ASN C 3 78  ? -0.181  5.633   7.682   1.00 15.11 ? 132 ASN A CA    1 
ATOM   801  C  C     . ASN C 3 78  ? -1.603  5.135   7.889   1.00 16.11 ? 132 ASN A C     1 
ATOM   802  O  O     . ASN C 3 78  ? -2.381  5.797   8.602   1.00 16.24 ? 132 ASN A O     1 
ATOM   803  C  CB    . ASN C 3 78  ? -0.096  7.147   7.381   1.00 16.49 ? 132 ASN A CB    1 
ATOM   804  C  CG    . ASN C 3 78  ? -0.811  7.574   6.130   1.00 17.49 ? 132 ASN A CG    1 
ATOM   805  O  OD1   . ASN C 3 78  ? -1.688  6.885   5.625   1.00 23.27 ? 132 ASN A OD1   1 
ATOM   806  N  ND2   . ASN C 3 78  ? -0.517  8.742   5.688   1.00 19.25 ? 132 ASN A ND2   1 
ATOM   807  N  N     . SER C 3 79  ? -1.942  4.051   7.173   1.00 14.83 ? 133 SER A N     1 
ATOM   808  C  CA    . SER C 3 79  ? -3.314  3.524   7.087   1.00 15.49 ? 133 SER A CA    1 
ATOM   809  C  C     . SER C 3 79  ? -3.532  2.401   8.072   1.00 14.47 ? 133 SER A C     1 
ATOM   810  O  O     . SER C 3 79  ? -3.173  1.280   7.840   1.00 13.31 ? 133 SER A O     1 
ATOM   811  C  CB    . SER C 3 79  ? -3.664  3.062   5.664   1.00 15.68 ? 133 SER A CB    1 
ATOM   812  O  OG    . SER C 3 79  ? -4.930  2.432   5.631   1.00 15.50 ? 133 SER A OG    1 
ATOM   813  N  N     . GLN C 3 80  ? -4.199  2.683   9.177   1.00 16.17 ? 134 GLN A N     1 
ATOM   814  C  CA    . GLN C 3 80  ? -4.549  1.640   10.137  1.00 18.90 ? 134 GLN A CA    1 
ATOM   815  C  C     . GLN C 3 80  ? -5.401  0.519   9.479   1.00 19.64 ? 134 GLN A C     1 
ATOM   816  O  O     . GLN C 3 80  ? -5.120  -0.683  9.618   1.00 16.74 ? 134 GLN A O     1 
ATOM   817  C  CB    . GLN C 3 80  ? -5.317  2.251   11.310  1.00 24.99 ? 134 GLN A CB    1 
ATOM   818  C  CG    . GLN C 3 80  ? -4.867  1.665   12.606  1.00 33.69 ? 134 GLN A CG    1 
ATOM   819  C  CD    . GLN C 3 80  ? -3.565  2.316   13.179  1.00 41.86 ? 134 GLN A CD    1 
ATOM   820  O  OE1   . GLN C 3 80  ? -3.579  3.430   13.841  1.00 39.55 ? 134 GLN A OE1   1 
ATOM   821  N  NE2   . GLN C 3 80  ? -2.455  1.569   13.034  1.00 36.60 ? 134 GLN A NE2   1 
ATOM   822  N  N     . THR C 3 81  ? -6.320  0.944   8.623   1.00 17.13 ? 135 THR A N     1 
ATOM   823  C  CA    . THR C 3 81  ? -7.212  -0.035  7.912   1.00 17.83 ? 135 THR A CA    1 
ATOM   824  C  C     . THR C 3 81  ? -6.393  -0.934  7.041   1.00 17.98 ? 135 THR A C     1 
ATOM   825  O  O     . THR C 3 81  ? -6.567  -2.126  7.064   1.00 20.00 ? 135 THR A O     1 
ATOM   826  C  CB    . THR C 3 81  ? -8.218  0.707   7.014   1.00 17.86 ? 135 THR A CB    1 
ATOM   827  O  OG1   . THR C 3 81  ? -9.037  1.553   7.818   1.00 21.76 ? 135 THR A OG1   1 
ATOM   828  C  CG2   . THR C 3 81  ? -9.133  -0.191  6.197   1.00 19.41 ? 135 THR A CG2   1 
ATOM   829  N  N     . ALA C 3 82  ? -5.489  -0.355  6.254   1.00 15.71 ? 136 ALA A N     1 
ATOM   830  C  CA    . ALA C 3 82  ? -4.775  -1.173  5.304   1.00 18.25 ? 136 ALA A CA    1 
ATOM   831  C  C     . ALA C 3 82  ? -3.826  -2.134  6.011   1.00 17.37 ? 136 ALA A C     1 
ATOM   832  O  O     . ALA C 3 82  ? -3.672  -3.261  5.601   1.00 17.59 ? 136 ALA A O     1 
ATOM   833  C  CB    . ALA C 3 82  ? -4.062  -0.343  4.300   1.00 18.27 ? 136 ALA A CB    1 
ATOM   834  N  N     . ILE C 3 83  ? -3.207  -1.671  7.078   1.00 17.79 ? 137 ILE A N     1 
ATOM   835  C  CA    . ILE C 3 83  ? -2.318  -2.543  7.878   1.00 18.44 ? 137 ILE A CA    1 
ATOM   836  C  C     . ILE C 3 83  ? -3.091  -3.770  8.405   1.00 19.49 ? 137 ILE A C     1 
ATOM   837  O  O     . ILE C 3 83  ? -2.581  -4.898  8.343   1.00 18.93 ? 137 ILE A O     1 
ATOM   838  C  CB    . ILE C 3 83  ? -1.693  -1.747  8.994   1.00 19.89 ? 137 ILE A CB    1 
ATOM   839  C  CG1   . ILE C 3 83  ? -0.756  -0.700  8.372   1.00 18.36 ? 137 ILE A CG1   1 
ATOM   840  C  CG2   . ILE C 3 83  ? -0.955  -2.658  10.023  1.00 21.46 ? 137 ILE A CG2   1 
ATOM   841  C  CD1   . ILE C 3 83  ? -0.164  0.181   9.427   1.00 18.96 ? 137 ILE A CD1   1 
ATOM   842  N  N     . LYS C 3 84  ? -4.298  -3.563  8.896   1.00 18.80 ? 138 LYS A N     1 
ATOM   843  C  CA    . LYS C 3 84  ? -5.144  -4.694  9.324   1.00 20.10 ? 138 LYS A CA    1 
ATOM   844  C  C     . LYS C 3 84  ? -5.561  -5.629  8.188   1.00 21.26 ? 138 LYS A C     1 
ATOM   845  O  O     . LYS C 3 84  ? -5.526  -6.871  8.335   1.00 21.97 ? 138 LYS A O     1 
ATOM   846  C  CB    . LYS C 3 84  ? -6.375  -4.190  10.063  1.00 22.87 ? 138 LYS A CB    1 
ATOM   847  C  CG    . LYS C 3 84  ? -7.289  -5.300  10.612  1.00 23.09 ? 138 LYS A CG    1 
ATOM   848  C  CD    . LYS C 3 84  ? -8.457  -4.676  11.398  1.00 25.07 ? 138 LYS A CD    1 
ATOM   849  C  CE    . LYS C 3 84  ? -9.318  -5.761  12.060  1.00 24.32 ? 138 LYS A CE    1 
ATOM   850  N  NZ    . LYS C 3 84  ? -9.771  -6.807  11.109  1.00 26.37 ? 138 LYS A NZ    1 
ATOM   851  N  N     . TRP C 3 85  ? -5.969  -5.056  7.050   1.00 19.57 ? 139 TRP A N     1 
ATOM   852  C  CA    . TRP C 3 85  ? -6.342  -5.859  5.923   1.00 18.88 ? 139 TRP A CA    1 
ATOM   853  C  C     . TRP C 3 85  ? -5.193  -6.699  5.478   1.00 19.55 ? 139 TRP A C     1 
ATOM   854  O  O     . TRP C 3 85  ? -5.359  -7.880  5.084   1.00 19.95 ? 139 TRP A O     1 
ATOM   855  C  CB    . TRP C 3 85  ? -6.808  -4.977  4.758   1.00 19.20 ? 139 TRP A CB    1 
ATOM   856  C  CG    . TRP C 3 85  ? -8.127  -4.293  4.962   1.00 20.65 ? 139 TRP A CG    1 
ATOM   857  C  CD1   . TRP C 3 85  ? -8.999  -4.412  6.037   1.00 19.43 ? 139 TRP A CD1   1 
ATOM   858  C  CD2   . TRP C 3 85  ? -8.783  -3.468  3.991   1.00 19.74 ? 139 TRP A CD2   1 
ATOM   859  N  NE1   . TRP C 3 85  ? -10.134 -3.642  5.791   1.00 21.15 ? 139 TRP A NE1   1 
ATOM   860  C  CE2   . TRP C 3 85  ? -10.017 -3.058  4.543   1.00 21.51 ? 139 TRP A CE2   1 
ATOM   861  C  CE3   . TRP C 3 85  ? -8.430  -3.016  2.700   1.00 21.06 ? 139 TRP A CE3   1 
ATOM   862  C  CZ2   . TRP C 3 85  ? -10.919 -2.209  3.819   1.00 20.09 ? 139 TRP A CZ2   1 
ATOM   863  C  CZ3   . TRP C 3 85  ? -9.309  -2.155  2.019   1.00 21.02 ? 139 TRP A CZ3   1 
ATOM   864  C  CH2   . TRP C 3 85  ? -10.537 -1.778  2.592   1.00 19.63 ? 139 TRP A CH2   1 
ATOM   865  N  N     . VAL C 3 86  ? -3.992  -6.128  5.502   1.00 17.17 ? 140 VAL A N     1 
ATOM   866  C  CA    . VAL C 3 86  ? -2.866  -6.938  5.128   1.00 17.43 ? 140 VAL A CA    1 
ATOM   867  C  C     . VAL C 3 86  ? -2.631  -8.107  6.161   1.00 18.90 ? 140 VAL A C     1 
ATOM   868  O  O     . VAL C 3 86  ? -2.445  -9.258  5.812   1.00 17.00 ? 140 VAL A O     1 
ATOM   869  C  CB    . VAL C 3 86  ? -1.594  -6.080  4.947   1.00 17.86 ? 140 VAL A CB    1 
ATOM   870  C  CG1   . VAL C 3 86  ? -0.399  -6.983  4.614   1.00 18.53 ? 140 VAL A CG1   1 
ATOM   871  C  CG2   . VAL C 3 86  ? -1.814  -5.112  3.781   1.00 16.44 ? 140 VAL A CG2   1 
ATOM   872  N  N     . LYS C 3 87  ? -2.686  -7.795  7.411   1.00 19.75 ? 141 LYS A N     1 
ATOM   873  C  CA    . LYS C 3 87  ? -2.494  -8.828  8.448   1.00 24.39 ? 141 LYS A CA    1 
ATOM   874  C  C     . LYS C 3 87  ? -3.556  -9.931  8.355   1.00 25.19 ? 141 LYS A C     1 
ATOM   875  O  O     . LYS C 3 87  ? -3.217  -11.114 8.478   1.00 25.47 ? 141 LYS A O     1 
ATOM   876  C  CB    . LYS C 3 87  ? -2.539  -8.153  9.814   1.00 27.69 ? 141 LYS A CB    1 
ATOM   877  C  CG    . LYS C 3 87  ? -2.442  -9.128  10.995  1.00 34.44 ? 141 LYS A CG    1 
ATOM   878  C  CD    . LYS C 3 87  ? -2.707  -8.402  12.293  1.00 38.27 ? 141 LYS A CD    1 
ATOM   879  C  CE    . LYS C 3 87  ? -2.636  -9.351  13.487  1.00 47.62 ? 141 LYS A CE    1 
ATOM   880  N  NZ    . LYS C 3 87  ? -3.689  -8.942  14.454  1.00 55.16 ? 141 LYS A NZ    1 
ATOM   881  N  N     . ASP C 3 88  ? -4.812  -9.572  8.066   1.00 23.45 ? 142 ASP A N     1 
ATOM   882  C  CA    . ASP C 3 88  ? -5.868  -10.560 7.808   1.00 23.54 ? 142 ASP A CA    1 
ATOM   883  C  C     . ASP C 3 88  ? -5.801  -11.226 6.457   1.00 24.98 ? 142 ASP A C     1 
ATOM   884  O  O     . ASP C 3 88  ? -6.634  -12.085 6.205   1.00 26.70 ? 142 ASP A O     1 
ATOM   885  C  CB    . ASP C 3 88  ? -7.248  -9.902  7.833   1.00 21.84 ? 142 ASP A CB    1 
ATOM   886  C  CG    . ASP C 3 88  ? -7.538  -9.229  9.151   1.00 24.21 ? 142 ASP A CG    1 
ATOM   887  O  OD1   . ASP C 3 88  ? -6.910  -9.637  10.156  1.00 23.82 ? 142 ASP A OD1   1 
ATOM   888  O  OD2   . ASP C 3 88  ? -8.406  -8.343  9.192   1.00 25.72 ? 142 ASP A OD2   1 
ATOM   889  N  N     . LYS C 3 89  ? -4.918  -10.797 5.551   1.00 21.82 ? 143 LYS A N     1 
ATOM   890  C  CA    . LYS C 3 89  ? -5.034  -11.152 4.111   1.00 23.65 ? 143 LYS A CA    1 
ATOM   891  C  C     . LYS C 3 89  ? -6.374  -10.933 3.449   1.00 24.40 ? 143 LYS A C     1 
ATOM   892  O  O     . LYS C 3 89  ? -6.738  -11.645 2.533   1.00 23.39 ? 143 LYS A O     1 
ATOM   893  C  CB    . LYS C 3 89  ? -4.634  -12.602 3.927   1.00 23.30 ? 143 LYS A CB    1 
ATOM   894  C  CG    . LYS C 3 89  ? -3.399  -12.942 4.711   1.00 26.17 ? 143 LYS A CG    1 
ATOM   895  C  CD    . LYS C 3 89  ? -2.909  -14.331 4.287   1.00 27.45 ? 143 LYS A CD    1 
ATOM   896  C  CE    . LYS C 3 89  ? -1.436  -14.447 4.347   1.00 30.78 ? 143 LYS A CE    1 
ATOM   897  N  NZ    . LYS C 3 89  ? -1.020  -14.477 5.742   1.00 34.03 ? 143 LYS A NZ    1 
ATOM   898  N  N     . LYS C 3 90  ? -7.122  -9.935  3.881   1.00 24.57 ? 144 LYS A N     1 
ATOM   899  C  CA    . LYS C 3 90  ? -8.467  -9.764  3.374   1.00 24.91 ? 144 LYS A CA    1 
ATOM   900  C  C     . LYS C 3 90  ? -8.851  -8.297  3.441   1.00 22.37 ? 144 LYS A C     1 
ATOM   901  O  O     . LYS C 3 90  ? -8.882  -7.710  4.527   1.00 20.24 ? 144 LYS A O     1 
ATOM   902  C  CB    . LYS C 3 90  ? -9.425  -10.577 4.254   1.00 31.75 ? 144 LYS A CB    1 
ATOM   903  C  CG    . LYS C 3 90  ? -10.916 -10.383 3.926   1.00 37.89 ? 144 LYS A CG    1 
ATOM   904  C  CD    . LYS C 3 90  ? -11.246 -10.984 2.558   1.00 40.98 ? 144 LYS A CD    1 
ATOM   905  C  CE    . LYS C 3 90  ? -12.721 -10.782 2.234   1.00 50.24 ? 144 LYS A CE    1 
ATOM   906  N  NZ    . LYS C 3 90  ? -13.130 -11.738 1.164   1.00 51.40 ? 144 LYS A NZ    1 
ATOM   907  N  N     . ALA C 3 91  ? -9.183  -7.763  2.283   1.00 21.73 ? 145 ALA A N     1 
ATOM   908  C  CA    . ALA C 3 91  ? -9.526  -6.387  2.108   1.00 26.71 ? 145 ALA A CA    1 
ATOM   909  C  C     . ALA C 3 91  ? -11.021 -6.123  2.141   1.00 26.08 ? 145 ALA A C     1 
ATOM   910  O  O     . ALA C 3 91  ? -11.705 -6.225  1.111   1.00 39.13 ? 145 ALA A O     1 
ATOM   911  C  CB    . ALA C 3 91  ? -8.955  -5.886  0.811   1.00 25.33 ? 145 ALA A CB    1 
ATOM   912  N  N     . LYS C 3 92  ? -11.514 -5.680  3.273   1.00 25.46 ? 146 LYS A N     1 
ATOM   913  C  CA    . LYS C 3 92  ? -12.958 -5.531  3.485   1.00 24.92 ? 146 LYS A CA    1 
ATOM   914  C  C     . LYS C 3 92  ? -13.556 -4.234  2.917   1.00 21.91 ? 146 LYS A C     1 
ATOM   915  O  O     . LYS C 3 92  ? -14.061 -3.413  3.673   1.00 21.92 ? 146 LYS A O     1 
ATOM   916  C  CB    . LYS C 3 92  ? -13.266 -5.613  4.958   1.00 30.42 ? 146 LYS A CB    1 
ATOM   917  C  CG    . LYS C 3 92  ? -12.902 -6.913  5.589   1.00 41.59 ? 146 LYS A CG    1 
ATOM   918  C  CD    . LYS C 3 92  ? -12.984 -6.878  7.120   1.00 55.60 ? 146 LYS A CD    1 
ATOM   919  C  CE    . LYS C 3 92  ? -14.290 -6.304  7.671   1.00 64.55 ? 146 LYS A CE    1 
ATOM   920  N  NZ    . LYS C 3 92  ? -15.498 -6.954  7.090   1.00 65.38 ? 146 LYS A NZ    1 
ATOM   921  N  N     . SER C 3 93  ? -13.457 -4.036  1.613   1.00 21.37 ? 147 SER A N     1 
ATOM   922  C  CA    . SER C 3 93  ? -13.926 -2.814  0.969   1.00 21.25 ? 147 SER A CA    1 
ATOM   923  C  C     . SER C 3 93  ? -15.414 -2.889  0.719   1.00 24.98 ? 147 SER A C     1 
ATOM   924  O  O     . SER C 3 93  ? -15.902 -3.943  0.412   1.00 23.28 ? 147 SER A O     1 
ATOM   925  C  CB    . SER C 3 93  ? -13.257 -2.565  -0.338  1.00 22.41 ? 147 SER A CB    1 
ATOM   926  O  OG    . SER C 3 93  ? -13.632 -1.327  -0.874  1.00 22.28 ? 147 SER A OG    1 
ATOM   927  N  N     . THR C 3 94  ? -16.093 -1.760  0.859   1.00 23.53 ? 148 THR A N     1 
ATOM   928  C  CA    . THR C 3 94  ? -17.519 -1.583  0.561   1.00 24.43 ? 148 THR A CA    1 
ATOM   929  C  C     . THR C 3 94  ? -17.769 -1.188  -0.887  1.00 25.86 ? 148 THR A C     1 
ATOM   930  O  O     . THR C 3 94  ? -18.921 -1.070  -1.292  1.00 25.74 ? 148 THR A O     1 
ATOM   931  C  CB    . THR C 3 94  ? -18.140 -0.480  1.448   1.00 24.65 ? 148 THR A CB    1 
ATOM   932  O  OG1   . THR C 3 94  ? -17.625 0.854   1.105   1.00 23.52 ? 148 THR A OG1   1 
ATOM   933  C  CG2   . THR C 3 94  ? -17.939 -0.782  2.837   1.00 23.97 ? 148 THR A CG2   1 
ATOM   934  N  N     . LEU C 3 95  ? -16.717 -1.027  -1.694  1.00 24.17 ? 149 LEU A N     1 
ATOM   935  C  CA    . LEU C 3 95  ? -16.859 -0.474  -3.011  1.00 23.08 ? 149 LEU A CA    1 
ATOM   936  C  C     . LEU C 3 95  ? -17.726 -1.401  -3.893  1.00 29.42 ? 149 LEU A C     1 
ATOM   937  O  O     . LEU C 3 95  ? -17.495 -2.595  -4.002  1.00 25.09 ? 149 LEU A O     1 
ATOM   938  C  CB    . LEU C 3 95  ? -15.506 -0.293  -3.706  1.00 24.64 ? 149 LEU A CB    1 
ATOM   939  C  CG    . LEU C 3 95  ? -15.630 0.401   -5.104  1.00 27.03 ? 149 LEU A CG    1 
ATOM   940  C  CD1   . LEU C 3 95  ? -16.144 1.834   -4.917  1.00 28.33 ? 149 LEU A CD1   1 
ATOM   941  C  CD2   . LEU C 3 95  ? -14.299 0.378   -5.825  1.00 29.35 ? 149 LEU A CD2   1 
ATOM   942  N  N     . VAL C 3 96  ? -18.639 -0.797  -4.620  1.00 27.30 ? 150 VAL A N     1 
ATOM   943  C  CA    . VAL C 3 96  ? -19.492 -1.573  -5.476  1.00 31.91 ? 150 VAL A CA    1 
ATOM   944  C  C     . VAL C 3 96  ? -18.707 -2.256  -6.580  1.00 29.39 ? 150 VAL A C     1 
ATOM   945  O  O     . VAL C 3 96  ? -17.660 -1.774  -7.055  1.00 28.74 ? 150 VAL A O     1 
ATOM   946  C  CB    . VAL C 3 96  ? -20.606 -0.672  -6.029  1.00 29.76 ? 150 VAL A CB    1 
ATOM   947  C  CG1   . VAL C 3 96  ? -20.068 0.283   -7.111  1.00 32.11 ? 150 VAL A CG1   1 
ATOM   948  C  CG2   . VAL C 3 96  ? -21.753 -1.524  -6.531  1.00 35.08 ? 150 VAL A CG2   1 
ATOM   949  N  N     . ARG C 3 97  ? -19.254 -3.368  -7.080  1.00 34.50 ? 151 ARG A N     1 
ATOM   950  C  CA    . ARG C 3 97  ? -18.684 -4.018  -8.269  1.00 31.40 ? 151 ARG A CA    1 
ATOM   951  C  C     . ARG C 3 97  ? -19.433 -3.770  -9.562  1.00 32.37 ? 151 ARG A C     1 
ATOM   952  O  O     . ARG C 3 97  ? -20.543 -4.248  -9.729  1.00 32.12 ? 151 ARG A O     1 
ATOM   953  C  CB    . ARG C 3 97  ? -18.614 -5.519  -8.031  1.00 33.08 ? 151 ARG A CB    1 
ATOM   954  C  CG    . ARG C 3 97  ? -17.721 -5.954  -6.851  1.00 32.01 ? 151 ARG A CG    1 
ATOM   955  C  CD    . ARG C 3 97  ? -17.728 -7.464  -6.788  1.00 34.11 ? 151 ARG A CD    1 
ATOM   956  N  NE    . ARG C 3 97  ? -16.792 -7.992  -5.800  1.00 32.93 ? 151 ARG A NE    1 
ATOM   957  C  CZ    . ARG C 3 97  ? -15.519 -8.295  -5.996  1.00 30.81 ? 151 ARG A CZ    1 
ATOM   958  N  NH1   . ARG C 3 97  ? -14.931 -8.186  -7.142  1.00 37.54 ? 151 ARG A NH1   1 
ATOM   959  N  NH2   . ARG C 3 97  ? -14.804 -8.757  -4.986  1.00 35.84 ? 151 ARG A NH2   1 
ATOM   960  N  N     . ASN C 3 98  ? -18.805 -3.085  -10.496 1.00 37.23 ? 152 ASN A N     1 
ATOM   961  C  CA    . ASN C 3 98  ? -19.385 -2.847  -11.824 1.00 38.86 ? 152 ASN A CA    1 
ATOM   962  C  C     . ASN C 3 98  ? -18.249 -2.782  -12.778 1.00 38.18 ? 152 ASN A C     1 
ATOM   963  O  O     . ASN C 3 98  ? -17.089 -3.025  -12.420 1.00 39.10 ? 152 ASN A O     1 
ATOM   964  C  CB    . ASN C 3 98  ? -20.247 -1.554  -11.859 1.00 40.83 ? 152 ASN A CB    1 
ATOM   965  C  CG    . ASN C 3 98  ? -19.487 -0.300  -11.425 1.00 37.67 ? 152 ASN A CG    1 
ATOM   966  O  OD1   . ASN C 3 98  ? -18.391 0.000   -11.876 1.00 43.47 ? 152 ASN A OD1   1 
ATOM   967  N  ND2   . ASN C 3 98  ? -20.106 0.463   -10.588 1.00 39.36 ? 152 ASN A ND2   1 
ATOM   968  N  N     . GLU C 3 99  ? -18.551 -2.487  -14.018 1.00 39.77 ? 153 GLU A N     1 
ATOM   969  C  CA    . GLU C 3 99  ? -17.506 -2.458  -15.020 1.00 45.36 ? 153 GLU A CA    1 
ATOM   970  C  C     . GLU C 3 99  ? -16.488 -1.382  -14.723 1.00 37.19 ? 153 GLU A C     1 
ATOM   971  O  O     . GLU C 3 99  ? -15.321 -1.539  -15.099 1.00 36.02 ? 153 GLU A O     1 
ATOM   972  C  CB    . GLU C 3 99  ? -18.082 -2.317  -16.451 1.00 52.00 ? 153 GLU A CB    1 
ATOM   973  C  CG    . GLU C 3 99  ? -18.565 -3.677  -17.035 1.00 65.91 ? 153 GLU A CG    1 
ATOM   974  C  CD    . GLU C 3 99  ? -19.922 -3.645  -17.786 1.00 70.03 ? 153 GLU A CD    1 
ATOM   975  O  OE1   . GLU C 3 99  ? -20.402 -2.565  -18.227 1.00 70.48 ? 153 GLU A OE1   1 
ATOM   976  O  OE2   . GLU C 3 99  ? -20.532 -4.730  -17.936 1.00 65.50 ? 153 GLU A OE2   1 
ATOM   977  N  N     . GLU C 3 100 ? -16.890 -0.292  -14.077 1.00 32.78 ? 154 GLU A N     1 
ATOM   978  C  CA    . GLU C 3 100 ? -15.939 0.768   -13.743 1.00 36.99 ? 154 GLU A CA    1 
ATOM   979  C  C     . GLU C 3 100 ? -14.971 0.392   -12.635 1.00 30.03 ? 154 GLU A C     1 
ATOM   980  O  O     . GLU C 3 100 ? -13.833 0.825   -12.697 1.00 31.41 ? 154 GLU A O     1 
ATOM   981  C  CB    . GLU C 3 100 ? -16.638 2.085   -13.355 1.00 45.96 ? 154 GLU A CB    1 
ATOM   982  C  CG    . GLU C 3 100 ? -17.530 2.626   -14.487 1.00 52.22 ? 154 GLU A CG    1 
ATOM   983  C  CD    . GLU C 3 100 ? -17.916 4.096   -14.312 1.00 64.56 ? 154 GLU A CD    1 
ATOM   984  O  OE1   . GLU C 3 100 ? -17.449 4.767   -13.332 1.00 63.00 ? 154 GLU A OE1   1 
ATOM   985  O  OE2   . GLU C 3 100 ? -18.688 4.571   -15.188 1.00 65.52 ? 154 GLU A OE2   1 
ATOM   986  N  N     . THR C 3 101 ? -15.428 -0.401  -11.656 1.00 29.70 ? 155 THR A N     1 
ATOM   987  C  CA    . THR C 3 101 ? -14.552 -0.821  -10.518 1.00 27.28 ? 155 THR A CA    1 
ATOM   988  C  C     . THR C 3 101 ? -13.949 -2.193  -10.734 1.00 27.99 ? 155 THR A C     1 
ATOM   989  O  O     . THR C 3 101 ? -13.354 -2.741  -9.805  1.00 25.23 ? 155 THR A O     1 
ATOM   990  C  CB    . THR C 3 101 ? -15.343 -0.868  -9.215  1.00 29.05 ? 155 THR A CB    1 
ATOM   991  O  OG1   . THR C 3 101 ? -16.358 -1.898  -9.242  1.00 27.61 ? 155 THR A OG1   1 
ATOM   992  C  CG2   . THR C 3 101 ? -16.001 0.525   -8.982  1.00 26.66 ? 155 THR A CG2   1 
ATOM   993  N  N     . ALA C 3 102 ? -14.100 -2.766  -11.921 1.00 28.51 ? 156 ALA A N     1 
ATOM   994  C  CA    . ALA C 3 102 ? -13.592 -4.147  -12.144 1.00 29.46 ? 156 ALA A CA    1 
ATOM   995  C  C     . ALA C 3 102 ? -12.073 -4.211  -12.017 1.00 26.07 ? 156 ALA A C     1 
ATOM   996  O  O     . ALA C 3 102 ? -11.535 -5.163  -11.407 1.00 29.75 ? 156 ALA A O     1 
ATOM   997  C  CB    . ALA C 3 102 ? -14.093 -4.758  -13.463 1.00 29.81 ? 156 ALA A CB    1 
ATOM   998  N  N     . LEU C 3 103 ? -11.386 -3.235  -12.607 1.00 25.83 ? 157 LEU A N     1 
ATOM   999  C  CA    . LEU C 3 103 ? -9.958  -3.152  -12.531 1.00 28.09 ? 157 LEU A CA    1 
ATOM   1000 C  C     . LEU C 3 103 ? -9.439  -3.204  -11.076 1.00 25.66 ? 157 LEU A C     1 
ATOM   1001 O  O     . LEU C 3 103 ? -8.621  -4.061  -10.773 1.00 23.50 ? 157 LEU A O     1 
ATOM   1002 C  CB    . LEU C 3 103 ? -9.387  -1.968  -13.286 1.00 30.45 ? 157 LEU A CB    1 
ATOM   1003 C  CG    . LEU C 3 103 ? -7.845  -1.763  -13.256 1.00 35.97 ? 157 LEU A CG    1 
ATOM   1004 C  CD1   . LEU C 3 103 ? -7.054  -2.980  -13.720 1.00 39.55 ? 157 LEU A CD1   1 
ATOM   1005 C  CD2   . LEU C 3 103 ? -7.436  -0.575  -14.118 1.00 41.05 ? 157 LEU A CD2   1 
ATOM   1006 N  N     . ILE C 3 104 ? -9.928  -2.318  -10.198 1.00 21.66 ? 158 ILE A N     1 
ATOM   1007 C  CA    . ILE C 3 104 ? -9.402  -2.277  -8.831  1.00 22.91 ? 158 ILE A CA    1 
ATOM   1008 C  C     . ILE C 3 104 ? -9.749  -3.554  -8.077  1.00 23.26 ? 158 ILE A C     1 
ATOM   1009 O  O     . ILE C 3 104 ? -8.930  -4.064  -7.270  1.00 19.87 ? 158 ILE A O     1 
ATOM   1010 C  CB    . ILE C 3 104 ? -9.819  -0.967  -8.030  1.00 21.82 ? 158 ILE A CB    1 
ATOM   1011 C  CG1   . ILE C 3 104 ? -8.923  -0.804  -6.776  1.00 24.24 ? 158 ILE A CG1   1 
ATOM   1012 C  CG2   . ILE C 3 104 ? -11.273 -0.914  -7.608  1.00 22.48 ? 158 ILE A CG2   1 
ATOM   1013 C  CD1   . ILE C 3 104 ? -8.069  0.417   -6.710  1.00 26.03 ? 158 ILE A CD1   1 
ATOM   1014 N  N     . TRP C 3 105 ? -10.947 -4.108  -8.344  1.00 23.40 ? 159 TRP A N     1 
ATOM   1015 C  CA    . TRP C 3 105 ? -11.346 -5.323  -7.611  1.00 20.28 ? 159 TRP A CA    1 
ATOM   1016 C  C     . TRP C 3 105 ? -10.508 -6.518  -8.041  1.00 18.35 ? 159 TRP A C     1 
ATOM   1017 O  O     . TRP C 3 105 ? -10.196 -7.356  -7.217  1.00 19.48 ? 159 TRP A O     1 
ATOM   1018 C  CB    . TRP C 3 105 ? -12.852 -5.644  -7.730  1.00 19.34 ? 159 TRP A CB    1 
ATOM   1019 C  CG    . TRP C 3 105 ? -13.698 -5.024  -6.620  1.00 20.68 ? 159 TRP A CG    1 
ATOM   1020 C  CD1   . TRP C 3 105 ? -14.575 -4.020  -6.763  1.00 21.79 ? 159 TRP A CD1   1 
ATOM   1021 C  CD2   . TRP C 3 105 ? -13.671 -5.338  -5.217  1.00 24.08 ? 159 TRP A CD2   1 
ATOM   1022 N  NE1   . TRP C 3 105 ? -15.172 -3.739  -5.571  1.00 23.31 ? 159 TRP A NE1   1 
ATOM   1023 C  CE2   . TRP C 3 105 ? -14.620 -4.519  -4.596  1.00 20.57 ? 159 TRP A CE2   1 
ATOM   1024 C  CE3   . TRP C 3 105 ? -12.946 -6.242  -4.431  1.00 21.64 ? 159 TRP A CE3   1 
ATOM   1025 C  CZ2   . TRP C 3 105 ? -14.876 -4.563  -3.267  1.00 21.74 ? 159 TRP A CZ2   1 
ATOM   1026 C  CZ3   . TRP C 3 105 ? -13.195 -6.276  -3.095  1.00 24.57 ? 159 TRP A CZ3   1 
ATOM   1027 C  CH2   . TRP C 3 105 ? -14.202 -5.463  -2.512  1.00 23.10 ? 159 TRP A CH2   1 
ATOM   1028 N  N     . LYS C 3 106 ? -10.134 -6.554  -9.298  1.00 19.10 ? 160 LYS A N     1 
ATOM   1029 C  CA    . LYS C 3 106 ? -9.216  -7.591  -9.792  1.00 21.78 ? 160 LYS A CA    1 
ATOM   1030 C  C     . LYS C 3 106 ? -7.786  -7.456  -9.144  1.00 22.49 ? 160 LYS A C     1 
ATOM   1031 O  O     . LYS C 3 106 ? -7.208  -8.439  -8.638  1.00 18.24 ? 160 LYS A O     1 
ATOM   1032 C  CB    . LYS C 3 106 ? -9.111  -7.490  -11.286 1.00 22.24 ? 160 LYS A CB    1 
ATOM   1033 C  CG    . LYS C 3 106 ? -8.283  -8.598  -11.885 1.00 25.47 ? 160 LYS A CG    1 
ATOM   1034 C  CD    . LYS C 3 106 ? -8.584  -8.753  -13.365 1.00 32.48 ? 160 LYS A CD    1 
ATOM   1035 C  CE    . LYS C 3 106 ? -7.365  -8.409  -14.222 1.00 38.42 ? 160 LYS A CE    1 
ATOM   1036 N  NZ    . LYS C 3 106 ? -6.557  -9.640  -14.236 1.00 35.75 ? 160 LYS A NZ    1 
ATOM   1037 N  N     . LEU C 3 107 ? -7.269  -6.236  -9.099  1.00 21.78 ? 161 LEU A N     1 
ATOM   1038 C  CA    . LEU C 3 107 ? -6.012  -5.956  -8.352  1.00 20.44 ? 161 LEU A CA    1 
ATOM   1039 C  C     . LEU C 3 107 ? -6.045  -6.393  -6.924  1.00 18.31 ? 161 LEU A C     1 
ATOM   1040 O  O     . LEU C 3 107 ? -5.119  -7.084  -6.477  1.00 15.23 ? 161 LEU A O     1 
ATOM   1041 C  CB    . LEU C 3 107 ? -5.512  -4.504  -8.425  1.00 21.59 ? 161 LEU A CB    1 
ATOM   1042 C  CG    . LEU C 3 107 ? -5.131  -4.177  -9.861  1.00 24.51 ? 161 LEU A CG    1 
ATOM   1043 C  CD1   . LEU C 3 107 ? -5.003  -2.678  -10.029 1.00 27.64 ? 161 LEU A CD1   1 
ATOM   1044 C  CD2   . LEU C 3 107 ? -3.867  -4.929  -10.270 1.00 26.50 ? 161 LEU A CD2   1 
ATOM   1045 N  N     . VAL C 3 108 ? -7.106  -6.028  -6.229  1.00 19.33 ? 162 VAL A N     1 
ATOM   1046 C  CA    . VAL C 3 108 ? -7.278  -6.417  -4.832  1.00 19.12 ? 162 VAL A CA    1 
ATOM   1047 C  C     . VAL C 3 108 ? -7.324  -7.945  -4.633  1.00 21.87 ? 162 VAL A C     1 
ATOM   1048 O  O     . VAL C 3 108 ? -6.652  -8.490  -3.719  1.00 18.89 ? 162 VAL A O     1 
ATOM   1049 C  CB    . VAL C 3 108 ? -8.494  -5.715  -4.245  1.00 21.19 ? 162 VAL A CB    1 
ATOM   1050 C  CG1   . VAL C 3 108 ? -8.935  -6.311  -2.919  1.00 22.95 ? 162 VAL A CG1   1 
ATOM   1051 C  CG2   . VAL C 3 108 ? -8.205  -4.236  -4.110  1.00 21.22 ? 162 VAL A CG2   1 
ATOM   1052 N  N     . ASP C 3 109 ? -8.157  -8.618  -5.438  1.00 25.30 ? 163 ASP A N     1 
ATOM   1053 C  CA    . ASP C 3 109 ? -8.263  -10.095 -5.381  1.00 26.06 ? 163 ASP A CA    1 
ATOM   1054 C  C     . ASP C 3 109 ? -6.889  -10.727 -5.654  1.00 23.55 ? 163 ASP A C     1 
ATOM   1055 O  O     . ASP C 3 109 ? -6.455  -11.597 -4.870  1.00 25.34 ? 163 ASP A O     1 
ATOM   1056 C  CB    . ASP C 3 109 ? -9.345  -10.616 -6.337  1.00 30.95 ? 163 ASP A CB    1 
ATOM   1057 C  CG    . ASP C 3 109 ? -10.748 -10.102 -5.977  1.00 40.82 ? 163 ASP A CG    1 
ATOM   1058 O  OD1   . ASP C 3 109 ? -11.020 -9.684  -4.816  1.00 45.20 ? 163 ASP A OD1   1 
ATOM   1059 O  OD2   . ASP C 3 109 ? -11.609 -10.054 -6.887  1.00 52.66 ? 163 ASP A OD2   1 
ATOM   1060 N  N     . GLU C 3 110 ? -6.158  -10.243 -6.664  1.00 21.06 ? 164 GLU A N     1 
ATOM   1061 C  CA    . GLU C 3 110 ? -4.771  -10.736 -6.962  1.00 23.21 ? 164 GLU A CA    1 
ATOM   1062 C  C     . GLU C 3 110 ? -3.802  -10.432 -5.845  1.00 20.09 ? 164 GLU A C     1 
ATOM   1063 O  O     . GLU C 3 110 ? -2.916  -11.245 -5.543  1.00 20.40 ? 164 GLU A O     1 
ATOM   1064 C  CB    . GLU C 3 110 ? -4.212  -10.177 -8.259  1.00 22.70 ? 164 GLU A CB    1 
ATOM   1065 C  CG    . GLU C 3 110 ? -5.048  -10.718 -9.397  1.00 24.85 ? 164 GLU A CG    1 
ATOM   1066 C  CD    . GLU C 3 110 ? -4.883  -10.032 -10.741 1.00 29.20 ? 164 GLU A CD    1 
ATOM   1067 O  OE1   . GLU C 3 110 ? -4.289  -8.922  -10.887 1.00 31.11 ? 164 GLU A OE1   1 
ATOM   1068 O  OE2   . GLU C 3 110 ? -5.442  -10.598 -11.701 1.00 29.02 ? 164 GLU A OE2   1 
ATOM   1069 N  N     . ALA C 3 111 ? -3.962  -9.283  -5.196  1.00 18.82 ? 165 ALA A N     1 
ATOM   1070 C  CA    . ALA C 3 111 ? -3.112  -8.994  -4.010  1.00 19.01 ? 165 ALA A CA    1 
ATOM   1071 C  C     . ALA C 3 111 ? -3.352  -9.985  -2.850  1.00 17.63 ? 165 ALA A C     1 
ATOM   1072 O  O     . ALA C 3 111 ? -2.379  -10.489 -2.297  1.00 16.67 ? 165 ALA A O     1 
ATOM   1073 C  CB    . ALA C 3 111 ? -3.313  -7.588  -3.528  1.00 19.01 ? 165 ALA A CB    1 
ATOM   1074 N  N     . GLU C 3 112 ? -4.625  -10.229 -2.478  1.00 18.18 ? 166 GLU A N     1 
ATOM   1075 C  CA    . GLU C 3 112 ? -5.010  -11.307 -1.507  1.00 17.85 ? 166 GLU A CA    1 
ATOM   1076 C  C     . GLU C 3 112 ? -4.396  -12.623 -1.880  1.00 18.71 ? 166 GLU A C     1 
ATOM   1077 O  O     . GLU C 3 112 ? -3.869  -13.378 -1.002  1.00 17.23 ? 166 GLU A O     1 
ATOM   1078 C  CB    . GLU C 3 112 ? -6.538  -11.428 -1.387  1.00 19.68 ? 166 GLU A CB    1 
ATOM   1079 C  CG    . GLU C 3 112 ? -7.109  -10.174 -0.689  1.00 20.64 ? 166 GLU A CG    1 
ATOM   1080 C  CD    . GLU C 3 112 ? -8.629  -10.133 -0.693  1.00 26.96 ? 166 GLU A CD    1 
ATOM   1081 O  OE1   . GLU C 3 112 ? -9.217  -9.287  -0.004  1.00 25.94 ? 166 GLU A OE1   1 
ATOM   1082 O  OE2   . GLU C 3 112 ? -9.218  -10.945 -1.409  1.00 30.47 ? 166 GLU A OE2   1 
ATOM   1083 N  N     . GLU C 3 113 ? -4.460  -12.920 -3.185  1.00 19.36 ? 167 GLU A N     1 
ATOM   1084 C  CA    . GLU C 3 113 ? -3.992  -14.231 -3.669  1.00 18.77 ? 167 GLU A CA    1 
ATOM   1085 C  C     . GLU C 3 113 ? -2.459  -14.298 -3.452  1.00 19.80 ? 167 GLU A C     1 
ATOM   1086 O  O     . GLU C 3 113 ? -1.886  -15.355 -3.055  1.00 18.36 ? 167 GLU A O     1 
ATOM   1087 C  CB    . GLU C 3 113 ? -4.361  -14.429 -5.154  1.00 21.40 ? 167 GLU A CB    1 
ATOM   1088 C  CG    . GLU C 3 113 ? -4.143  -15.840 -5.642  1.00 21.11 ? 167 GLU A CG    1 
ATOM   1089 C  CD    . GLU C 3 113 ? -4.885  -16.857 -4.811  1.00 27.58 ? 167 GLU A CD    1 
ATOM   1090 O  OE1   . GLU C 3 113 ? -6.003  -16.566 -4.392  1.00 28.99 ? 167 GLU A OE1   1 
ATOM   1091 O  OE2   . GLU C 3 113 ? -4.324  -17.921 -4.550  1.00 30.95 ? 167 GLU A OE2   1 
ATOM   1092 N  N     . TRP C 3 114 ? -1.792  -13.187 -3.662  1.00 17.49 ? 168 TRP A N     1 
ATOM   1093 C  CA    . TRP C 3 114 ? -0.330  -13.173 -3.514  1.00 18.28 ? 168 TRP A CA    1 
ATOM   1094 C  C     . TRP C 3 114 ? 0.007   -13.399 -2.019  1.00 16.65 ? 168 TRP A C     1 
ATOM   1095 O  O     . TRP C 3 114 ? 0.871   -14.253 -1.625  1.00 15.38 ? 168 TRP A O     1 
ATOM   1096 C  CB    . TRP C 3 114 ? 0.268   -11.878 -4.058  1.00 17.97 ? 168 TRP A CB    1 
ATOM   1097 C  CG    . TRP C 3 114 ? 1.815   -11.930 -3.986  1.00 18.71 ? 168 TRP A CG    1 
ATOM   1098 C  CD1   . TRP C 3 114 ? 2.634   -12.379 -4.931  1.00 19.85 ? 168 TRP A CD1   1 
ATOM   1099 C  CD2   . TRP C 3 114 ? 2.628   -11.627 -2.851  1.00 19.24 ? 168 TRP A CD2   1 
ATOM   1100 N  NE1   . TRP C 3 114 ? 3.933   -12.323 -4.504  1.00 19.46 ? 168 TRP A NE1   1 
ATOM   1101 C  CE2   . TRP C 3 114 ? 3.957   -11.912 -3.206  1.00 19.13 ? 168 TRP A CE2   1 
ATOM   1102 C  CE3   . TRP C 3 114 ? 2.350   -11.192 -1.556  1.00 20.04 ? 168 TRP A CE3   1 
ATOM   1103 C  CZ2   . TRP C 3 114 ? 5.026   -11.706 -2.368  1.00 18.75 ? 168 TRP A CZ2   1 
ATOM   1104 C  CZ3   . TRP C 3 114 ? 3.464   -10.984 -0.677  1.00 21.51 ? 168 TRP A CZ3   1 
ATOM   1105 C  CH2   . TRP C 3 114 ? 4.778   -11.221 -1.118  1.00 18.99 ? 168 TRP A CH2   1 
ATOM   1106 N  N     . LEU C 3 115 ? -0.723  -12.698 -1.177  1.00 15.54 ? 169 LEU A N     1 
ATOM   1107 C  CA    . LEU C 3 115 ? -0.588  -12.884 0.285   1.00 18.02 ? 169 LEU A CA    1 
ATOM   1108 C  C     . LEU C 3 115 ? -0.792  -14.344 0.768   1.00 20.99 ? 169 LEU A C     1 
ATOM   1109 O  O     . LEU C 3 115 ? -0.048  -14.812 1.648   1.00 18.04 ? 169 LEU A O     1 
ATOM   1110 C  CB    . LEU C 3 115 ? -1.506  -11.966 1.079   1.00 17.67 ? 169 LEU A CB    1 
ATOM   1111 C  CG    . LEU C 3 115 ? -1.291  -10.457 0.899   1.00 16.50 ? 169 LEU A CG    1 
ATOM   1112 C  CD1   . LEU C 3 115 ? -2.464  -9.723  1.579   1.00 16.22 ? 169 LEU A CD1   1 
ATOM   1113 C  CD2   . LEU C 3 115 ? 0.071   -10.095 1.488   1.00 19.43 ? 169 LEU A CD2   1 
ATOM   1114 N  N     . ASN C 3 116 ? -1.714  -15.106 0.210   1.00 22.41 ? 170 ASN A N     1 
ATOM   1115 C  CA    . ASN C 3 116 ? -1.729  -16.540 0.708   1.00 27.57 ? 170 ASN A CA    1 
ATOM   1116 C  C     . ASN C 3 116 ? -1.106  -17.551 -0.213  1.00 24.78 ? 170 ASN A C     1 
ATOM   1117 O  O     . ASN C 3 116 ? -1.422  -18.752 -0.123  1.00 22.39 ? 170 ASN A O     1 
ATOM   1118 C  CB    . ASN C 3 116 ? -3.052  -16.942 1.343   1.00 38.95 ? 170 ASN A CB    1 
ATOM   1119 C  CG    . ASN C 3 116 ? -4.113  -16.359 0.628   1.00 37.39 ? 170 ASN A CG    1 
ATOM   1120 O  OD1   . ASN C 3 116 ? -4.011  -16.408 -0.576  1.00 36.50 ? 170 ASN A OD1   1 
ATOM   1121 N  ND2   . ASN C 3 116 ? -4.944  -15.585 1.266   1.00 33.86 ? 170 ASN A ND2   1 
ATOM   1122 N  N     . THR C 3 117 ? -0.161  -17.085 -1.037  1.00 19.99 ? 171 THR A N     1 
ATOM   1123 C  CA    . THR C 3 117 ? 0.721   -17.984 -1.736  1.00 19.85 ? 171 THR A CA    1 
ATOM   1124 C  C     . THR C 3 117 ? 2.197   -17.730 -1.440  1.00 20.47 ? 171 THR A C     1 
ATOM   1125 O  O     . THR C 3 117 ? 3.049   -18.359 -2.123  1.00 20.54 ? 171 THR A O     1 
ATOM   1126 C  CB    . THR C 3 117 ? 0.479   -17.930 -3.272  1.00 20.97 ? 171 THR A CB    1 
ATOM   1127 O  OG1   . THR C 3 117 ? 0.409   -16.571 -3.750  1.00 20.12 ? 171 THR A OG1   1 
ATOM   1128 C  CG2   . THR C 3 117 ? -0.804  -18.659 -3.567  1.00 22.75 ? 171 THR A CG2   1 
ATOM   1129 N  N     . HIS C 3 118 ? 2.511   -16.777 -0.538  1.00 17.42 ? 172 HIS A N     1 
ATOM   1130 C  CA    . HIS C 3 118 ? 3.907   -16.395 -0.301  1.00 19.94 ? 172 HIS A CA    1 
ATOM   1131 C  C     . HIS C 3 118 ? 4.164   -16.192 1.148   1.00 18.92 ? 172 HIS A C     1 
ATOM   1132 O  O     . HIS C 3 118 ? 3.242   -15.869 1.882   1.00 22.87 ? 172 HIS A O     1 
ATOM   1133 C  CB    . HIS C 3 118 ? 4.275   -15.120 -1.059  1.00 18.25 ? 172 HIS A CB    1 
ATOM   1134 C  CG    . HIS C 3 118 ? 4.213   -15.284 -2.513  1.00 17.86 ? 172 HIS A CG    1 
ATOM   1135 N  ND1   . HIS C 3 118 ? 3.018   -15.341 -3.193  1.00 20.54 ? 172 HIS A ND1   1 
ATOM   1136 C  CD2   . HIS C 3 118 ? 5.171   -15.633 -3.401  1.00 18.47 ? 172 HIS A CD2   1 
ATOM   1137 C  CE1   . HIS C 3 118 ? 3.260   -15.600 -4.457  1.00 19.71 ? 172 HIS A CE1   1 
ATOM   1138 N  NE2   . HIS C 3 118 ? 4.551   -15.789 -4.607  1.00 20.37 ? 172 HIS A NE2   1 
ATOM   1139 N  N     . THR C 3 119 ? 5.419   -16.311 1.556   1.00 18.65 ? 173 THR A N     1 
ATOM   1140 C  CA    . THR C 3 119 ? 5.776   -16.001 2.939   1.00 22.92 ? 173 THR A CA    1 
ATOM   1141 C  C     . THR C 3 119 ? 6.614   -14.705 2.931   1.00 22.91 ? 173 THR A C     1 
ATOM   1142 O  O     . THR C 3 119 ? 7.181   -14.283 1.909   1.00 21.42 ? 173 THR A O     1 
ATOM   1143 C  CB    . THR C 3 119 ? 6.600   -17.131 3.542   1.00 25.49 ? 173 THR A CB    1 
ATOM   1144 O  OG1   . THR C 3 119 ? 7.818   -17.240 2.810   1.00 25.87 ? 173 THR A OG1   1 
ATOM   1145 C  CG2   . THR C 3 119 ? 5.869   -18.446 3.469   1.00 26.96 ? 173 THR A CG2   1 
ATOM   1146 N  N     . TYR C 3 120 ? 6.630   -14.047 4.064   1.00 23.24 ? 174 TYR A N     1 
ATOM   1147 C  CA    . TYR C 3 120 ? 7.428   -12.837 4.209   1.00 23.42 ? 174 TYR A CA    1 
ATOM   1148 C  C     . TYR C 3 120 ? 7.603   -12.575 5.666   1.00 22.63 ? 174 TYR A C     1 
ATOM   1149 O  O     . TYR C 3 120 ? 6.675   -12.804 6.425   1.00 22.94 ? 174 TYR A O     1 
ATOM   1150 C  CB    . TYR C 3 120 ? 6.721   -11.652 3.552   1.00 24.44 ? 174 TYR A CB    1 
ATOM   1151 C  CG    . TYR C 3 120 ? 5.185   -11.557 3.765   1.00 26.23 ? 174 TYR A CG    1 
ATOM   1152 C  CD1   . TYR C 3 120 ? 4.325   -12.339 2.972   1.00 32.22 ? 174 TYR A CD1   1 
ATOM   1153 C  CD2   . TYR C 3 120 ? 4.613   -10.730 4.755   1.00 27.95 ? 174 TYR A CD2   1 
ATOM   1154 C  CE1   . TYR C 3 120 ? 2.936   -12.326 3.152   1.00 36.07 ? 174 TYR A CE1   1 
ATOM   1155 C  CE2   . TYR C 3 120 ? 3.202   -10.686 4.939   1.00 25.99 ? 174 TYR A CE2   1 
ATOM   1156 C  CZ    . TYR C 3 120 ? 2.380   -11.468 4.131   1.00 28.56 ? 174 TYR A CZ    1 
ATOM   1157 O  OH    . TYR C 3 120 ? 0.994   -11.513 4.195   1.00 33.02 ? 174 TYR A OH    1 
ATOM   1158 N  N     . GLU C 3 121 ? 8.676   -11.973 6.080   1.00 23.14 ? 175 GLU A N     1 
ATOM   1159 C  CA    . GLU C 3 121 ? 8.665   -11.477 7.487   1.00 25.80 ? 175 GLU A CA    1 
ATOM   1160 C  C     . GLU C 3 121 ? 8.758   -9.967  7.641   1.00 22.57 ? 175 GLU A C     1 
ATOM   1161 O  O     . GLU C 3 121 ? 8.985   -9.463  8.729   1.00 22.58 ? 175 GLU A O     1 
ATOM   1162 C  CB    . GLU C 3 121 ? 9.669   -12.174 8.358   1.00 34.56 ? 175 GLU A CB    1 
ATOM   1163 C  CG    . GLU C 3 121 ? 11.040  -12.172 7.794   1.00 47.07 ? 175 GLU A CG    1 
ATOM   1164 C  CD    . GLU C 3 121 ? 11.416  -13.537 7.279   1.00 55.09 ? 175 GLU A CD    1 
ATOM   1165 O  OE1   . GLU C 3 121 ? 11.635  -14.387 8.180   1.00 59.79 ? 175 GLU A OE1   1 
ATOM   1166 O  OE2   . GLU C 3 121 ? 11.515  -13.724 6.015   1.00 51.88 ? 175 GLU A OE2   1 
ATOM   1167 N  N     . THR C 3 122 ? 8.577   -9.235  6.560   1.00 19.34 ? 176 THR A N     1 
ATOM   1168 C  CA    . THR C 3 122 ? 8.597   -7.789  6.601   1.00 19.13 ? 176 THR A CA    1 
ATOM   1169 C  C     . THR C 3 122 ? 7.678   -7.254  7.707   1.00 19.79 ? 176 THR A C     1 
ATOM   1170 O  O     . THR C 3 122 ? 6.435   -7.487  7.656   1.00 21.47 ? 176 THR A O     1 
ATOM   1171 C  CB    . THR C 3 122 ? 7.991   -7.279  5.279   1.00 19.33 ? 176 THR A CB    1 
ATOM   1172 O  OG1   . THR C 3 122 ? 8.602   -7.943  4.162   1.00 19.71 ? 176 THR A OG1   1 
ATOM   1173 C  CG2   . THR C 3 122 ? 8.097   -5.803  5.181   1.00 19.70 ? 176 THR A CG2   1 
ATOM   1174 N  N     . PRO C 3 123 ? 8.234   -6.500  8.652   1.00 18.98 ? 177 PRO A N     1 
ATOM   1175 C  CA    . PRO C 3 123 ? 7.389   -5.790  9.590   1.00 19.37 ? 177 PRO A CA    1 
ATOM   1176 C  C     . PRO C 3 123 ? 6.596   -4.688  8.891   1.00 19.36 ? 177 PRO A C     1 
ATOM   1177 O  O     . PRO C 3 123 ? 7.160   -3.958  8.116   1.00 18.39 ? 177 PRO A O     1 
ATOM   1178 C  CB    . PRO C 3 123 ? 8.397   -5.181  10.596  1.00 18.91 ? 177 PRO A CB    1 
ATOM   1179 C  CG    . PRO C 3 123 ? 9.629   -5.957  10.409  1.00 22.00 ? 177 PRO A CG    1 
ATOM   1180 C  CD    . PRO C 3 123 ? 9.654   -6.238  8.937   1.00 20.37 ? 177 PRO A CD    1 
ATOM   1181 N  N     . ILE C 3 124 ? 5.301   -4.607  9.138   1.00 18.48 ? 178 ILE A N     1 
ATOM   1182 C  CA    . ILE C 3 124 ? 4.485   -3.505  8.562   1.00 19.37 ? 178 ILE A CA    1 
ATOM   1183 C  C     . ILE C 3 124 ? 4.176   -2.581  9.703   1.00 20.07 ? 178 ILE A C     1 
ATOM   1184 O  O     . ILE C 3 124 ? 3.450   -2.993  10.631  1.00 21.57 ? 178 ILE A O     1 
ATOM   1185 C  CB    . ILE C 3 124 ? 3.207   -4.048  7.962   1.00 21.66 ? 178 ILE A CB    1 
ATOM   1186 C  CG1   . ILE C 3 124 ? 3.594   -5.075  6.868   1.00 21.95 ? 178 ILE A CG1   1 
ATOM   1187 C  CG2   . ILE C 3 124 ? 2.345   -2.915  7.306   1.00 21.01 ? 178 ILE A CG2   1 
ATOM   1188 C  CD1   . ILE C 3 124 ? 2.429   -6.004  6.565   1.00 24.74 ? 178 ILE A CD1   1 
ATOM   1189 N  N     . LEU C 3 125 ? 4.708   -1.361  9.653   1.00 18.19 ? 179 LEU A N     1 
ATOM   1190 C  CA    . LEU C 3 125 ? 4.713   -0.443  10.781  1.00 19.15 ? 179 LEU A CA    1 
ATOM   1191 C  C     . LEU C 3 125 ? 3.860   0.772   10.513  1.00 18.78 ? 179 LEU A C     1 
ATOM   1192 O  O     . LEU C 3 125 ? 3.740   1.213   9.362   1.00 17.24 ? 179 LEU A O     1 
ATOM   1193 C  CB    . LEU C 3 125 ? 6.151   0.011   10.982  1.00 19.82 ? 179 LEU A CB    1 
ATOM   1194 C  CG    . LEU C 3 125 ? 7.206   -1.072  11.207  1.00 20.44 ? 179 LEU A CG    1 
ATOM   1195 C  CD1   . LEU C 3 125 ? 8.586   -0.416  11.336  1.00 22.30 ? 179 LEU A CD1   1 
ATOM   1196 C  CD2   . LEU C 3 125 ? 6.833   -1.906  12.406  1.00 23.26 ? 179 LEU A CD2   1 
ATOM   1197 N  N     . LYS C 3 126 ? 3.202   1.293   11.558  1.00 19.14 ? 180 LYS A N     1 
ATOM   1198 C  CA    . LYS C 3 126 ? 2.384   2.467   11.484  1.00 19.55 ? 180 LYS A CA    1 
ATOM   1199 C  C     . LYS C 3 126 ? 3.292   3.645   11.511  1.00 21.70 ? 180 LYS A C     1 
ATOM   1200 O  O     . LYS C 3 126 ? 4.036   3.881   12.519  1.00 21.67 ? 180 LYS A O     1 
ATOM   1201 C  CB    . LYS C 3 126 ? 1.441   2.516   12.723  1.00 19.12 ? 180 LYS A CB    1 
ATOM   1202 C  CG    . LYS C 3 126 ? 0.594   3.761   12.802  1.00 19.81 ? 180 LYS A CG    1 
ATOM   1203 C  CD    . LYS C 3 126 ? -0.399  3.892   11.601  1.00 19.60 ? 180 LYS A CD    1 
ATOM   1204 C  CE    . LYS C 3 126 ? -1.356  5.064   11.750  1.00 18.53 ? 180 LYS A CE    1 
ATOM   1205 N  NZ    . LYS C 3 126 ? -0.691  6.291   11.506  1.00 18.69 ? 180 LYS A NZ    1 
ATOM   1206 N  N     . TRP C 3 127 ? 3.187   4.471   10.490  1.00 18.36 ? 181 TRP A N     1 
ATOM   1207 C  CA    . TRP C 3 127 ? 3.875   5.699   10.452  1.00 20.91 ? 181 TRP A CA    1 
ATOM   1208 C  C     . TRP C 3 127 ? 3.143   6.688   11.390  1.00 21.12 ? 181 TRP A C     1 
ATOM   1209 O  O     . TRP C 3 127 ? 1.968   6.951   11.205  1.00 22.03 ? 181 TRP A O     1 
ATOM   1210 C  CB    . TRP C 3 127 ? 3.935   6.240   9.005   1.00 18.85 ? 181 TRP A CB    1 
ATOM   1211 C  CG    . TRP C 3 127 ? 4.632   7.598   8.959   1.00 20.65 ? 181 TRP A CG    1 
ATOM   1212 C  CD1   . TRP C 3 127 ? 4.046   8.854   8.936   1.00 21.08 ? 181 TRP A CD1   1 
ATOM   1213 C  CD2   . TRP C 3 127 ? 6.047   7.825   8.999   1.00 21.38 ? 181 TRP A CD2   1 
ATOM   1214 N  NE1   . TRP C 3 127 ? 5.026   9.819   8.956   1.00 21.98 ? 181 TRP A NE1   1 
ATOM   1215 C  CE2   . TRP C 3 127 ? 6.250   9.222   8.982   1.00 23.80 ? 181 TRP A CE2   1 
ATOM   1216 C  CE3   . TRP C 3 127 ? 7.154   6.982   9.018   1.00 22.49 ? 181 TRP A CE3   1 
ATOM   1217 C  CZ2   . TRP C 3 127 ? 7.514   9.786   8.997   1.00 24.06 ? 181 TRP A CZ2   1 
ATOM   1218 C  CZ3   . TRP C 3 127 ? 8.451   7.555   8.999   1.00 23.54 ? 181 TRP A CZ3   1 
ATOM   1219 C  CH2   . TRP C 3 127 ? 8.599   8.939   9.007   1.00 22.11 ? 181 TRP A CH2   1 
ATOM   1220 N  N     . GLN C 3 128 ? 3.872   7.267   12.336  1.00 24.32 ? 182 GLN A N     1 
ATOM   1221 C  CA    . GLN C 3 128 ? 3.294   8.137   13.406  1.00 25.05 ? 182 GLN A CA    1 
ATOM   1222 C  C     . GLN C 3 128 ? 3.238   9.591   12.988  1.00 23.56 ? 182 GLN A C     1 
ATOM   1223 O  O     . GLN C 3 128 ? 4.042   10.453  13.402  1.00 24.92 ? 182 GLN A O     1 
ATOM   1224 C  CB    . GLN C 3 128 ? 4.025   7.890   14.750  1.00 27.26 ? 182 GLN A CB    1 
ATOM   1225 C  CG    . GLN C 3 128 ? 3.735   6.488   15.250  1.00 30.09 ? 182 GLN A CG    1 
ATOM   1226 C  CD    . GLN C 3 128 ? 4.501   6.117   16.465  1.00 33.62 ? 182 GLN A CD    1 
ATOM   1227 O  OE1   . GLN C 3 128 ? 5.362   5.215   16.456  1.00 40.18 ? 182 GLN A OE1   1 
ATOM   1228 N  NE2   . GLN C 3 128 ? 4.194   6.758   17.524  1.00 36.72 ? 182 GLN A NE2   1 
ATOM   1229 N  N     . THR C 3 129 ? 2.297   9.872   12.095  1.00 23.76 ? 183 THR A N     1 
ATOM   1230 C  CA    . THR C 3 129 ? 2.099   11.183  11.511  1.00 22.24 ? 183 THR A CA    1 
ATOM   1231 C  C     . THR C 3 129 ? 2.026   12.290  12.565  1.00 26.14 ? 183 THR A C     1 
ATOM   1232 O  O     . THR C 3 129 ? 2.509   13.374  12.315  1.00 28.05 ? 183 THR A O     1 
ATOM   1233 C  CB    . THR C 3 129 ? 0.803   11.206  10.651  1.00 22.52 ? 183 THR A CB    1 
ATOM   1234 O  OG1   . THR C 3 129 ? 0.823   10.093  9.731   1.00 21.39 ? 183 THR A OG1   1 
ATOM   1235 C  CG2   . THR C 3 129 ? 0.667   12.499  9.901   1.00 21.99 ? 183 THR A CG2   1 
ATOM   1236 N  N     . ASP C 3 130 ? 1.355   12.021  13.685  1.00 27.59 ? 184 ASP A N     1 
ATOM   1237 C  CA    . ASP C 3 130 ? 1.115   13.071  14.702  1.00 32.67 ? 184 ASP A CA    1 
ATOM   1238 C  C     . ASP C 3 130 ? 2.445   13.510  15.322  1.00 35.05 ? 184 ASP A C     1 
ATOM   1239 O  O     . ASP C 3 130 ? 2.634   14.669  15.594  1.00 32.24 ? 184 ASP A O     1 
ATOM   1240 C  CB    . ASP C 3 130 ? 0.136   12.641  15.786  1.00 34.94 ? 184 ASP A CB    1 
ATOM   1241 C  CG    . ASP C 3 130 ? 0.503   11.330  16.453  1.00 35.35 ? 184 ASP A CG    1 
ATOM   1242 O  OD1   . ASP C 3 130 ? 1.412   10.561  16.038  1.00 40.35 ? 184 ASP A OD1   1 
ATOM   1243 O  OD2   . ASP C 3 130 ? -0.185  11.030  17.412  1.00 43.62 ? 184 ASP A OD2   1 
ATOM   1244 N  N     . LYS C 3 131 ? 3.363   12.569  15.465  1.00 32.17 ? 185 LYS A N     1 
ATOM   1245 C  CA    . LYS C 3 131 ? 4.684   12.831  15.957  1.00 32.10 ? 185 LYS A CA    1 
ATOM   1246 C  C     . LYS C 3 131 ? 5.692   13.253  14.931  1.00 32.03 ? 185 LYS A C     1 
ATOM   1247 O  O     . LYS C 3 131 ? 6.550   14.117  15.206  1.00 29.20 ? 185 LYS A O     1 
ATOM   1248 C  CB    . LYS C 3 131 ? 5.218   11.601  16.618  1.00 35.02 ? 185 LYS A CB    1 
ATOM   1249 C  CG    . LYS C 3 131 ? 4.475   11.112  17.850  1.00 37.26 ? 185 LYS A CG    1 
ATOM   1250 C  CD    . LYS C 3 131 ? 5.112   9.766   18.201  1.00 44.84 ? 185 LYS A CD    1 
ATOM   1251 C  CE    . LYS C 3 131 ? 4.895   9.266   19.617  1.00 46.31 ? 185 LYS A CE    1 
ATOM   1252 N  NZ    . LYS C 3 131 ? 3.452   9.355   19.932  1.00 56.62 ? 185 LYS A NZ    1 
ATOM   1253 N  N     . TRP C 3 132 ? 5.674   12.622  13.758  1.00 25.52 ? 186 TRP A N     1 
ATOM   1254 C  CA    . TRP C 3 132 ? 6.784   12.738  12.829  1.00 24.71 ? 186 TRP A CA    1 
ATOM   1255 C  C     . TRP C 3 132 ? 6.481   13.520  11.607  1.00 23.70 ? 186 TRP A C     1 
ATOM   1256 O  O     . TRP C 3 132 ? 7.349   13.672  10.742  1.00 26.44 ? 186 TRP A O     1 
ATOM   1257 C  CB    . TRP C 3 132 ? 7.252   11.351  12.374  1.00 25.20 ? 186 TRP A CB    1 
ATOM   1258 C  CG    . TRP C 3 132 ? 7.617   10.422  13.474  1.00 25.40 ? 186 TRP A CG    1 
ATOM   1259 C  CD1   . TRP C 3 132 ? 8.066   10.764  14.740  1.00 25.28 ? 186 TRP A CD1   1 
ATOM   1260 C  CD2   . TRP C 3 132 ? 7.578   8.998   13.427  1.00 25.05 ? 186 TRP A CD2   1 
ATOM   1261 N  NE1   . TRP C 3 132 ? 8.284   9.624   15.479  1.00 28.68 ? 186 TRP A NE1   1 
ATOM   1262 C  CE2   . TRP C 3 132 ? 8.021   8.523   14.706  1.00 27.37 ? 186 TRP A CE2   1 
ATOM   1263 C  CE3   . TRP C 3 132 ? 7.264   8.061   12.421  1.00 25.57 ? 186 TRP A CE3   1 
ATOM   1264 C  CZ2   . TRP C 3 132 ? 8.152   7.168   15.002  1.00 26.57 ? 186 TRP A CZ2   1 
ATOM   1265 C  CZ3   . TRP C 3 132 ? 7.343   6.706   12.724  1.00 24.95 ? 186 TRP A CZ3   1 
ATOM   1266 C  CH2   . TRP C 3 132 ? 7.793   6.271   14.020  1.00 26.42 ? 186 TRP A CH2   1 
ATOM   1267 N  N     . GLY C 3 133 ? 5.277   14.025  11.489  1.00 22.42 ? 187 GLY A N     1 
ATOM   1268 C  CA    . GLY C 3 133 ? 4.906   14.728  10.268  1.00 21.03 ? 187 GLY A CA    1 
ATOM   1269 C  C     . GLY C 3 133 ? 4.423   13.702  9.184   1.00 20.59 ? 187 GLY A C     1 
ATOM   1270 O  O     . GLY C 3 133 ? 4.298   12.491  9.439   1.00 19.72 ? 187 GLY A O     1 
ATOM   1271 N  N     . GLU C 3 134 ? 4.182   14.195  7.974   1.00 20.80 ? 188 GLU A N     1 
ATOM   1272 C  CA    . GLU C 3 134 ? 3.683   13.377  6.901   1.00 21.24 ? 188 GLU A CA    1 
ATOM   1273 C  C     . GLU C 3 134 ? 4.640   12.280  6.450   1.00 22.44 ? 188 GLU A C     1 
ATOM   1274 O  O     . GLU C 3 134 ? 5.890   12.419  6.387   1.00 21.86 ? 188 GLU A O     1 
ATOM   1275 C  CB    . GLU C 3 134 ? 3.335   14.225  5.692   1.00 24.83 ? 188 GLU A CB    1 
ATOM   1276 C  CG    . GLU C 3 134 ? 1.952   14.795  5.784   1.00 27.11 ? 188 GLU A CG    1 
ATOM   1277 C  CD    . GLU C 3 134 ? 0.840   13.750  5.740   1.00 34.49 ? 188 GLU A CD    1 
ATOM   1278 O  OE1   . GLU C 3 134 ? 1.080   12.529  5.439   1.00 38.45 ? 188 GLU A OE1   1 
ATOM   1279 O  OE2   . GLU C 3 134 ? -0.290  14.182  5.995   1.00 34.60 ? 188 GLU A OE2   1 
ATOM   1280 N  N     . ILE C 3 135 ? 4.039   11.156  6.108   1.00 21.88 ? 189 ILE A N     1 
ATOM   1281 C  CA    . ILE C 3 135 ? 4.762   10.050  5.552   1.00 20.45 ? 189 ILE A CA    1 
ATOM   1282 C  C     . ILE C 3 135 ? 5.580   10.504  4.325   1.00 19.22 ? 189 ILE A C     1 
ATOM   1283 O  O     . ILE C 3 135 ? 5.112   11.328  3.517   1.00 18.26 ? 189 ILE A O     1 
ATOM   1284 C  CB    . ILE C 3 135 ? 3.778   8.866   5.258   1.00 19.37 ? 189 ILE A CB    1 
ATOM   1285 C  CG1   . ILE C 3 135 ? 4.587   7.548   5.182   1.00 19.89 ? 189 ILE A CG1   1 
ATOM   1286 C  CG2   . ILE C 3 135 ? 2.883   9.155   4.045   1.00 18.75 ? 189 ILE A CG2   1 
ATOM   1287 C  CD1   . ILE C 3 135 ? 3.719   6.282   5.251   1.00 19.89 ? 189 ILE A CD1   1 
ATOM   1288 N  N     . LYS C 3 136 ? 6.779   9.912   4.164   1.00 22.58 ? 190 LYS A N     1 
ATOM   1289 C  CA    . LYS C 3 136 ? 7.693   10.310  3.086   1.00 22.78 ? 190 LYS A CA    1 
ATOM   1290 C  C     . LYS C 3 136 ? 7.153   10.011  1.677   1.00 24.99 ? 190 LYS A C     1 
ATOM   1291 O  O     . LYS C 3 136 ? 7.538   10.676  0.724   1.00 23.49 ? 190 LYS A O     1 
ATOM   1292 C  CB    . LYS C 3 136 ? 9.124   9.770   3.268   1.00 25.62 ? 190 LYS A CB    1 
ATOM   1293 C  CG    . LYS C 3 136 ? 9.851   10.258  4.524   1.00 28.65 ? 190 LYS A CG    1 
ATOM   1294 C  CD    . LYS C 3 136 ? 9.530   11.708  4.923   1.00 33.45 ? 190 LYS A CD    1 
ATOM   1295 C  CE    . LYS C 3 136 ? 10.427  12.125  6.089   1.00 36.78 ? 190 LYS A CE    1 
ATOM   1296 N  NZ    . LYS C 3 136 ? 10.066  13.495  6.510   1.00 35.66 ? 190 LYS A NZ    1 
ATOM   1297 N  N     . ALA C 3 137 ? 6.181   9.095   1.556   1.00 24.11 ? 191 ALA A N     1 
ATOM   1298 C  CA    . ALA C 3 137 ? 5.552   8.781   0.287   1.00 20.73 ? 191 ALA A CA    1 
ATOM   1299 C  C     . ALA C 3 137 ? 4.316   9.586   -0.048  1.00 21.32 ? 191 ALA A C     1 
ATOM   1300 O  O     . ALA C 3 137 ? 3.682   9.297   -1.044  1.00 20.55 ? 191 ALA A O     1 
ATOM   1301 C  CB    . ALA C 3 137 ? 5.200   7.302   0.281   1.00 21.53 ? 191 ALA A CB    1 
ATOM   1302 N  N     . ASP C 3 138 ? 3.964   10.570  0.801   1.00 21.24 ? 192 ASP A N     1 
ATOM   1303 C  CA    . ASP C 3 138 ? 2.764   11.365  0.640   1.00 20.10 ? 192 ASP A CA    1 
ATOM   1304 C  C     . ASP C 3 138 ? 2.640   11.997  -0.720  1.00 20.88 ? 192 ASP A C     1 
ATOM   1305 O  O     . ASP C 3 138 ? 3.659   12.417  -1.331  1.00 22.29 ? 192 ASP A O     1 
ATOM   1306 C  CB    . ASP C 3 138 ? 2.753   12.493  1.671   1.00 21.07 ? 192 ASP A CB    1 
ATOM   1307 C  CG    . ASP C 3 138 ? 1.373   13.065  1.907   1.00 21.58 ? 192 ASP A CG    1 
ATOM   1308 O  OD1   . ASP C 3 138 ? 0.334   12.471  1.591   1.00 19.41 ? 192 ASP A OD1   1 
ATOM   1309 O  OD2   . ASP C 3 138 ? 1.314   14.146  2.470   1.00 24.95 ? 192 ASP A OD2   1 
ATOM   1310 N  N     . TYR C 3 139 ? 1.415   12.098  -1.180  1.00 17.58 ? 193 TYR A N     1 
ATOM   1311 C  CA    . TYR C 3 139 ? 1.027   12.887  -2.353  1.00 20.21 ? 193 TYR A CA    1 
ATOM   1312 C  C     . TYR C 3 139 ? 0.449   14.193  -1.791  1.00 23.39 ? 193 TYR A C     1 
ATOM   1313 O  O     . TYR C 3 139 ? 1.136   15.149  -1.806  1.00 36.11 ? 193 TYR A O     1 
ATOM   1314 C  CB    . TYR C 3 139 ? -0.073  12.224  -3.145  1.00 19.54 ? 193 TYR A CB    1 
ATOM   1315 C  CG    . TYR C 3 139 ? 0.332   11.013  -3.944  1.00 20.26 ? 193 TYR A CG    1 
ATOM   1316 C  CD1   . TYR C 3 139 ? 0.376   9.782   -3.368  1.00 19.31 ? 193 TYR A CD1   1 
ATOM   1317 C  CD2   . TYR C 3 139 ? 0.675   11.117  -5.321  1.00 20.91 ? 193 TYR A CD2   1 
ATOM   1318 C  CE1   . TYR C 3 139 ? 0.762   8.660   -4.125  1.00 18.43 ? 193 TYR A CE1   1 
ATOM   1319 C  CE2   . TYR C 3 139 ? 1.041   10.019  -6.066  1.00 19.71 ? 193 TYR A CE2   1 
ATOM   1320 C  CZ    . TYR C 3 139 ? 1.063   8.769   -5.464  1.00 20.54 ? 193 TYR A CZ    1 
ATOM   1321 O  OH    . TYR C 3 139 ? 1.439   7.629   -6.172  1.00 21.57 ? 193 TYR A OH    1 
HETATM 1322 MG MG    . MG  D 4 .   ? -1.042  10.986  2.008   1.00 20.76 ? 201 MG  B MG    1 
HETATM 1323 MG MG    . MG  E 4 .   ? -2.077  7.469   3.505   1.00 19.94 ? 202 MG  B MG    1 
HETATM 1324 O  O     . HOH F 5 .   ? -6.078  10.774  10.500  1.00 21.27 ? 301 HOH B O     1 
HETATM 1325 O  O     . HOH F 5 .   ? -6.955  13.752  5.876   1.00 26.95 ? 302 HOH B O     1 
HETATM 1326 O  O     . HOH F 5 .   ? -21.810 11.154  16.659  1.00 32.49 ? 303 HOH B O     1 
HETATM 1327 O  O     . HOH G 5 .   ? -0.824  14.976  3.118   1.00 29.20 ? 301 HOH A O     1 
HETATM 1328 O  O     . HOH G 5 .   ? 8.648   2.777   13.918  1.00 27.39 ? 302 HOH A O     1 
HETATM 1329 O  O     . HOH G 5 .   ? 11.198  -6.845  4.252   1.00 19.30 ? 303 HOH A O     1 
HETATM 1330 O  O     . HOH G 5 .   ? -6.836  4.440   5.569   1.00 16.76 ? 304 HOH A O     1 
HETATM 1331 O  O     . HOH G 5 .   ? -0.269  10.900  3.938   1.00 17.88 ? 305 HOH A O     1 
HETATM 1332 O  O     . HOH G 5 .   ? 7.965   7.761   5.848   1.00 22.05 ? 306 HOH A O     1 
HETATM 1333 O  O     . HOH G 5 .   ? 8.296   -9.047  1.783   1.00 18.51 ? 307 HOH A O     1 
HETATM 1334 O  O     . HOH G 5 .   ? -1.796  11.044  0.122   1.00 19.35 ? 308 HOH A O     1 
HETATM 1335 O  O     . HOH G 5 .   ? 1.150   10.327  7.087   1.00 21.69 ? 309 HOH A O     1 
HETATM 1336 O  O     . HOH G 5 .   ? -0.650  2.324   2.695   1.00 18.45 ? 310 HOH A O     1 
HETATM 1337 O  O     . HOH G 5 .   ? -2.371  12.685  1.949   1.00 19.48 ? 311 HOH A O     1 
HETATM 1338 O  O     . HOH G 5 .   ? 17.028  -8.634  11.400  1.00 19.73 ? 312 HOH A O     1 
HETATM 1339 O  O     . HOH G 5 .   ? 0.298   5.393   3.889   1.00 19.82 ? 313 HOH A O     1 
HETATM 1340 O  O     . HOH G 5 .   ? -7.256  3.706   8.172   1.00 17.38 ? 314 HOH A O     1 
HETATM 1341 O  O     . HOH G 5 .   ? -11.170 0.234   -11.307 1.00 24.44 ? 315 HOH A O     1 
HETATM 1342 O  O     . HOH G 5 .   ? 22.733  -0.873  7.095   1.00 28.72 ? 316 HOH A O     1 
HETATM 1343 O  O     . HOH G 5 .   ? 6.894   1.826   -10.901 1.00 25.40 ? 317 HOH A O     1 
HETATM 1344 O  O     . HOH G 5 .   ? 4.173   -6.623  11.161  1.00 26.90 ? 318 HOH A O     1 
# 
loop_
_pdbx_poly_seq_scheme.asym_id 
_pdbx_poly_seq_scheme.entity_id 
_pdbx_poly_seq_scheme.seq_id 
_pdbx_poly_seq_scheme.mon_id 
_pdbx_poly_seq_scheme.ndb_seq_num 
_pdbx_poly_seq_scheme.pdb_seq_num 
_pdbx_poly_seq_scheme.auth_seq_num 
_pdbx_poly_seq_scheme.pdb_mon_id 
_pdbx_poly_seq_scheme.auth_mon_id 
_pdbx_poly_seq_scheme.pdb_strand_id 
_pdbx_poly_seq_scheme.pdb_ins_code 
_pdbx_poly_seq_scheme.hetero 
A 1 1   U   1   1   1   U   U   B . n 
A 1 2   C   2   2   2   C   C   B . n 
A 1 3   G   3   3   3   G   G   B . n 
A 1 4   A   4   4   4   A   A   B . n 
A 1 5   C   5   5   5   C   C   B . n 
A 1 6   A   6   6   6   A   A   B . n 
B 2 1   DA  1   1   1   DA  DA  C . n 
B 2 2   US3 2   2   2   US3 US3 C . n 
B 2 3   DG  3   3   3   DG  DG  C . n 
B 2 4   DT  4   4   4   DT  DT  C . n 
B 2 5   DC  5   5   5   DC  DC  C . n 
B 2 6   DG  6   6   6   DG  DG  C . n 
C 3 1   GLY 1   55  ?   ?   ?   A . n 
C 3 2   SER 2   56  ?   ?   ?   A . n 
C 3 3   HIS 3   57  ?   ?   ?   A . n 
C 3 4   MET 4   58  ?   ?   ?   A . n 
C 3 5   ALA 5   59  ?   ?   ?   A . n 
C 3 6   LYS 6   60  ?   ?   ?   A . n 
C 3 7   GLU 7   61  ?   ?   ?   A . n 
C 3 8   GLU 8   62  62  GLU GLU A . n 
C 3 9   ILE 9   63  63  ILE ILE A . n 
C 3 10  ILE 10  64  64  ILE ILE A . n 
C 3 11  TRP 11  65  65  TRP TRP A . n 
C 3 12  GLU 12  66  66  GLU GLU A . n 
C 3 13  SER 13  67  67  SER SER A . n 
C 3 14  LEU 14  68  68  LEU LEU A . n 
C 3 15  SER 15  69  69  SER SER A . n 
C 3 16  VAL 16  70  70  VAL VAL A . n 
C 3 17  ASP 17  71  71  ASP ASP A . n 
C 3 18  VAL 18  72  72  VAL VAL A . n 
C 3 19  GLY 19  73  73  GLY GLY A . n 
C 3 20  SER 20  74  74  SER SER A . n 
C 3 21  GLN 21  75  75  GLN GLN A . n 
C 3 22  GLY 22  76  76  GLY GLY A . n 
C 3 23  ASN 23  77  77  ASN ASN A . n 
C 3 24  PRO 24  78  78  PRO PRO A . n 
C 3 25  GLY 25  79  79  GLY GLY A . n 
C 3 26  ILE 26  80  80  ILE ILE A . n 
C 3 27  VAL 27  81  81  VAL VAL A . n 
C 3 28  GLU 28  82  82  GLU GLU A . n 
C 3 29  TYR 29  83  83  TYR TYR A . n 
C 3 30  LYS 30  84  84  LYS LYS A . n 
C 3 31  GLY 31  85  85  GLY GLY A . n 
C 3 32  VAL 32  86  86  VAL VAL A . n 
C 3 33  ASP 33  87  87  ASP ASP A . n 
C 3 34  THR 34  88  88  THR THR A . n 
C 3 35  LYS 35  89  89  LYS LYS A . n 
C 3 36  THR 36  90  90  THR THR A . n 
C 3 37  GLY 37  91  91  GLY GLY A . n 
C 3 38  GLU 38  92  92  GLU GLU A . n 
C 3 39  VAL 39  93  93  VAL VAL A . n 
C 3 40  LEU 40  94  94  LEU LEU A . n 
C 3 41  PHE 41  95  95  PHE PHE A . n 
C 3 42  GLU 42  96  96  GLU GLU A . n 
C 3 43  ARG 43  97  97  ARG ARG A . n 
C 3 44  GLU 44  98  98  GLU GLU A . n 
C 3 45  PRO 45  99  99  PRO PRO A . n 
C 3 46  ILE 46  100 100 ILE ILE A . n 
C 3 47  PRO 47  101 101 PRO PRO A . n 
C 3 48  ILE 48  102 102 ILE ILE A . n 
C 3 49  GLY 49  103 103 GLY GLY A . n 
C 3 50  THR 50  104 104 THR THR A . n 
C 3 51  ASN 51  105 105 ASN ASN A . n 
C 3 52  ASN 52  106 106 ASN ASN A . n 
C 3 53  MET 53  107 107 MET MET A . n 
C 3 54  GLY 54  108 108 GLY GLY A . n 
C 3 55  GLU 55  109 109 GLU GLU A . n 
C 3 56  PHE 56  110 110 PHE PHE A . n 
C 3 57  LEU 57  111 111 LEU LEU A . n 
C 3 58  ALA 58  112 112 ALA ALA A . n 
C 3 59  ILE 59  113 113 ILE ILE A . n 
C 3 60  VAL 60  114 114 VAL VAL A . n 
C 3 61  HIS 61  115 115 HIS HIS A . n 
C 3 62  GLY 62  116 116 GLY GLY A . n 
C 3 63  LEU 63  117 117 LEU LEU A . n 
C 3 64  ARG 64  118 118 ARG ARG A . n 
C 3 65  TYR 65  119 119 TYR TYR A . n 
C 3 66  LEU 66  120 120 LEU LEU A . n 
C 3 67  LYS 67  121 121 LYS LYS A . n 
C 3 68  GLU 68  122 122 GLU GLU A . n 
C 3 69  ARG 69  123 123 ARG ARG A . n 
C 3 70  ASN 70  124 124 ASN ASN A . n 
C 3 71  SER 71  125 125 SER SER A . n 
C 3 72  ARG 72  126 126 ARG ARG A . n 
C 3 73  LYS 73  127 127 LYS LYS A . n 
C 3 74  PRO 74  128 128 PRO PRO A . n 
C 3 75  ILE 75  129 129 ILE ILE A . n 
C 3 76  TYR 76  130 130 TYR TYR A . n 
C 3 77  SER 77  131 131 SER SER A . n 
C 3 78  ASN 78  132 132 ASN ASN A . n 
C 3 79  SER 79  133 133 SER SER A . n 
C 3 80  GLN 80  134 134 GLN GLN A . n 
C 3 81  THR 81  135 135 THR THR A . n 
C 3 82  ALA 82  136 136 ALA ALA A . n 
C 3 83  ILE 83  137 137 ILE ILE A . n 
C 3 84  LYS 84  138 138 LYS LYS A . n 
C 3 85  TRP 85  139 139 TRP TRP A . n 
C 3 86  VAL 86  140 140 VAL VAL A . n 
C 3 87  LYS 87  141 141 LYS LYS A . n 
C 3 88  ASP 88  142 142 ASP ASP A . n 
C 3 89  LYS 89  143 143 LYS LYS A . n 
C 3 90  LYS 90  144 144 LYS LYS A . n 
C 3 91  ALA 91  145 145 ALA ALA A . n 
C 3 92  LYS 92  146 146 LYS LYS A . n 
C 3 93  SER 93  147 147 SER SER A . n 
C 3 94  THR 94  148 148 THR THR A . n 
C 3 95  LEU 95  149 149 LEU LEU A . n 
C 3 96  VAL 96  150 150 VAL VAL A . n 
C 3 97  ARG 97  151 151 ARG ARG A . n 
C 3 98  ASN 98  152 152 ASN ASN A . n 
C 3 99  GLU 99  153 153 GLU GLU A . n 
C 3 100 GLU 100 154 154 GLU GLU A . n 
C 3 101 THR 101 155 155 THR THR A . n 
C 3 102 ALA 102 156 156 ALA ALA A . n 
C 3 103 LEU 103 157 157 LEU LEU A . n 
C 3 104 ILE 104 158 158 ILE ILE A . n 
C 3 105 TRP 105 159 159 TRP TRP A . n 
C 3 106 LYS 106 160 160 LYS LYS A . n 
C 3 107 LEU 107 161 161 LEU LEU A . n 
C 3 108 VAL 108 162 162 VAL VAL A . n 
C 3 109 ASP 109 163 163 ASP ASP A . n 
C 3 110 GLU 110 164 164 GLU GLU A . n 
C 3 111 ALA 111 165 165 ALA ALA A . n 
C 3 112 GLU 112 166 166 GLU GLU A . n 
C 3 113 GLU 113 167 167 GLU GLU A . n 
C 3 114 TRP 114 168 168 TRP TRP A . n 
C 3 115 LEU 115 169 169 LEU LEU A . n 
C 3 116 ASN 116 170 170 ASN ASN A . n 
C 3 117 THR 117 171 171 THR THR A . n 
C 3 118 HIS 118 172 172 HIS HIS A . n 
C 3 119 THR 119 173 173 THR THR A . n 
C 3 120 TYR 120 174 174 TYR TYR A . n 
C 3 121 GLU 121 175 175 GLU GLU A . n 
C 3 122 THR 122 176 176 THR THR A . n 
C 3 123 PRO 123 177 177 PRO PRO A . n 
C 3 124 ILE 124 178 178 ILE ILE A . n 
C 3 125 LEU 125 179 179 LEU LEU A . n 
C 3 126 LYS 126 180 180 LYS LYS A . n 
C 3 127 TRP 127 181 181 TRP TRP A . n 
C 3 128 GLN 128 182 182 GLN GLN A . n 
C 3 129 THR 129 183 183 THR THR A . n 
C 3 130 ASP 130 184 184 ASP ASP A . n 
C 3 131 LYS 131 185 185 LYS LYS A . n 
C 3 132 TRP 132 186 186 TRP TRP A . n 
C 3 133 GLY 133 187 187 GLY GLY A . n 
C 3 134 GLU 134 188 188 GLU GLU A . n 
C 3 135 ILE 135 189 189 ILE ILE A . n 
C 3 136 LYS 136 190 190 LYS LYS A . n 
C 3 137 ALA 137 191 191 ALA ALA A . n 
C 3 138 ASP 138 192 192 ASP ASP A . n 
C 3 139 TYR 139 193 193 TYR TYR A . n 
C 3 140 GLY 140 194 ?   ?   ?   A . n 
C 3 141 ARG 141 195 ?   ?   ?   A . n 
C 3 142 LYS 142 196 ?   ?   ?   A . n 
# 
loop_
_pdbx_nonpoly_scheme.asym_id 
_pdbx_nonpoly_scheme.entity_id 
_pdbx_nonpoly_scheme.mon_id 
_pdbx_nonpoly_scheme.ndb_seq_num 
_pdbx_nonpoly_scheme.pdb_seq_num 
_pdbx_nonpoly_scheme.auth_seq_num 
_pdbx_nonpoly_scheme.pdb_mon_id 
_pdbx_nonpoly_scheme.auth_mon_id 
_pdbx_nonpoly_scheme.pdb_strand_id 
_pdbx_nonpoly_scheme.pdb_ins_code 
D 4 MG  1  201 1  MG  MG  B . 
E 4 MG  1  202 2  MG  MG  B . 
F 5 HOH 1  301 8  HOH HOH B . 
F 5 HOH 2  302 9  HOH HOH B . 
F 5 HOH 3  303 7  HOH HOH B . 
G 5 HOH 1  301 6  HOH HOH A . 
G 5 HOH 2  302 17 HOH HOH A . 
G 5 HOH 3  303 19 HOH HOH A . 
G 5 HOH 4  304 16 HOH HOH A . 
G 5 HOH 5  305 3  HOH HOH A . 
G 5 HOH 6  306 11 HOH HOH A . 
G 5 HOH 7  307 21 HOH HOH A . 
G 5 HOH 8  308 1  HOH HOH A . 
G 5 HOH 9  309 10 HOH HOH A . 
G 5 HOH 10 310 5  HOH HOH A . 
G 5 HOH 11 311 2  HOH HOH A . 
G 5 HOH 12 312 20 HOH HOH A . 
G 5 HOH 13 313 4  HOH HOH A . 
G 5 HOH 14 314 15 HOH HOH A . 
G 5 HOH 15 315 13 HOH HOH A . 
G 5 HOH 16 316 22 HOH HOH A . 
G 5 HOH 17 317 14 HOH HOH A . 
G 5 HOH 18 318 18 HOH HOH A . 
# 
_pdbx_struct_assembly.id                   1 
_pdbx_struct_assembly.details              author_and_software_defined_assembly 
_pdbx_struct_assembly.method_details       PISA 
_pdbx_struct_assembly.oligomeric_details   trimeric 
_pdbx_struct_assembly.oligomeric_count     3 
# 
_pdbx_struct_assembly_gen.assembly_id       1 
_pdbx_struct_assembly_gen.oper_expression   1 
_pdbx_struct_assembly_gen.asym_id_list      A,B,C,D,E,F,G 
# 
loop_
_pdbx_struct_assembly_prop.biol_id 
_pdbx_struct_assembly_prop.type 
_pdbx_struct_assembly_prop.value 
_pdbx_struct_assembly_prop.details 
1 'ABSA (A^2)' 2220 ? 
1 MORE         -34  ? 
1 'SSA (A^2)'  8290 ? 
# 
_pdbx_struct_oper_list.id                   1 
_pdbx_struct_oper_list.type                 'identity operation' 
_pdbx_struct_oper_list.name                 1_555 
_pdbx_struct_oper_list.symmetry_operation   x,y,z 
_pdbx_struct_oper_list.matrix[1][1]         1.0000000000 
_pdbx_struct_oper_list.matrix[1][2]         0.0000000000 
_pdbx_struct_oper_list.matrix[1][3]         0.0000000000 
_pdbx_struct_oper_list.vector[1]            0.0000000000 
_pdbx_struct_oper_list.matrix[2][1]         0.0000000000 
_pdbx_struct_oper_list.matrix[2][2]         1.0000000000 
_pdbx_struct_oper_list.matrix[2][3]         0.0000000000 
_pdbx_struct_oper_list.vector[2]            0.0000000000 
_pdbx_struct_oper_list.matrix[3][1]         0.0000000000 
_pdbx_struct_oper_list.matrix[3][2]         0.0000000000 
_pdbx_struct_oper_list.matrix[3][3]         1.0000000000 
_pdbx_struct_oper_list.vector[3]            0.0000000000 
# 
loop_
_pdbx_struct_conn_angle.id 
_pdbx_struct_conn_angle.ptnr1_label_atom_id 
_pdbx_struct_conn_angle.ptnr1_label_alt_id 
_pdbx_struct_conn_angle.ptnr1_label_asym_id 
_pdbx_struct_conn_angle.ptnr1_label_comp_id 
_pdbx_struct_conn_angle.ptnr1_label_seq_id 
_pdbx_struct_conn_angle.ptnr1_auth_atom_id 
_pdbx_struct_conn_angle.ptnr1_auth_asym_id 
_pdbx_struct_conn_angle.ptnr1_auth_comp_id 
_pdbx_struct_conn_angle.ptnr1_auth_seq_id 
_pdbx_struct_conn_angle.ptnr1_PDB_ins_code 
_pdbx_struct_conn_angle.ptnr1_symmetry 
_pdbx_struct_conn_angle.ptnr2_label_atom_id 
_pdbx_struct_conn_angle.ptnr2_label_alt_id 
_pdbx_struct_conn_angle.ptnr2_label_asym_id 
_pdbx_struct_conn_angle.ptnr2_label_comp_id 
_pdbx_struct_conn_angle.ptnr2_label_seq_id 
_pdbx_struct_conn_angle.ptnr2_auth_atom_id 
_pdbx_struct_conn_angle.ptnr2_auth_asym_id 
_pdbx_struct_conn_angle.ptnr2_auth_comp_id 
_pdbx_struct_conn_angle.ptnr2_auth_seq_id 
_pdbx_struct_conn_angle.ptnr2_PDB_ins_code 
_pdbx_struct_conn_angle.ptnr2_symmetry 
_pdbx_struct_conn_angle.ptnr3_label_atom_id 
_pdbx_struct_conn_angle.ptnr3_label_alt_id 
_pdbx_struct_conn_angle.ptnr3_label_asym_id 
_pdbx_struct_conn_angle.ptnr3_label_comp_id 
_pdbx_struct_conn_angle.ptnr3_label_seq_id 
_pdbx_struct_conn_angle.ptnr3_auth_atom_id 
_pdbx_struct_conn_angle.ptnr3_auth_asym_id 
_pdbx_struct_conn_angle.ptnr3_auth_comp_id 
_pdbx_struct_conn_angle.ptnr3_auth_seq_id 
_pdbx_struct_conn_angle.ptnr3_PDB_ins_code 
_pdbx_struct_conn_angle.ptnr3_symmetry 
_pdbx_struct_conn_angle.value 
_pdbx_struct_conn_angle.value_esd 
1  "O3'" ? A C   5   ? B C   5   ? 1_555 MG ? E MG . ? B MG 202 ? 1_555 OP1 ? A A   6   ? B A   6   ? 1_555 57.6  ? 
2  "O3'" ? A C   5   ? B C   5   ? 1_555 MG ? E MG . ? B MG 202 ? 1_555 OD1 ? C ASP 17  ? A ASP 71  ? 1_555 134.3 ? 
3  OP1   ? A A   6   ? B A   6   ? 1_555 MG ? E MG . ? B MG 202 ? 1_555 OD1 ? C ASP 17  ? A ASP 71  ? 1_555 78.9  ? 
4  "O3'" ? A C   5   ? B C   5   ? 1_555 MG ? E MG . ? B MG 202 ? 1_555 OE2 ? C GLU 55  ? A GLU 109 ? 1_555 79.6  ? 
5  OP1   ? A A   6   ? B A   6   ? 1_555 MG ? E MG . ? B MG 202 ? 1_555 OE2 ? C GLU 55  ? A GLU 109 ? 1_555 112.8 ? 
6  OD1   ? C ASP 17  ? A ASP 71  ? 1_555 MG ? E MG . ? B MG 202 ? 1_555 OE2 ? C GLU 55  ? A GLU 109 ? 1_555 108.5 ? 
7  "O3'" ? A C   5   ? B C   5   ? 1_555 MG ? E MG . ? B MG 202 ? 1_555 OD1 ? C ASN 78  ? A ASN 132 ? 1_555 86.0  ? 
8  OP1   ? A A   6   ? B A   6   ? 1_555 MG ? E MG . ? B MG 202 ? 1_555 OD1 ? C ASN 78  ? A ASN 132 ? 1_555 123.5 ? 
9  OD1   ? C ASP 17  ? A ASP 71  ? 1_555 MG ? E MG . ? B MG 202 ? 1_555 OD1 ? C ASN 78  ? A ASN 132 ? 1_555 133.8 ? 
10 OE2   ? C GLU 55  ? A GLU 109 ? 1_555 MG ? E MG . ? B MG 202 ? 1_555 OD1 ? C ASN 78  ? A ASN 132 ? 1_555 99.0  ? 
11 OP1   ? A A   6   ? B A   6   ? 1_555 MG ? D MG . ? B MG 201 ? 1_555 OD2 ? C ASP 17  ? A ASP 71  ? 1_555 99.3  ? 
12 OP1   ? A A   6   ? B A   6   ? 1_555 MG ? D MG . ? B MG 201 ? 1_555 OD1 ? C ASP 138 ? A ASP 192 ? 1_555 165.7 ? 
13 OD2   ? C ASP 17  ? A ASP 71  ? 1_555 MG ? D MG . ? B MG 201 ? 1_555 OD1 ? C ASP 138 ? A ASP 192 ? 1_555 92.9  ? 
14 OP1   ? A A   6   ? B A   6   ? 1_555 MG ? D MG . ? B MG 201 ? 1_555 O   ? G HOH .   ? A HOH 305 ? 1_555 84.5  ? 
15 OD2   ? C ASP 17  ? A ASP 71  ? 1_555 MG ? D MG . ? B MG 201 ? 1_555 O   ? G HOH .   ? A HOH 305 ? 1_555 88.4  ? 
16 OD1   ? C ASP 138 ? A ASP 192 ? 1_555 MG ? D MG . ? B MG 201 ? 1_555 O   ? G HOH .   ? A HOH 305 ? 1_555 88.3  ? 
17 OP1   ? A A   6   ? B A   6   ? 1_555 MG ? D MG . ? B MG 201 ? 1_555 O   ? G HOH .   ? A HOH 308 ? 1_555 95.1  ? 
18 OD2   ? C ASP 17  ? A ASP 71  ? 1_555 MG ? D MG . ? B MG 201 ? 1_555 O   ? G HOH .   ? A HOH 308 ? 1_555 91.0  ? 
19 OD1   ? C ASP 138 ? A ASP 192 ? 1_555 MG ? D MG . ? B MG 201 ? 1_555 O   ? G HOH .   ? A HOH 308 ? 1_555 92.2  ? 
20 O     ? G HOH .   ? A HOH 305 ? 1_555 MG ? D MG . ? B MG 201 ? 1_555 O   ? G HOH .   ? A HOH 308 ? 1_555 179.3 ? 
21 OP1   ? A A   6   ? B A   6   ? 1_555 MG ? D MG . ? B MG 201 ? 1_555 O   ? G HOH .   ? A HOH 311 ? 1_555 89.5  ? 
22 OD2   ? C ASP 17  ? A ASP 71  ? 1_555 MG ? D MG . ? B MG 201 ? 1_555 O   ? G HOH .   ? A HOH 311 ? 1_555 163.3 ? 
23 OD1   ? C ASP 138 ? A ASP 192 ? 1_555 MG ? D MG . ? B MG 201 ? 1_555 O   ? G HOH .   ? A HOH 311 ? 1_555 80.7  ? 
24 O     ? G HOH .   ? A HOH 305 ? 1_555 MG ? D MG . ? B MG 201 ? 1_555 O   ? G HOH .   ? A HOH 311 ? 1_555 106.7 ? 
25 O     ? G HOH .   ? A HOH 308 ? 1_555 MG ? D MG . ? B MG 201 ? 1_555 O   ? G HOH .   ? A HOH 311 ? 1_555 74.0  ? 
# 
loop_
_pdbx_audit_revision_history.ordinal 
_pdbx_audit_revision_history.data_content_type 
_pdbx_audit_revision_history.major_revision 
_pdbx_audit_revision_history.minor_revision 
_pdbx_audit_revision_history.revision_date 
1 'Structure model' 1 0 2017-03-08 
2 'Structure model' 1 1 2023-10-04 
# 
_pdbx_audit_revision_details.ordinal             1 
_pdbx_audit_revision_details.revision_ordinal    1 
_pdbx_audit_revision_details.data_content_type   'Structure model' 
_pdbx_audit_revision_details.provider            repository 
_pdbx_audit_revision_details.type                'Initial release' 
_pdbx_audit_revision_details.description         ? 
_pdbx_audit_revision_details.details             ? 
# 
loop_
_pdbx_audit_revision_group.ordinal 
_pdbx_audit_revision_group.revision_ordinal 
_pdbx_audit_revision_group.data_content_type 
_pdbx_audit_revision_group.group 
1 2 'Structure model' 'Data collection'        
2 2 'Structure model' 'Database references'    
3 2 'Structure model' 'Derived calculations'   
4 2 'Structure model' 'Refinement description' 
# 
loop_
_pdbx_audit_revision_category.ordinal 
_pdbx_audit_revision_category.revision_ordinal 
_pdbx_audit_revision_category.data_content_type 
_pdbx_audit_revision_category.category 
1 2 'Structure model' chem_comp_atom                
2 2 'Structure model' chem_comp_bond                
3 2 'Structure model' database_2                    
4 2 'Structure model' pdbx_initial_refinement_model 
5 2 'Structure model' pdbx_struct_conn_angle        
6 2 'Structure model' struct_conn                   
7 2 'Structure model' struct_conn_type              
# 
loop_
_pdbx_audit_revision_item.ordinal 
_pdbx_audit_revision_item.revision_ordinal 
_pdbx_audit_revision_item.data_content_type 
_pdbx_audit_revision_item.item 
1  2 'Structure model' '_database_2.pdbx_DOI'                      
2  2 'Structure model' '_database_2.pdbx_database_accession'       
3  2 'Structure model' '_pdbx_struct_conn_angle.ptnr1_auth_seq_id' 
4  2 'Structure model' '_pdbx_struct_conn_angle.ptnr3_auth_seq_id' 
5  2 'Structure model' '_pdbx_struct_conn_angle.value'             
6  2 'Structure model' '_struct_conn.conn_type_id'                 
7  2 'Structure model' '_struct_conn.id'                           
8  2 'Structure model' '_struct_conn.pdbx_dist_value'              
9  2 'Structure model' '_struct_conn.pdbx_leaving_atom_flag'       
10 2 'Structure model' '_struct_conn.ptnr1_auth_asym_id'           
11 2 'Structure model' '_struct_conn.ptnr1_auth_comp_id'           
12 2 'Structure model' '_struct_conn.ptnr1_auth_seq_id'            
13 2 'Structure model' '_struct_conn.ptnr1_label_asym_id'          
14 2 'Structure model' '_struct_conn.ptnr1_label_atom_id'          
15 2 'Structure model' '_struct_conn.ptnr1_label_comp_id'          
16 2 'Structure model' '_struct_conn.ptnr1_label_seq_id'           
17 2 'Structure model' '_struct_conn.ptnr2_auth_asym_id'           
18 2 'Structure model' '_struct_conn.ptnr2_auth_comp_id'           
19 2 'Structure model' '_struct_conn.ptnr2_auth_seq_id'            
20 2 'Structure model' '_struct_conn.ptnr2_label_asym_id'          
21 2 'Structure model' '_struct_conn.ptnr2_label_atom_id'          
22 2 'Structure model' '_struct_conn.ptnr2_label_comp_id'          
23 2 'Structure model' '_struct_conn.ptnr2_label_seq_id'           
24 2 'Structure model' '_struct_conn_type.id'                      
# 
loop_
_software.citation_id 
_software.classification 
_software.compiler_name 
_software.compiler_version 
_software.contact_author 
_software.contact_author_email 
_software.date 
_software.description 
_software.dependencies 
_software.hardware 
_software.language 
_software.location 
_software.mods 
_software.name 
_software.os 
_software.os_version 
_software.type 
_software.version 
_software.pdbx_ordinal 
? refinement       ? ? ? ? ? ? ? ? ? ? ? REFMAC   ? ? ? 5.8.0135 1 
? 'data reduction' ? ? ? ? ? ? ? ? ? ? ? HKL-2000 ? ? ? .        2 
? 'data scaling'   ? ? ? ? ? ? ? ? ? ? ? HKL-2000 ? ? ? .        3 
? phasing          ? ? ? ? ? ? ? ? ? ? ? PHASER   ? ? ? .        4 
# 
_pdbx_validate_rmsd_bond.id                        1 
_pdbx_validate_rmsd_bond.PDB_model_num             1 
_pdbx_validate_rmsd_bond.auth_atom_id_1            "O3'" 
_pdbx_validate_rmsd_bond.auth_asym_id_1            C 
_pdbx_validate_rmsd_bond.auth_comp_id_1            DA 
_pdbx_validate_rmsd_bond.auth_seq_id_1             1 
_pdbx_validate_rmsd_bond.PDB_ins_code_1            ? 
_pdbx_validate_rmsd_bond.label_alt_id_1            ? 
_pdbx_validate_rmsd_bond.auth_atom_id_2            "C3'" 
_pdbx_validate_rmsd_bond.auth_asym_id_2            C 
_pdbx_validate_rmsd_bond.auth_comp_id_2            DA 
_pdbx_validate_rmsd_bond.auth_seq_id_2             1 
_pdbx_validate_rmsd_bond.PDB_ins_code_2            ? 
_pdbx_validate_rmsd_bond.label_alt_id_2            ? 
_pdbx_validate_rmsd_bond.bond_value                1.313 
_pdbx_validate_rmsd_bond.bond_target_value         1.419 
_pdbx_validate_rmsd_bond.bond_deviation            -0.106 
_pdbx_validate_rmsd_bond.bond_standard_deviation   0.006 
_pdbx_validate_rmsd_bond.linker_flag               N 
# 
loop_
_pdbx_validate_rmsd_angle.id 
_pdbx_validate_rmsd_angle.PDB_model_num 
_pdbx_validate_rmsd_angle.auth_atom_id_1 
_pdbx_validate_rmsd_angle.auth_asym_id_1 
_pdbx_validate_rmsd_angle.auth_comp_id_1 
_pdbx_validate_rmsd_angle.auth_seq_id_1 
_pdbx_validate_rmsd_angle.PDB_ins_code_1 
_pdbx_validate_rmsd_angle.label_alt_id_1 
_pdbx_validate_rmsd_angle.auth_atom_id_2 
_pdbx_validate_rmsd_angle.auth_asym_id_2 
_pdbx_validate_rmsd_angle.auth_comp_id_2 
_pdbx_validate_rmsd_angle.auth_seq_id_2 
_pdbx_validate_rmsd_angle.PDB_ins_code_2 
_pdbx_validate_rmsd_angle.label_alt_id_2 
_pdbx_validate_rmsd_angle.auth_atom_id_3 
_pdbx_validate_rmsd_angle.auth_asym_id_3 
_pdbx_validate_rmsd_angle.auth_comp_id_3 
_pdbx_validate_rmsd_angle.auth_seq_id_3 
_pdbx_validate_rmsd_angle.PDB_ins_code_3 
_pdbx_validate_rmsd_angle.label_alt_id_3 
_pdbx_validate_rmsd_angle.angle_value 
_pdbx_validate_rmsd_angle.angle_target_value 
_pdbx_validate_rmsd_angle.angle_deviation 
_pdbx_validate_rmsd_angle.angle_standard_deviation 
_pdbx_validate_rmsd_angle.linker_flag 
1 1 "C4'" C DA  1   ? ? "C3'" C DA  1   ? ? "O3'" C DA  1   ? ? 124.84 112.30 12.54 2.00 N 
2 1 "C3'" C DA  1   ? ? "O3'" C DA  1   ? ? P     C US3 2   ? ? 134.79 119.70 15.09 1.20 Y 
3 1 "C3'" C US3 2   ? ? "O3'" C US3 2   ? ? P     C DG  3   ? ? 136.53 119.70 16.83 1.20 Y 
4 1 "O5'" C DT  4   ? ? P     C DT  4   ? ? OP2   C DT  4   ? ? 98.61  105.70 -7.09 0.90 N 
5 1 CB    A LEU 117 ? ? CG    A LEU 117 ? ? CD1   A LEU 117 ? ? 125.17 111.00 14.17 1.70 N 
6 1 NE    A ARG 151 ? ? CZ    A ARG 151 ? ? NH1   A ARG 151 ? ? 123.38 120.30 3.08  0.50 N 
7 1 CB    A ASP 184 ? ? CG    A ASP 184 ? ? OD1   A ASP 184 ? ? 123.84 118.30 5.54  0.90 N 
# 
loop_
_pdbx_unobs_or_zero_occ_residues.id 
_pdbx_unobs_or_zero_occ_residues.PDB_model_num 
_pdbx_unobs_or_zero_occ_residues.polymer_flag 
_pdbx_unobs_or_zero_occ_residues.occupancy_flag 
_pdbx_unobs_or_zero_occ_residues.auth_asym_id 
_pdbx_unobs_or_zero_occ_residues.auth_comp_id 
_pdbx_unobs_or_zero_occ_residues.auth_seq_id 
_pdbx_unobs_or_zero_occ_residues.PDB_ins_code 
_pdbx_unobs_or_zero_occ_residues.label_asym_id 
_pdbx_unobs_or_zero_occ_residues.label_comp_id 
_pdbx_unobs_or_zero_occ_residues.label_seq_id 
1  1 Y 1 A GLY 55  ? C GLY 1   
2  1 Y 1 A SER 56  ? C SER 2   
3  1 Y 1 A HIS 57  ? C HIS 3   
4  1 Y 1 A MET 58  ? C MET 4   
5  1 Y 1 A ALA 59  ? C ALA 5   
6  1 Y 1 A LYS 60  ? C LYS 6   
7  1 Y 1 A GLU 61  ? C GLU 7   
8  1 Y 1 A GLY 194 ? C GLY 140 
9  1 Y 1 A ARG 195 ? C ARG 141 
10 1 Y 1 A LYS 196 ? C LYS 142 
# 
loop_
_chem_comp_atom.comp_id 
_chem_comp_atom.atom_id 
_chem_comp_atom.type_symbol 
_chem_comp_atom.pdbx_aromatic_flag 
_chem_comp_atom.pdbx_stereo_config 
_chem_comp_atom.pdbx_ordinal 
A   OP3    O  N N 1   
A   P      P  N N 2   
A   OP1    O  N N 3   
A   OP2    O  N N 4   
A   "O5'"  O  N N 5   
A   "C5'"  C  N N 6   
A   "C4'"  C  N R 7   
A   "O4'"  O  N N 8   
A   "C3'"  C  N S 9   
A   "O3'"  O  N N 10  
A   "C2'"  C  N R 11  
A   "O2'"  O  N N 12  
A   "C1'"  C  N R 13  
A   N9     N  Y N 14  
A   C8     C  Y N 15  
A   N7     N  Y N 16  
A   C5     C  Y N 17  
A   C6     C  Y N 18  
A   N6     N  N N 19  
A   N1     N  Y N 20  
A   C2     C  Y N 21  
A   N3     N  Y N 22  
A   C4     C  Y N 23  
A   HOP3   H  N N 24  
A   HOP2   H  N N 25  
A   "H5'"  H  N N 26  
A   "H5''" H  N N 27  
A   "H4'"  H  N N 28  
A   "H3'"  H  N N 29  
A   "HO3'" H  N N 30  
A   "H2'"  H  N N 31  
A   "HO2'" H  N N 32  
A   "H1'"  H  N N 33  
A   H8     H  N N 34  
A   H61    H  N N 35  
A   H62    H  N N 36  
A   H2     H  N N 37  
ALA N      N  N N 38  
ALA CA     C  N S 39  
ALA C      C  N N 40  
ALA O      O  N N 41  
ALA CB     C  N N 42  
ALA OXT    O  N N 43  
ALA H      H  N N 44  
ALA H2     H  N N 45  
ALA HA     H  N N 46  
ALA HB1    H  N N 47  
ALA HB2    H  N N 48  
ALA HB3    H  N N 49  
ALA HXT    H  N N 50  
ARG N      N  N N 51  
ARG CA     C  N S 52  
ARG C      C  N N 53  
ARG O      O  N N 54  
ARG CB     C  N N 55  
ARG CG     C  N N 56  
ARG CD     C  N N 57  
ARG NE     N  N N 58  
ARG CZ     C  N N 59  
ARG NH1    N  N N 60  
ARG NH2    N  N N 61  
ARG OXT    O  N N 62  
ARG H      H  N N 63  
ARG H2     H  N N 64  
ARG HA     H  N N 65  
ARG HB2    H  N N 66  
ARG HB3    H  N N 67  
ARG HG2    H  N N 68  
ARG HG3    H  N N 69  
ARG HD2    H  N N 70  
ARG HD3    H  N N 71  
ARG HE     H  N N 72  
ARG HH11   H  N N 73  
ARG HH12   H  N N 74  
ARG HH21   H  N N 75  
ARG HH22   H  N N 76  
ARG HXT    H  N N 77  
ASN N      N  N N 78  
ASN CA     C  N S 79  
ASN C      C  N N 80  
ASN O      O  N N 81  
ASN CB     C  N N 82  
ASN CG     C  N N 83  
ASN OD1    O  N N 84  
ASN ND2    N  N N 85  
ASN OXT    O  N N 86  
ASN H      H  N N 87  
ASN H2     H  N N 88  
ASN HA     H  N N 89  
ASN HB2    H  N N 90  
ASN HB3    H  N N 91  
ASN HD21   H  N N 92  
ASN HD22   H  N N 93  
ASN HXT    H  N N 94  
ASP N      N  N N 95  
ASP CA     C  N S 96  
ASP C      C  N N 97  
ASP O      O  N N 98  
ASP CB     C  N N 99  
ASP CG     C  N N 100 
ASP OD1    O  N N 101 
ASP OD2    O  N N 102 
ASP OXT    O  N N 103 
ASP H      H  N N 104 
ASP H2     H  N N 105 
ASP HA     H  N N 106 
ASP HB2    H  N N 107 
ASP HB3    H  N N 108 
ASP HD2    H  N N 109 
ASP HXT    H  N N 110 
C   OP3    O  N N 111 
C   P      P  N N 112 
C   OP1    O  N N 113 
C   OP2    O  N N 114 
C   "O5'"  O  N N 115 
C   "C5'"  C  N N 116 
C   "C4'"  C  N R 117 
C   "O4'"  O  N N 118 
C   "C3'"  C  N S 119 
C   "O3'"  O  N N 120 
C   "C2'"  C  N R 121 
C   "O2'"  O  N N 122 
C   "C1'"  C  N R 123 
C   N1     N  N N 124 
C   C2     C  N N 125 
C   O2     O  N N 126 
C   N3     N  N N 127 
C   C4     C  N N 128 
C   N4     N  N N 129 
C   C5     C  N N 130 
C   C6     C  N N 131 
C   HOP3   H  N N 132 
C   HOP2   H  N N 133 
C   "H5'"  H  N N 134 
C   "H5''" H  N N 135 
C   "H4'"  H  N N 136 
C   "H3'"  H  N N 137 
C   "HO3'" H  N N 138 
C   "H2'"  H  N N 139 
C   "HO2'" H  N N 140 
C   "H1'"  H  N N 141 
C   H41    H  N N 142 
C   H42    H  N N 143 
C   H5     H  N N 144 
C   H6     H  N N 145 
DA  OP3    O  N N 146 
DA  P      P  N N 147 
DA  OP1    O  N N 148 
DA  OP2    O  N N 149 
DA  "O5'"  O  N N 150 
DA  "C5'"  C  N N 151 
DA  "C4'"  C  N R 152 
DA  "O4'"  O  N N 153 
DA  "C3'"  C  N S 154 
DA  "O3'"  O  N N 155 
DA  "C2'"  C  N N 156 
DA  "C1'"  C  N R 157 
DA  N9     N  Y N 158 
DA  C8     C  Y N 159 
DA  N7     N  Y N 160 
DA  C5     C  Y N 161 
DA  C6     C  Y N 162 
DA  N6     N  N N 163 
DA  N1     N  Y N 164 
DA  C2     C  Y N 165 
DA  N3     N  Y N 166 
DA  C4     C  Y N 167 
DA  HOP3   H  N N 168 
DA  HOP2   H  N N 169 
DA  "H5'"  H  N N 170 
DA  "H5''" H  N N 171 
DA  "H4'"  H  N N 172 
DA  "H3'"  H  N N 173 
DA  "HO3'" H  N N 174 
DA  "H2'"  H  N N 175 
DA  "H2''" H  N N 176 
DA  "H1'"  H  N N 177 
DA  H8     H  N N 178 
DA  H61    H  N N 179 
DA  H62    H  N N 180 
DA  H2     H  N N 181 
DC  OP3    O  N N 182 
DC  P      P  N N 183 
DC  OP1    O  N N 184 
DC  OP2    O  N N 185 
DC  "O5'"  O  N N 186 
DC  "C5'"  C  N N 187 
DC  "C4'"  C  N R 188 
DC  "O4'"  O  N N 189 
DC  "C3'"  C  N S 190 
DC  "O3'"  O  N N 191 
DC  "C2'"  C  N N 192 
DC  "C1'"  C  N R 193 
DC  N1     N  N N 194 
DC  C2     C  N N 195 
DC  O2     O  N N 196 
DC  N3     N  N N 197 
DC  C4     C  N N 198 
DC  N4     N  N N 199 
DC  C5     C  N N 200 
DC  C6     C  N N 201 
DC  HOP3   H  N N 202 
DC  HOP2   H  N N 203 
DC  "H5'"  H  N N 204 
DC  "H5''" H  N N 205 
DC  "H4'"  H  N N 206 
DC  "H3'"  H  N N 207 
DC  "HO3'" H  N N 208 
DC  "H2'"  H  N N 209 
DC  "H2''" H  N N 210 
DC  "H1'"  H  N N 211 
DC  H41    H  N N 212 
DC  H42    H  N N 213 
DC  H5     H  N N 214 
DC  H6     H  N N 215 
DG  OP3    O  N N 216 
DG  P      P  N N 217 
DG  OP1    O  N N 218 
DG  OP2    O  N N 219 
DG  "O5'"  O  N N 220 
DG  "C5'"  C  N N 221 
DG  "C4'"  C  N R 222 
DG  "O4'"  O  N N 223 
DG  "C3'"  C  N S 224 
DG  "O3'"  O  N N 225 
DG  "C2'"  C  N N 226 
DG  "C1'"  C  N R 227 
DG  N9     N  Y N 228 
DG  C8     C  Y N 229 
DG  N7     N  Y N 230 
DG  C5     C  Y N 231 
DG  C6     C  N N 232 
DG  O6     O  N N 233 
DG  N1     N  N N 234 
DG  C2     C  N N 235 
DG  N2     N  N N 236 
DG  N3     N  N N 237 
DG  C4     C  Y N 238 
DG  HOP3   H  N N 239 
DG  HOP2   H  N N 240 
DG  "H5'"  H  N N 241 
DG  "H5''" H  N N 242 
DG  "H4'"  H  N N 243 
DG  "H3'"  H  N N 244 
DG  "HO3'" H  N N 245 
DG  "H2'"  H  N N 246 
DG  "H2''" H  N N 247 
DG  "H1'"  H  N N 248 
DG  H8     H  N N 249 
DG  H1     H  N N 250 
DG  H21    H  N N 251 
DG  H22    H  N N 252 
DT  OP3    O  N N 253 
DT  P      P  N N 254 
DT  OP1    O  N N 255 
DT  OP2    O  N N 256 
DT  "O5'"  O  N N 257 
DT  "C5'"  C  N N 258 
DT  "C4'"  C  N R 259 
DT  "O4'"  O  N N 260 
DT  "C3'"  C  N S 261 
DT  "O3'"  O  N N 262 
DT  "C2'"  C  N N 263 
DT  "C1'"  C  N R 264 
DT  N1     N  N N 265 
DT  C2     C  N N 266 
DT  O2     O  N N 267 
DT  N3     N  N N 268 
DT  C4     C  N N 269 
DT  O4     O  N N 270 
DT  C5     C  N N 271 
DT  C7     C  N N 272 
DT  C6     C  N N 273 
DT  HOP3   H  N N 274 
DT  HOP2   H  N N 275 
DT  "H5'"  H  N N 276 
DT  "H5''" H  N N 277 
DT  "H4'"  H  N N 278 
DT  "H3'"  H  N N 279 
DT  "HO3'" H  N N 280 
DT  "H2'"  H  N N 281 
DT  "H2''" H  N N 282 
DT  "H1'"  H  N N 283 
DT  H3     H  N N 284 
DT  H71    H  N N 285 
DT  H72    H  N N 286 
DT  H73    H  N N 287 
DT  H6     H  N N 288 
G   OP3    O  N N 289 
G   P      P  N N 290 
G   OP1    O  N N 291 
G   OP2    O  N N 292 
G   "O5'"  O  N N 293 
G   "C5'"  C  N N 294 
G   "C4'"  C  N R 295 
G   "O4'"  O  N N 296 
G   "C3'"  C  N S 297 
G   "O3'"  O  N N 298 
G   "C2'"  C  N R 299 
G   "O2'"  O  N N 300 
G   "C1'"  C  N R 301 
G   N9     N  Y N 302 
G   C8     C  Y N 303 
G   N7     N  Y N 304 
G   C5     C  Y N 305 
G   C6     C  N N 306 
G   O6     O  N N 307 
G   N1     N  N N 308 
G   C2     C  N N 309 
G   N2     N  N N 310 
G   N3     N  N N 311 
G   C4     C  Y N 312 
G   HOP3   H  N N 313 
G   HOP2   H  N N 314 
G   "H5'"  H  N N 315 
G   "H5''" H  N N 316 
G   "H4'"  H  N N 317 
G   "H3'"  H  N N 318 
G   "HO3'" H  N N 319 
G   "H2'"  H  N N 320 
G   "HO2'" H  N N 321 
G   "H1'"  H  N N 322 
G   H8     H  N N 323 
G   H1     H  N N 324 
G   H21    H  N N 325 
G   H22    H  N N 326 
GLN N      N  N N 327 
GLN CA     C  N S 328 
GLN C      C  N N 329 
GLN O      O  N N 330 
GLN CB     C  N N 331 
GLN CG     C  N N 332 
GLN CD     C  N N 333 
GLN OE1    O  N N 334 
GLN NE2    N  N N 335 
GLN OXT    O  N N 336 
GLN H      H  N N 337 
GLN H2     H  N N 338 
GLN HA     H  N N 339 
GLN HB2    H  N N 340 
GLN HB3    H  N N 341 
GLN HG2    H  N N 342 
GLN HG3    H  N N 343 
GLN HE21   H  N N 344 
GLN HE22   H  N N 345 
GLN HXT    H  N N 346 
GLU N      N  N N 347 
GLU CA     C  N S 348 
GLU C      C  N N 349 
GLU O      O  N N 350 
GLU CB     C  N N 351 
GLU CG     C  N N 352 
GLU CD     C  N N 353 
GLU OE1    O  N N 354 
GLU OE2    O  N N 355 
GLU OXT    O  N N 356 
GLU H      H  N N 357 
GLU H2     H  N N 358 
GLU HA     H  N N 359 
GLU HB2    H  N N 360 
GLU HB3    H  N N 361 
GLU HG2    H  N N 362 
GLU HG3    H  N N 363 
GLU HE2    H  N N 364 
GLU HXT    H  N N 365 
GLY N      N  N N 366 
GLY CA     C  N N 367 
GLY C      C  N N 368 
GLY O      O  N N 369 
GLY OXT    O  N N 370 
GLY H      H  N N 371 
GLY H2     H  N N 372 
GLY HA2    H  N N 373 
GLY HA3    H  N N 374 
GLY HXT    H  N N 375 
HIS N      N  N N 376 
HIS CA     C  N S 377 
HIS C      C  N N 378 
HIS O      O  N N 379 
HIS CB     C  N N 380 
HIS CG     C  Y N 381 
HIS ND1    N  Y N 382 
HIS CD2    C  Y N 383 
HIS CE1    C  Y N 384 
HIS NE2    N  Y N 385 
HIS OXT    O  N N 386 
HIS H      H  N N 387 
HIS H2     H  N N 388 
HIS HA     H  N N 389 
HIS HB2    H  N N 390 
HIS HB3    H  N N 391 
HIS HD1    H  N N 392 
HIS HD2    H  N N 393 
HIS HE1    H  N N 394 
HIS HE2    H  N N 395 
HIS HXT    H  N N 396 
HOH O      O  N N 397 
HOH H1     H  N N 398 
HOH H2     H  N N 399 
ILE N      N  N N 400 
ILE CA     C  N S 401 
ILE C      C  N N 402 
ILE O      O  N N 403 
ILE CB     C  N S 404 
ILE CG1    C  N N 405 
ILE CG2    C  N N 406 
ILE CD1    C  N N 407 
ILE OXT    O  N N 408 
ILE H      H  N N 409 
ILE H2     H  N N 410 
ILE HA     H  N N 411 
ILE HB     H  N N 412 
ILE HG12   H  N N 413 
ILE HG13   H  N N 414 
ILE HG21   H  N N 415 
ILE HG22   H  N N 416 
ILE HG23   H  N N 417 
ILE HD11   H  N N 418 
ILE HD12   H  N N 419 
ILE HD13   H  N N 420 
ILE HXT    H  N N 421 
LEU N      N  N N 422 
LEU CA     C  N S 423 
LEU C      C  N N 424 
LEU O      O  N N 425 
LEU CB     C  N N 426 
LEU CG     C  N N 427 
LEU CD1    C  N N 428 
LEU CD2    C  N N 429 
LEU OXT    O  N N 430 
LEU H      H  N N 431 
LEU H2     H  N N 432 
LEU HA     H  N N 433 
LEU HB2    H  N N 434 
LEU HB3    H  N N 435 
LEU HG     H  N N 436 
LEU HD11   H  N N 437 
LEU HD12   H  N N 438 
LEU HD13   H  N N 439 
LEU HD21   H  N N 440 
LEU HD22   H  N N 441 
LEU HD23   H  N N 442 
LEU HXT    H  N N 443 
LYS N      N  N N 444 
LYS CA     C  N S 445 
LYS C      C  N N 446 
LYS O      O  N N 447 
LYS CB     C  N N 448 
LYS CG     C  N N 449 
LYS CD     C  N N 450 
LYS CE     C  N N 451 
LYS NZ     N  N N 452 
LYS OXT    O  N N 453 
LYS H      H  N N 454 
LYS H2     H  N N 455 
LYS HA     H  N N 456 
LYS HB2    H  N N 457 
LYS HB3    H  N N 458 
LYS HG2    H  N N 459 
LYS HG3    H  N N 460 
LYS HD2    H  N N 461 
LYS HD3    H  N N 462 
LYS HE2    H  N N 463 
LYS HE3    H  N N 464 
LYS HZ1    H  N N 465 
LYS HZ2    H  N N 466 
LYS HZ3    H  N N 467 
LYS HXT    H  N N 468 
MET N      N  N N 469 
MET CA     C  N S 470 
MET C      C  N N 471 
MET O      O  N N 472 
MET CB     C  N N 473 
MET CG     C  N N 474 
MET SD     S  N N 475 
MET CE     C  N N 476 
MET OXT    O  N N 477 
MET H      H  N N 478 
MET H2     H  N N 479 
MET HA     H  N N 480 
MET HB2    H  N N 481 
MET HB3    H  N N 482 
MET HG2    H  N N 483 
MET HG3    H  N N 484 
MET HE1    H  N N 485 
MET HE2    H  N N 486 
MET HE3    H  N N 487 
MET HXT    H  N N 488 
MG  MG     MG N N 489 
PHE N      N  N N 490 
PHE CA     C  N S 491 
PHE C      C  N N 492 
PHE O      O  N N 493 
PHE CB     C  N N 494 
PHE CG     C  Y N 495 
PHE CD1    C  Y N 496 
PHE CD2    C  Y N 497 
PHE CE1    C  Y N 498 
PHE CE2    C  Y N 499 
PHE CZ     C  Y N 500 
PHE OXT    O  N N 501 
PHE H      H  N N 502 
PHE H2     H  N N 503 
PHE HA     H  N N 504 
PHE HB2    H  N N 505 
PHE HB3    H  N N 506 
PHE HD1    H  N N 507 
PHE HD2    H  N N 508 
PHE HE1    H  N N 509 
PHE HE2    H  N N 510 
PHE HZ     H  N N 511 
PHE HXT    H  N N 512 
PRO N      N  N N 513 
PRO CA     C  N S 514 
PRO C      C  N N 515 
PRO O      O  N N 516 
PRO CB     C  N N 517 
PRO CG     C  N N 518 
PRO CD     C  N N 519 
PRO OXT    O  N N 520 
PRO H      H  N N 521 
PRO HA     H  N N 522 
PRO HB2    H  N N 523 
PRO HB3    H  N N 524 
PRO HG2    H  N N 525 
PRO HG3    H  N N 526 
PRO HD2    H  N N 527 
PRO HD3    H  N N 528 
PRO HXT    H  N N 529 
SER N      N  N N 530 
SER CA     C  N S 531 
SER C      C  N N 532 
SER O      O  N N 533 
SER CB     C  N N 534 
SER OG     O  N N 535 
SER OXT    O  N N 536 
SER H      H  N N 537 
SER H2     H  N N 538 
SER HA     H  N N 539 
SER HB2    H  N N 540 
SER HB3    H  N N 541 
SER HG     H  N N 542 
SER HXT    H  N N 543 
THR N      N  N N 544 
THR CA     C  N S 545 
THR C      C  N N 546 
THR O      O  N N 547 
THR CB     C  N R 548 
THR OG1    O  N N 549 
THR CG2    C  N N 550 
THR OXT    O  N N 551 
THR H      H  N N 552 
THR H2     H  N N 553 
THR HA     H  N N 554 
THR HB     H  N N 555 
THR HG1    H  N N 556 
THR HG21   H  N N 557 
THR HG22   H  N N 558 
THR HG23   H  N N 559 
THR HXT    H  N N 560 
TRP N      N  N N 561 
TRP CA     C  N S 562 
TRP C      C  N N 563 
TRP O      O  N N 564 
TRP CB     C  N N 565 
TRP CG     C  Y N 566 
TRP CD1    C  Y N 567 
TRP CD2    C  Y N 568 
TRP NE1    N  Y N 569 
TRP CE2    C  Y N 570 
TRP CE3    C  Y N 571 
TRP CZ2    C  Y N 572 
TRP CZ3    C  Y N 573 
TRP CH2    C  Y N 574 
TRP OXT    O  N N 575 
TRP H      H  N N 576 
TRP H2     H  N N 577 
TRP HA     H  N N 578 
TRP HB2    H  N N 579 
TRP HB3    H  N N 580 
TRP HD1    H  N N 581 
TRP HE1    H  N N 582 
TRP HE3    H  N N 583 
TRP HZ2    H  N N 584 
TRP HZ3    H  N N 585 
TRP HH2    H  N N 586 
TRP HXT    H  N N 587 
TYR N      N  N N 588 
TYR CA     C  N S 589 
TYR C      C  N N 590 
TYR O      O  N N 591 
TYR CB     C  N N 592 
TYR CG     C  Y N 593 
TYR CD1    C  Y N 594 
TYR CD2    C  Y N 595 
TYR CE1    C  Y N 596 
TYR CE2    C  Y N 597 
TYR CZ     C  Y N 598 
TYR OH     O  N N 599 
TYR OXT    O  N N 600 
TYR H      H  N N 601 
TYR H2     H  N N 602 
TYR HA     H  N N 603 
TYR HB2    H  N N 604 
TYR HB3    H  N N 605 
TYR HD1    H  N N 606 
TYR HD2    H  N N 607 
TYR HE1    H  N N 608 
TYR HE2    H  N N 609 
TYR HH     H  N N 610 
TYR HXT    H  N N 611 
U   OP3    O  N N 612 
U   P      P  N N 613 
U   OP1    O  N N 614 
U   OP2    O  N N 615 
U   "O5'"  O  N N 616 
U   "C5'"  C  N N 617 
U   "C4'"  C  N R 618 
U   "O4'"  O  N N 619 
U   "C3'"  C  N S 620 
U   "O3'"  O  N N 621 
U   "C2'"  C  N R 622 
U   "O2'"  O  N N 623 
U   "C1'"  C  N R 624 
U   N1     N  N N 625 
U   C2     C  N N 626 
U   O2     O  N N 627 
U   N3     N  N N 628 
U   C4     C  N N 629 
U   O4     O  N N 630 
U   C5     C  N N 631 
U   C6     C  N N 632 
U   HOP3   H  N N 633 
U   HOP2   H  N N 634 
U   "H5'"  H  N N 635 
U   "H5''" H  N N 636 
U   "H4'"  H  N N 637 
U   "H3'"  H  N N 638 
U   "HO3'" H  N N 639 
U   "H2'"  H  N N 640 
U   "HO2'" H  N N 641 
U   "H1'"  H  N N 642 
U   H3     H  N N 643 
U   H5     H  N N 644 
U   H6     H  N N 645 
US3 P      P  N N 646 
US3 N1     N  N N 647 
US3 C2     C  N N 648 
US3 SE2    SE N N 649 
US3 N3     N  N N 650 
US3 C4     C  N N 651 
US3 O4     O  N N 652 
US3 C5     C  N N 653 
US3 C6     C  N N 654 
US3 "C1'"  C  N R 655 
US3 OP3    O  N N 656 
US3 "C2'"  C  N N 657 
US3 OP2    O  N N 658 
US3 "C3'"  C  N S 659 
US3 "O3'"  O  N N 660 
US3 "C4'"  C  N R 661 
US3 "O4'"  O  N N 662 
US3 "C5'"  C  N N 663 
US3 "O5'"  O  N N 664 
US3 C5A    C  N N 665 
US3 H6     H  N N 666 
US3 "H1'"  H  N N 667 
US3 HOP3   H  N N 668 
US3 "H2'"  H  N N 669 
US3 "H2'A" H  N N 670 
US3 HOP2   H  N N 671 
US3 "H3'"  H  N N 672 
US3 "HO3'" H  N N 673 
US3 "H4'"  H  N N 674 
US3 "H5'"  H  N N 675 
US3 "H5'A" H  N N 676 
US3 H5A    H  N N 677 
US3 H5AA   H  N N 678 
US3 H5AB   H  N N 679 
US3 HSE2   H  N N 680 
US3 OP1    O  N N 681 
VAL N      N  N N 682 
VAL CA     C  N S 683 
VAL C      C  N N 684 
VAL O      O  N N 685 
VAL CB     C  N N 686 
VAL CG1    C  N N 687 
VAL CG2    C  N N 688 
VAL OXT    O  N N 689 
VAL H      H  N N 690 
VAL H2     H  N N 691 
VAL HA     H  N N 692 
VAL HB     H  N N 693 
VAL HG11   H  N N 694 
VAL HG12   H  N N 695 
VAL HG13   H  N N 696 
VAL HG21   H  N N 697 
VAL HG22   H  N N 698 
VAL HG23   H  N N 699 
VAL HXT    H  N N 700 
# 
loop_
_chem_comp_bond.comp_id 
_chem_comp_bond.atom_id_1 
_chem_comp_bond.atom_id_2 
_chem_comp_bond.value_order 
_chem_comp_bond.pdbx_aromatic_flag 
_chem_comp_bond.pdbx_stereo_config 
_chem_comp_bond.pdbx_ordinal 
A   OP3   P      sing N N 1   
A   OP3   HOP3   sing N N 2   
A   P     OP1    doub N N 3   
A   P     OP2    sing N N 4   
A   P     "O5'"  sing N N 5   
A   OP2   HOP2   sing N N 6   
A   "O5'" "C5'"  sing N N 7   
A   "C5'" "C4'"  sing N N 8   
A   "C5'" "H5'"  sing N N 9   
A   "C5'" "H5''" sing N N 10  
A   "C4'" "O4'"  sing N N 11  
A   "C4'" "C3'"  sing N N 12  
A   "C4'" "H4'"  sing N N 13  
A   "O4'" "C1'"  sing N N 14  
A   "C3'" "O3'"  sing N N 15  
A   "C3'" "C2'"  sing N N 16  
A   "C3'" "H3'"  sing N N 17  
A   "O3'" "HO3'" sing N N 18  
A   "C2'" "O2'"  sing N N 19  
A   "C2'" "C1'"  sing N N 20  
A   "C2'" "H2'"  sing N N 21  
A   "O2'" "HO2'" sing N N 22  
A   "C1'" N9     sing N N 23  
A   "C1'" "H1'"  sing N N 24  
A   N9    C8     sing Y N 25  
A   N9    C4     sing Y N 26  
A   C8    N7     doub Y N 27  
A   C8    H8     sing N N 28  
A   N7    C5     sing Y N 29  
A   C5    C6     sing Y N 30  
A   C5    C4     doub Y N 31  
A   C6    N6     sing N N 32  
A   C6    N1     doub Y N 33  
A   N6    H61    sing N N 34  
A   N6    H62    sing N N 35  
A   N1    C2     sing Y N 36  
A   C2    N3     doub Y N 37  
A   C2    H2     sing N N 38  
A   N3    C4     sing Y N 39  
ALA N     CA     sing N N 40  
ALA N     H      sing N N 41  
ALA N     H2     sing N N 42  
ALA CA    C      sing N N 43  
ALA CA    CB     sing N N 44  
ALA CA    HA     sing N N 45  
ALA C     O      doub N N 46  
ALA C     OXT    sing N N 47  
ALA CB    HB1    sing N N 48  
ALA CB    HB2    sing N N 49  
ALA CB    HB3    sing N N 50  
ALA OXT   HXT    sing N N 51  
ARG N     CA     sing N N 52  
ARG N     H      sing N N 53  
ARG N     H2     sing N N 54  
ARG CA    C      sing N N 55  
ARG CA    CB     sing N N 56  
ARG CA    HA     sing N N 57  
ARG C     O      doub N N 58  
ARG C     OXT    sing N N 59  
ARG CB    CG     sing N N 60  
ARG CB    HB2    sing N N 61  
ARG CB    HB3    sing N N 62  
ARG CG    CD     sing N N 63  
ARG CG    HG2    sing N N 64  
ARG CG    HG3    sing N N 65  
ARG CD    NE     sing N N 66  
ARG CD    HD2    sing N N 67  
ARG CD    HD3    sing N N 68  
ARG NE    CZ     sing N N 69  
ARG NE    HE     sing N N 70  
ARG CZ    NH1    sing N N 71  
ARG CZ    NH2    doub N N 72  
ARG NH1   HH11   sing N N 73  
ARG NH1   HH12   sing N N 74  
ARG NH2   HH21   sing N N 75  
ARG NH2   HH22   sing N N 76  
ARG OXT   HXT    sing N N 77  
ASN N     CA     sing N N 78  
ASN N     H      sing N N 79  
ASN N     H2     sing N N 80  
ASN CA    C      sing N N 81  
ASN CA    CB     sing N N 82  
ASN CA    HA     sing N N 83  
ASN C     O      doub N N 84  
ASN C     OXT    sing N N 85  
ASN CB    CG     sing N N 86  
ASN CB    HB2    sing N N 87  
ASN CB    HB3    sing N N 88  
ASN CG    OD1    doub N N 89  
ASN CG    ND2    sing N N 90  
ASN ND2   HD21   sing N N 91  
ASN ND2   HD22   sing N N 92  
ASN OXT   HXT    sing N N 93  
ASP N     CA     sing N N 94  
ASP N     H      sing N N 95  
ASP N     H2     sing N N 96  
ASP CA    C      sing N N 97  
ASP CA    CB     sing N N 98  
ASP CA    HA     sing N N 99  
ASP C     O      doub N N 100 
ASP C     OXT    sing N N 101 
ASP CB    CG     sing N N 102 
ASP CB    HB2    sing N N 103 
ASP CB    HB3    sing N N 104 
ASP CG    OD1    doub N N 105 
ASP CG    OD2    sing N N 106 
ASP OD2   HD2    sing N N 107 
ASP OXT   HXT    sing N N 108 
C   OP3   P      sing N N 109 
C   OP3   HOP3   sing N N 110 
C   P     OP1    doub N N 111 
C   P     OP2    sing N N 112 
C   P     "O5'"  sing N N 113 
C   OP2   HOP2   sing N N 114 
C   "O5'" "C5'"  sing N N 115 
C   "C5'" "C4'"  sing N N 116 
C   "C5'" "H5'"  sing N N 117 
C   "C5'" "H5''" sing N N 118 
C   "C4'" "O4'"  sing N N 119 
C   "C4'" "C3'"  sing N N 120 
C   "C4'" "H4'"  sing N N 121 
C   "O4'" "C1'"  sing N N 122 
C   "C3'" "O3'"  sing N N 123 
C   "C3'" "C2'"  sing N N 124 
C   "C3'" "H3'"  sing N N 125 
C   "O3'" "HO3'" sing N N 126 
C   "C2'" "O2'"  sing N N 127 
C   "C2'" "C1'"  sing N N 128 
C   "C2'" "H2'"  sing N N 129 
C   "O2'" "HO2'" sing N N 130 
C   "C1'" N1     sing N N 131 
C   "C1'" "H1'"  sing N N 132 
C   N1    C2     sing N N 133 
C   N1    C6     sing N N 134 
C   C2    O2     doub N N 135 
C   C2    N3     sing N N 136 
C   N3    C4     doub N N 137 
C   C4    N4     sing N N 138 
C   C4    C5     sing N N 139 
C   N4    H41    sing N N 140 
C   N4    H42    sing N N 141 
C   C5    C6     doub N N 142 
C   C5    H5     sing N N 143 
C   C6    H6     sing N N 144 
DA  OP3   P      sing N N 145 
DA  OP3   HOP3   sing N N 146 
DA  P     OP1    doub N N 147 
DA  P     OP2    sing N N 148 
DA  P     "O5'"  sing N N 149 
DA  OP2   HOP2   sing N N 150 
DA  "O5'" "C5'"  sing N N 151 
DA  "C5'" "C4'"  sing N N 152 
DA  "C5'" "H5'"  sing N N 153 
DA  "C5'" "H5''" sing N N 154 
DA  "C4'" "O4'"  sing N N 155 
DA  "C4'" "C3'"  sing N N 156 
DA  "C4'" "H4'"  sing N N 157 
DA  "O4'" "C1'"  sing N N 158 
DA  "C3'" "O3'"  sing N N 159 
DA  "C3'" "C2'"  sing N N 160 
DA  "C3'" "H3'"  sing N N 161 
DA  "O3'" "HO3'" sing N N 162 
DA  "C2'" "C1'"  sing N N 163 
DA  "C2'" "H2'"  sing N N 164 
DA  "C2'" "H2''" sing N N 165 
DA  "C1'" N9     sing N N 166 
DA  "C1'" "H1'"  sing N N 167 
DA  N9    C8     sing Y N 168 
DA  N9    C4     sing Y N 169 
DA  C8    N7     doub Y N 170 
DA  C8    H8     sing N N 171 
DA  N7    C5     sing Y N 172 
DA  C5    C6     sing Y N 173 
DA  C5    C4     doub Y N 174 
DA  C6    N6     sing N N 175 
DA  C6    N1     doub Y N 176 
DA  N6    H61    sing N N 177 
DA  N6    H62    sing N N 178 
DA  N1    C2     sing Y N 179 
DA  C2    N3     doub Y N 180 
DA  C2    H2     sing N N 181 
DA  N3    C4     sing Y N 182 
DC  OP3   P      sing N N 183 
DC  OP3   HOP3   sing N N 184 
DC  P     OP1    doub N N 185 
DC  P     OP2    sing N N 186 
DC  P     "O5'"  sing N N 187 
DC  OP2   HOP2   sing N N 188 
DC  "O5'" "C5'"  sing N N 189 
DC  "C5'" "C4'"  sing N N 190 
DC  "C5'" "H5'"  sing N N 191 
DC  "C5'" "H5''" sing N N 192 
DC  "C4'" "O4'"  sing N N 193 
DC  "C4'" "C3'"  sing N N 194 
DC  "C4'" "H4'"  sing N N 195 
DC  "O4'" "C1'"  sing N N 196 
DC  "C3'" "O3'"  sing N N 197 
DC  "C3'" "C2'"  sing N N 198 
DC  "C3'" "H3'"  sing N N 199 
DC  "O3'" "HO3'" sing N N 200 
DC  "C2'" "C1'"  sing N N 201 
DC  "C2'" "H2'"  sing N N 202 
DC  "C2'" "H2''" sing N N 203 
DC  "C1'" N1     sing N N 204 
DC  "C1'" "H1'"  sing N N 205 
DC  N1    C2     sing N N 206 
DC  N1    C6     sing N N 207 
DC  C2    O2     doub N N 208 
DC  C2    N3     sing N N 209 
DC  N3    C4     doub N N 210 
DC  C4    N4     sing N N 211 
DC  C4    C5     sing N N 212 
DC  N4    H41    sing N N 213 
DC  N4    H42    sing N N 214 
DC  C5    C6     doub N N 215 
DC  C5    H5     sing N N 216 
DC  C6    H6     sing N N 217 
DG  OP3   P      sing N N 218 
DG  OP3   HOP3   sing N N 219 
DG  P     OP1    doub N N 220 
DG  P     OP2    sing N N 221 
DG  P     "O5'"  sing N N 222 
DG  OP2   HOP2   sing N N 223 
DG  "O5'" "C5'"  sing N N 224 
DG  "C5'" "C4'"  sing N N 225 
DG  "C5'" "H5'"  sing N N 226 
DG  "C5'" "H5''" sing N N 227 
DG  "C4'" "O4'"  sing N N 228 
DG  "C4'" "C3'"  sing N N 229 
DG  "C4'" "H4'"  sing N N 230 
DG  "O4'" "C1'"  sing N N 231 
DG  "C3'" "O3'"  sing N N 232 
DG  "C3'" "C2'"  sing N N 233 
DG  "C3'" "H3'"  sing N N 234 
DG  "O3'" "HO3'" sing N N 235 
DG  "C2'" "C1'"  sing N N 236 
DG  "C2'" "H2'"  sing N N 237 
DG  "C2'" "H2''" sing N N 238 
DG  "C1'" N9     sing N N 239 
DG  "C1'" "H1'"  sing N N 240 
DG  N9    C8     sing Y N 241 
DG  N9    C4     sing Y N 242 
DG  C8    N7     doub Y N 243 
DG  C8    H8     sing N N 244 
DG  N7    C5     sing Y N 245 
DG  C5    C6     sing N N 246 
DG  C5    C4     doub Y N 247 
DG  C6    O6     doub N N 248 
DG  C6    N1     sing N N 249 
DG  N1    C2     sing N N 250 
DG  N1    H1     sing N N 251 
DG  C2    N2     sing N N 252 
DG  C2    N3     doub N N 253 
DG  N2    H21    sing N N 254 
DG  N2    H22    sing N N 255 
DG  N3    C4     sing N N 256 
DT  OP3   P      sing N N 257 
DT  OP3   HOP3   sing N N 258 
DT  P     OP1    doub N N 259 
DT  P     OP2    sing N N 260 
DT  P     "O5'"  sing N N 261 
DT  OP2   HOP2   sing N N 262 
DT  "O5'" "C5'"  sing N N 263 
DT  "C5'" "C4'"  sing N N 264 
DT  "C5'" "H5'"  sing N N 265 
DT  "C5'" "H5''" sing N N 266 
DT  "C4'" "O4'"  sing N N 267 
DT  "C4'" "C3'"  sing N N 268 
DT  "C4'" "H4'"  sing N N 269 
DT  "O4'" "C1'"  sing N N 270 
DT  "C3'" "O3'"  sing N N 271 
DT  "C3'" "C2'"  sing N N 272 
DT  "C3'" "H3'"  sing N N 273 
DT  "O3'" "HO3'" sing N N 274 
DT  "C2'" "C1'"  sing N N 275 
DT  "C2'" "H2'"  sing N N 276 
DT  "C2'" "H2''" sing N N 277 
DT  "C1'" N1     sing N N 278 
DT  "C1'" "H1'"  sing N N 279 
DT  N1    C2     sing N N 280 
DT  N1    C6     sing N N 281 
DT  C2    O2     doub N N 282 
DT  C2    N3     sing N N 283 
DT  N3    C4     sing N N 284 
DT  N3    H3     sing N N 285 
DT  C4    O4     doub N N 286 
DT  C4    C5     sing N N 287 
DT  C5    C7     sing N N 288 
DT  C5    C6     doub N N 289 
DT  C7    H71    sing N N 290 
DT  C7    H72    sing N N 291 
DT  C7    H73    sing N N 292 
DT  C6    H6     sing N N 293 
G   OP3   P      sing N N 294 
G   OP3   HOP3   sing N N 295 
G   P     OP1    doub N N 296 
G   P     OP2    sing N N 297 
G   P     "O5'"  sing N N 298 
G   OP2   HOP2   sing N N 299 
G   "O5'" "C5'"  sing N N 300 
G   "C5'" "C4'"  sing N N 301 
G   "C5'" "H5'"  sing N N 302 
G   "C5'" "H5''" sing N N 303 
G   "C4'" "O4'"  sing N N 304 
G   "C4'" "C3'"  sing N N 305 
G   "C4'" "H4'"  sing N N 306 
G   "O4'" "C1'"  sing N N 307 
G   "C3'" "O3'"  sing N N 308 
G   "C3'" "C2'"  sing N N 309 
G   "C3'" "H3'"  sing N N 310 
G   "O3'" "HO3'" sing N N 311 
G   "C2'" "O2'"  sing N N 312 
G   "C2'" "C1'"  sing N N 313 
G   "C2'" "H2'"  sing N N 314 
G   "O2'" "HO2'" sing N N 315 
G   "C1'" N9     sing N N 316 
G   "C1'" "H1'"  sing N N 317 
G   N9    C8     sing Y N 318 
G   N9    C4     sing Y N 319 
G   C8    N7     doub Y N 320 
G   C8    H8     sing N N 321 
G   N7    C5     sing Y N 322 
G   C5    C6     sing N N 323 
G   C5    C4     doub Y N 324 
G   C6    O6     doub N N 325 
G   C6    N1     sing N N 326 
G   N1    C2     sing N N 327 
G   N1    H1     sing N N 328 
G   C2    N2     sing N N 329 
G   C2    N3     doub N N 330 
G   N2    H21    sing N N 331 
G   N2    H22    sing N N 332 
G   N3    C4     sing N N 333 
GLN N     CA     sing N N 334 
GLN N     H      sing N N 335 
GLN N     H2     sing N N 336 
GLN CA    C      sing N N 337 
GLN CA    CB     sing N N 338 
GLN CA    HA     sing N N 339 
GLN C     O      doub N N 340 
GLN C     OXT    sing N N 341 
GLN CB    CG     sing N N 342 
GLN CB    HB2    sing N N 343 
GLN CB    HB3    sing N N 344 
GLN CG    CD     sing N N 345 
GLN CG    HG2    sing N N 346 
GLN CG    HG3    sing N N 347 
GLN CD    OE1    doub N N 348 
GLN CD    NE2    sing N N 349 
GLN NE2   HE21   sing N N 350 
GLN NE2   HE22   sing N N 351 
GLN OXT   HXT    sing N N 352 
GLU N     CA     sing N N 353 
GLU N     H      sing N N 354 
GLU N     H2     sing N N 355 
GLU CA    C      sing N N 356 
GLU CA    CB     sing N N 357 
GLU CA    HA     sing N N 358 
GLU C     O      doub N N 359 
GLU C     OXT    sing N N 360 
GLU CB    CG     sing N N 361 
GLU CB    HB2    sing N N 362 
GLU CB    HB3    sing N N 363 
GLU CG    CD     sing N N 364 
GLU CG    HG2    sing N N 365 
GLU CG    HG3    sing N N 366 
GLU CD    OE1    doub N N 367 
GLU CD    OE2    sing N N 368 
GLU OE2   HE2    sing N N 369 
GLU OXT   HXT    sing N N 370 
GLY N     CA     sing N N 371 
GLY N     H      sing N N 372 
GLY N     H2     sing N N 373 
GLY CA    C      sing N N 374 
GLY CA    HA2    sing N N 375 
GLY CA    HA3    sing N N 376 
GLY C     O      doub N N 377 
GLY C     OXT    sing N N 378 
GLY OXT   HXT    sing N N 379 
HIS N     CA     sing N N 380 
HIS N     H      sing N N 381 
HIS N     H2     sing N N 382 
HIS CA    C      sing N N 383 
HIS CA    CB     sing N N 384 
HIS CA    HA     sing N N 385 
HIS C     O      doub N N 386 
HIS C     OXT    sing N N 387 
HIS CB    CG     sing N N 388 
HIS CB    HB2    sing N N 389 
HIS CB    HB3    sing N N 390 
HIS CG    ND1    sing Y N 391 
HIS CG    CD2    doub Y N 392 
HIS ND1   CE1    doub Y N 393 
HIS ND1   HD1    sing N N 394 
HIS CD2   NE2    sing Y N 395 
HIS CD2   HD2    sing N N 396 
HIS CE1   NE2    sing Y N 397 
HIS CE1   HE1    sing N N 398 
HIS NE2   HE2    sing N N 399 
HIS OXT   HXT    sing N N 400 
HOH O     H1     sing N N 401 
HOH O     H2     sing N N 402 
ILE N     CA     sing N N 403 
ILE N     H      sing N N 404 
ILE N     H2     sing N N 405 
ILE CA    C      sing N N 406 
ILE CA    CB     sing N N 407 
ILE CA    HA     sing N N 408 
ILE C     O      doub N N 409 
ILE C     OXT    sing N N 410 
ILE CB    CG1    sing N N 411 
ILE CB    CG2    sing N N 412 
ILE CB    HB     sing N N 413 
ILE CG1   CD1    sing N N 414 
ILE CG1   HG12   sing N N 415 
ILE CG1   HG13   sing N N 416 
ILE CG2   HG21   sing N N 417 
ILE CG2   HG22   sing N N 418 
ILE CG2   HG23   sing N N 419 
ILE CD1   HD11   sing N N 420 
ILE CD1   HD12   sing N N 421 
ILE CD1   HD13   sing N N 422 
ILE OXT   HXT    sing N N 423 
LEU N     CA     sing N N 424 
LEU N     H      sing N N 425 
LEU N     H2     sing N N 426 
LEU CA    C      sing N N 427 
LEU CA    CB     sing N N 428 
LEU CA    HA     sing N N 429 
LEU C     O      doub N N 430 
LEU C     OXT    sing N N 431 
LEU CB    CG     sing N N 432 
LEU CB    HB2    sing N N 433 
LEU CB    HB3    sing N N 434 
LEU CG    CD1    sing N N 435 
LEU CG    CD2    sing N N 436 
LEU CG    HG     sing N N 437 
LEU CD1   HD11   sing N N 438 
LEU CD1   HD12   sing N N 439 
LEU CD1   HD13   sing N N 440 
LEU CD2   HD21   sing N N 441 
LEU CD2   HD22   sing N N 442 
LEU CD2   HD23   sing N N 443 
LEU OXT   HXT    sing N N 444 
LYS N     CA     sing N N 445 
LYS N     H      sing N N 446 
LYS N     H2     sing N N 447 
LYS CA    C      sing N N 448 
LYS CA    CB     sing N N 449 
LYS CA    HA     sing N N 450 
LYS C     O      doub N N 451 
LYS C     OXT    sing N N 452 
LYS CB    CG     sing N N 453 
LYS CB    HB2    sing N N 454 
LYS CB    HB3    sing N N 455 
LYS CG    CD     sing N N 456 
LYS CG    HG2    sing N N 457 
LYS CG    HG3    sing N N 458 
LYS CD    CE     sing N N 459 
LYS CD    HD2    sing N N 460 
LYS CD    HD3    sing N N 461 
LYS CE    NZ     sing N N 462 
LYS CE    HE2    sing N N 463 
LYS CE    HE3    sing N N 464 
LYS NZ    HZ1    sing N N 465 
LYS NZ    HZ2    sing N N 466 
LYS NZ    HZ3    sing N N 467 
LYS OXT   HXT    sing N N 468 
MET N     CA     sing N N 469 
MET N     H      sing N N 470 
MET N     H2     sing N N 471 
MET CA    C      sing N N 472 
MET CA    CB     sing N N 473 
MET CA    HA     sing N N 474 
MET C     O      doub N N 475 
MET C     OXT    sing N N 476 
MET CB    CG     sing N N 477 
MET CB    HB2    sing N N 478 
MET CB    HB3    sing N N 479 
MET CG    SD     sing N N 480 
MET CG    HG2    sing N N 481 
MET CG    HG3    sing N N 482 
MET SD    CE     sing N N 483 
MET CE    HE1    sing N N 484 
MET CE    HE2    sing N N 485 
MET CE    HE3    sing N N 486 
MET OXT   HXT    sing N N 487 
PHE N     CA     sing N N 488 
PHE N     H      sing N N 489 
PHE N     H2     sing N N 490 
PHE CA    C      sing N N 491 
PHE CA    CB     sing N N 492 
PHE CA    HA     sing N N 493 
PHE C     O      doub N N 494 
PHE C     OXT    sing N N 495 
PHE CB    CG     sing N N 496 
PHE CB    HB2    sing N N 497 
PHE CB    HB3    sing N N 498 
PHE CG    CD1    doub Y N 499 
PHE CG    CD2    sing Y N 500 
PHE CD1   CE1    sing Y N 501 
PHE CD1   HD1    sing N N 502 
PHE CD2   CE2    doub Y N 503 
PHE CD2   HD2    sing N N 504 
PHE CE1   CZ     doub Y N 505 
PHE CE1   HE1    sing N N 506 
PHE CE2   CZ     sing Y N 507 
PHE CE2   HE2    sing N N 508 
PHE CZ    HZ     sing N N 509 
PHE OXT   HXT    sing N N 510 
PRO N     CA     sing N N 511 
PRO N     CD     sing N N 512 
PRO N     H      sing N N 513 
PRO CA    C      sing N N 514 
PRO CA    CB     sing N N 515 
PRO CA    HA     sing N N 516 
PRO C     O      doub N N 517 
PRO C     OXT    sing N N 518 
PRO CB    CG     sing N N 519 
PRO CB    HB2    sing N N 520 
PRO CB    HB3    sing N N 521 
PRO CG    CD     sing N N 522 
PRO CG    HG2    sing N N 523 
PRO CG    HG3    sing N N 524 
PRO CD    HD2    sing N N 525 
PRO CD    HD3    sing N N 526 
PRO OXT   HXT    sing N N 527 
SER N     CA     sing N N 528 
SER N     H      sing N N 529 
SER N     H2     sing N N 530 
SER CA    C      sing N N 531 
SER CA    CB     sing N N 532 
SER CA    HA     sing N N 533 
SER C     O      doub N N 534 
SER C     OXT    sing N N 535 
SER CB    OG     sing N N 536 
SER CB    HB2    sing N N 537 
SER CB    HB3    sing N N 538 
SER OG    HG     sing N N 539 
SER OXT   HXT    sing N N 540 
THR N     CA     sing N N 541 
THR N     H      sing N N 542 
THR N     H2     sing N N 543 
THR CA    C      sing N N 544 
THR CA    CB     sing N N 545 
THR CA    HA     sing N N 546 
THR C     O      doub N N 547 
THR C     OXT    sing N N 548 
THR CB    OG1    sing N N 549 
THR CB    CG2    sing N N 550 
THR CB    HB     sing N N 551 
THR OG1   HG1    sing N N 552 
THR CG2   HG21   sing N N 553 
THR CG2   HG22   sing N N 554 
THR CG2   HG23   sing N N 555 
THR OXT   HXT    sing N N 556 
TRP N     CA     sing N N 557 
TRP N     H      sing N N 558 
TRP N     H2     sing N N 559 
TRP CA    C      sing N N 560 
TRP CA    CB     sing N N 561 
TRP CA    HA     sing N N 562 
TRP C     O      doub N N 563 
TRP C     OXT    sing N N 564 
TRP CB    CG     sing N N 565 
TRP CB    HB2    sing N N 566 
TRP CB    HB3    sing N N 567 
TRP CG    CD1    doub Y N 568 
TRP CG    CD2    sing Y N 569 
TRP CD1   NE1    sing Y N 570 
TRP CD1   HD1    sing N N 571 
TRP CD2   CE2    doub Y N 572 
TRP CD2   CE3    sing Y N 573 
TRP NE1   CE2    sing Y N 574 
TRP NE1   HE1    sing N N 575 
TRP CE2   CZ2    sing Y N 576 
TRP CE3   CZ3    doub Y N 577 
TRP CE3   HE3    sing N N 578 
TRP CZ2   CH2    doub Y N 579 
TRP CZ2   HZ2    sing N N 580 
TRP CZ3   CH2    sing Y N 581 
TRP CZ3   HZ3    sing N N 582 
TRP CH2   HH2    sing N N 583 
TRP OXT   HXT    sing N N 584 
TYR N     CA     sing N N 585 
TYR N     H      sing N N 586 
TYR N     H2     sing N N 587 
TYR CA    C      sing N N 588 
TYR CA    CB     sing N N 589 
TYR CA    HA     sing N N 590 
TYR C     O      doub N N 591 
TYR C     OXT    sing N N 592 
TYR CB    CG     sing N N 593 
TYR CB    HB2    sing N N 594 
TYR CB    HB3    sing N N 595 
TYR CG    CD1    doub Y N 596 
TYR CG    CD2    sing Y N 597 
TYR CD1   CE1    sing Y N 598 
TYR CD1   HD1    sing N N 599 
TYR CD2   CE2    doub Y N 600 
TYR CD2   HD2    sing N N 601 
TYR CE1   CZ     doub Y N 602 
TYR CE1   HE1    sing N N 603 
TYR CE2   CZ     sing Y N 604 
TYR CE2   HE2    sing N N 605 
TYR CZ    OH     sing N N 606 
TYR OH    HH     sing N N 607 
TYR OXT   HXT    sing N N 608 
U   OP3   P      sing N N 609 
U   OP3   HOP3   sing N N 610 
U   P     OP1    doub N N 611 
U   P     OP2    sing N N 612 
U   P     "O5'"  sing N N 613 
U   OP2   HOP2   sing N N 614 
U   "O5'" "C5'"  sing N N 615 
U   "C5'" "C4'"  sing N N 616 
U   "C5'" "H5'"  sing N N 617 
U   "C5'" "H5''" sing N N 618 
U   "C4'" "O4'"  sing N N 619 
U   "C4'" "C3'"  sing N N 620 
U   "C4'" "H4'"  sing N N 621 
U   "O4'" "C1'"  sing N N 622 
U   "C3'" "O3'"  sing N N 623 
U   "C3'" "C2'"  sing N N 624 
U   "C3'" "H3'"  sing N N 625 
U   "O3'" "HO3'" sing N N 626 
U   "C2'" "O2'"  sing N N 627 
U   "C2'" "C1'"  sing N N 628 
U   "C2'" "H2'"  sing N N 629 
U   "O2'" "HO2'" sing N N 630 
U   "C1'" N1     sing N N 631 
U   "C1'" "H1'"  sing N N 632 
U   N1    C2     sing N N 633 
U   N1    C6     sing N N 634 
U   C2    O2     doub N N 635 
U   C2    N3     sing N N 636 
U   N3    C4     sing N N 637 
U   N3    H3     sing N N 638 
U   C4    O4     doub N N 639 
U   C4    C5     sing N N 640 
U   C5    C6     doub N N 641 
U   C5    H5     sing N N 642 
U   C6    H6     sing N N 643 
US3 P     OP2    sing N N 644 
US3 N1    "C1'"  sing N N 645 
US3 N1    C6     sing N N 646 
US3 C2    N1     sing N N 647 
US3 C2    N3     doub N N 648 
US3 SE2   C2     sing N N 649 
US3 SE2   HSE2   sing N N 650 
US3 N3    C4     sing N N 651 
US3 C4    O4     doub N N 652 
US3 C4    C5     sing N N 653 
US3 C5    C5A    sing N N 654 
US3 C6    C5     doub N N 655 
US3 C6    H6     sing N N 656 
US3 "C1'" "O4'"  sing N N 657 
US3 "C1'" "H1'"  sing N N 658 
US3 OP3   P      sing N N 659 
US3 OP3   HOP3   sing N N 660 
US3 "C2'" "C1'"  sing N N 661 
US3 "C2'" "C3'"  sing N N 662 
US3 "C2'" "H2'"  sing N N 663 
US3 "C2'" "H2'A" sing N N 664 
US3 OP2   HOP2   sing N N 665 
US3 "C3'" "C4'"  sing N N 666 
US3 "C3'" "H3'"  sing N N 667 
US3 "O3'" "C3'"  sing N N 668 
US3 "O3'" "HO3'" sing N N 669 
US3 "C4'" "O4'"  sing N N 670 
US3 "C4'" "C5'"  sing N N 671 
US3 "C4'" "H4'"  sing N N 672 
US3 "C5'" "O5'"  sing N N 673 
US3 "C5'" "H5'"  sing N N 674 
US3 "C5'" "H5'A" sing N N 675 
US3 "O5'" P      sing N N 676 
US3 C5A   H5A    sing N N 677 
US3 C5A   H5AA   sing N N 678 
US3 C5A   H5AB   sing N N 679 
US3 P     OP1    doub N N 680 
VAL N     CA     sing N N 681 
VAL N     H      sing N N 682 
VAL N     H2     sing N N 683 
VAL CA    C      sing N N 684 
VAL CA    CB     sing N N 685 
VAL CA    HA     sing N N 686 
VAL C     O      doub N N 687 
VAL C     OXT    sing N N 688 
VAL CB    CG1    sing N N 689 
VAL CB    CG2    sing N N 690 
VAL CB    HB     sing N N 691 
VAL CG1   HG11   sing N N 692 
VAL CG1   HG12   sing N N 693 
VAL CG1   HG13   sing N N 694 
VAL CG2   HG21   sing N N 695 
VAL CG2   HG22   sing N N 696 
VAL CG2   HG23   sing N N 697 
VAL OXT   HXT    sing N N 698 
# 
_ndb_struct_conf_na.entry_id   5US2 
_ndb_struct_conf_na.feature    'double helix' 
# 
loop_
_ndb_struct_na_base_pair.model_number 
_ndb_struct_na_base_pair.i_label_asym_id 
_ndb_struct_na_base_pair.i_label_comp_id 
_ndb_struct_na_base_pair.i_label_seq_id 
_ndb_struct_na_base_pair.i_symmetry 
_ndb_struct_na_base_pair.j_label_asym_id 
_ndb_struct_na_base_pair.j_label_comp_id 
_ndb_struct_na_base_pair.j_label_seq_id 
_ndb_struct_na_base_pair.j_symmetry 
_ndb_struct_na_base_pair.shear 
_ndb_struct_na_base_pair.stretch 
_ndb_struct_na_base_pair.stagger 
_ndb_struct_na_base_pair.buckle 
_ndb_struct_na_base_pair.propeller 
_ndb_struct_na_base_pair.opening 
_ndb_struct_na_base_pair.pair_number 
_ndb_struct_na_base_pair.pair_name 
_ndb_struct_na_base_pair.i_auth_asym_id 
_ndb_struct_na_base_pair.i_auth_seq_id 
_ndb_struct_na_base_pair.i_PDB_ins_code 
_ndb_struct_na_base_pair.j_auth_asym_id 
_ndb_struct_na_base_pair.j_auth_seq_id 
_ndb_struct_na_base_pair.j_PDB_ins_code 
_ndb_struct_na_base_pair.hbond_type_28 
_ndb_struct_na_base_pair.hbond_type_12 
1 A C 2 1_555 B DG  6 1_555 0.229  -0.138 -0.050 -6.543  -12.105 1.458  1 B_C2:DG6_C  B 2 ? C 6 ? 19 1 
1 A G 3 1_555 B DC  5 1_555 -0.220 -0.131 -0.288 -12.233 -17.983 2.034  2 B_G3:DC5_C  B 3 ? C 5 ? 19 1 
1 A A 4 1_555 B DT  4 1_555 0.092  -0.084 -0.171 -12.694 -10.344 1.308  3 B_A4:DT4_C  B 4 ? C 4 ? 20 1 
1 A C 5 1_555 B DG  3 1_555 0.151  -0.097 0.114  -12.208 -3.229  0.637  4 B_C5:DG3_C  B 5 ? C 3 ? 19 1 
1 A A 6 1_555 B US3 2 1_555 0.068  0.026  -0.366 -22.853 -13.507 -2.570 5 B_A6:US32_C B 6 ? C 2 ? 20 1 
# 
loop_
_ndb_struct_na_base_pair_step.model_number 
_ndb_struct_na_base_pair_step.i_label_asym_id_1 
_ndb_struct_na_base_pair_step.i_label_comp_id_1 
_ndb_struct_na_base_pair_step.i_label_seq_id_1 
_ndb_struct_na_base_pair_step.i_symmetry_1 
_ndb_struct_na_base_pair_step.j_label_asym_id_1 
_ndb_struct_na_base_pair_step.j_label_comp_id_1 
_ndb_struct_na_base_pair_step.j_label_seq_id_1 
_ndb_struct_na_base_pair_step.j_symmetry_1 
_ndb_struct_na_base_pair_step.i_label_asym_id_2 
_ndb_struct_na_base_pair_step.i_label_comp_id_2 
_ndb_struct_na_base_pair_step.i_label_seq_id_2 
_ndb_struct_na_base_pair_step.i_symmetry_2 
_ndb_struct_na_base_pair_step.j_label_asym_id_2 
_ndb_struct_na_base_pair_step.j_label_comp_id_2 
_ndb_struct_na_base_pair_step.j_label_seq_id_2 
_ndb_struct_na_base_pair_step.j_symmetry_2 
_ndb_struct_na_base_pair_step.shift 
_ndb_struct_na_base_pair_step.slide 
_ndb_struct_na_base_pair_step.rise 
_ndb_struct_na_base_pair_step.tilt 
_ndb_struct_na_base_pair_step.roll 
_ndb_struct_na_base_pair_step.twist 
_ndb_struct_na_base_pair_step.x_displacement 
_ndb_struct_na_base_pair_step.y_displacement 
_ndb_struct_na_base_pair_step.helical_rise 
_ndb_struct_na_base_pair_step.inclination 
_ndb_struct_na_base_pair_step.tip 
_ndb_struct_na_base_pair_step.helical_twist 
_ndb_struct_na_base_pair_step.step_number 
_ndb_struct_na_base_pair_step.step_name 
_ndb_struct_na_base_pair_step.i_auth_asym_id_1 
_ndb_struct_na_base_pair_step.i_auth_seq_id_1 
_ndb_struct_na_base_pair_step.i_PDB_ins_code_1 
_ndb_struct_na_base_pair_step.j_auth_asym_id_1 
_ndb_struct_na_base_pair_step.j_auth_seq_id_1 
_ndb_struct_na_base_pair_step.j_PDB_ins_code_1 
_ndb_struct_na_base_pair_step.i_auth_asym_id_2 
_ndb_struct_na_base_pair_step.i_auth_seq_id_2 
_ndb_struct_na_base_pair_step.i_PDB_ins_code_2 
_ndb_struct_na_base_pair_step.j_auth_asym_id_2 
_ndb_struct_na_base_pair_step.j_auth_seq_id_2 
_ndb_struct_na_base_pair_step.j_PDB_ins_code_2 
1 A C 2 1_555 B DG 6 1_555 A G 3 1_555 B DC  5 1_555 0.478  -1.355 3.522 0.317  15.110 31.566 -4.525 -0.749 2.626 25.994 -0.546  
34.914 1 BB_C2G3:DC5DG6_CC  B 2 ? C 6 ? B 3 ? C 5 ? 
1 A G 3 1_555 B DC 5 1_555 A A 4 1_555 B DT  4 1_555 -0.296 -1.419 3.376 0.602  6.626  26.104 -4.708 0.787  2.925 14.375 -1.305  
26.925 2 BB_G3A4:DT4DC5_CC  B 3 ? C 5 ? B 4 ? C 4 ? 
1 A A 4 1_555 B DT 4 1_555 A C 5 1_555 B DG  3 1_555 0.989  -2.171 3.312 4.757  0.076  25.679 -4.827 -0.842 3.430 0.168  -10.588 
26.109 3 BB_A4C5:DG3DT4_CC  B 4 ? C 4 ? B 5 ? C 3 ? 
1 A C 5 1_555 B DG 3 1_555 A A 6 1_555 B US3 2 1_555 0.369  -1.503 3.475 10.581 8.339  37.099 -3.250 0.747  3.069 12.607 -15.997 
39.389 4 BB_C5A6:US32DG3_CC B 5 ? C 3 ? B 6 ? C 2 ? 
# 
loop_
_pdbx_entity_nonpoly.entity_id 
_pdbx_entity_nonpoly.name 
_pdbx_entity_nonpoly.comp_id 
4 'MAGNESIUM ION' MG  
5 water           HOH 
# 
_pdbx_initial_refinement_model.id               1 
_pdbx_initial_refinement_model.entity_id_list   ? 
_pdbx_initial_refinement_model.type             'experimental model' 
_pdbx_initial_refinement_model.source_name      PDB 
_pdbx_initial_refinement_model.accession_code   2G8U 
_pdbx_initial_refinement_model.details          ? 
# 
